data_6DW7
#
_entry.id   6DW7
#
_cell.length_a   84.546
_cell.length_b   146.372
_cell.length_c   98.929
_cell.angle_alpha   90.00
_cell.angle_beta   113.67
_cell.angle_gamma   90.00
#
_symmetry.space_group_name_H-M   'P 1 21 1'
#
loop_
_entity.id
_entity.type
_entity.pdbx_description
1 polymer 'Deoxynucleoside triphosphate triphosphohydrolase SAMHD1'
2 non-polymer "2'-DEOXYADENOSINE 5'-TRIPHOSPHATE"
3 non-polymer 'MAGNESIUM ION'
4 non-polymer "GUANOSINE-5'-TRIPHOSPHATE"
5 non-polymer GLYCINE
6 non-polymer 'SODIUM ION'
7 non-polymer 'PHOSPHATE ION'
8 water water
#
_entity_poly.entity_id   1
_entity_poly.type   'polypeptide(L)'
_entity_poly.pdbx_seq_one_letter_code
;MGSSHHHHHHSSGLVPRGSHMASMTGGQQMGRDPNSDTMKVINDPIHGHIELHPLLVRIIDTPQFQRLRYIKQLGGGYYV
FPGASHNRFEHSLGVGYLAGCLVHALGEKQPELQISERDVLCVQIAGLCRNLGHGPFSHMFDGRFIPLARPEVKWTHEQG
SVMMFEHLINSNGIKPVMEQYGLIPEEDICFIKEQIVGPLESPVEDSLWPYKGRPENKSFLYEIVSNKRNGIDVDKWDYF
ARDCHHLGIQNNFDYKRFIKFARVCEVDNELRICARDKEVGNLYDMFHTRNSLHRRAYQHKVGNIIDTMITDAFLKADDY
IEITGAGGKKYRISTAIDDMEAYTKLTDNIFLEILYSTDPKLKDAREILKQIEYRNLFKYVGETQPTGQIKIKREDYESL
PKEVASAKPKVLLDVKLKAEDFIVDVINMDYGMQEKNPIDHVSFYCKTAPNRAIRITKNQVSQLLPEKFAEQLIRVYCKK
VDRKSLYAARQYFVQWCADRNFTKPQDGDVIAPLITPQKKEWNDSTSVQNPTRLREASKSRVQLFKDDPM
;
_entity_poly.pdbx_strand_id   A,B,C,D
#
# COMPACT_ATOMS: atom_id res chain seq x y z
N ASP A 37 -29.19 -21.78 0.68
CA ASP A 37 -28.34 -20.69 0.06
C ASP A 37 -27.53 -19.88 1.08
N THR A 38 -26.22 -19.75 0.82
CA THR A 38 -25.29 -19.06 1.73
C THR A 38 -24.61 -17.87 1.02
N MET A 39 -23.59 -17.34 1.66
CA MET A 39 -22.97 -16.06 1.29
C MET A 39 -22.14 -16.12 0.02
N LYS A 40 -22.22 -15.06 -0.79
CA LYS A 40 -21.22 -14.89 -1.85
C LYS A 40 -20.11 -13.97 -1.40
N VAL A 41 -18.89 -14.35 -1.75
CA VAL A 41 -17.71 -13.54 -1.45
C VAL A 41 -17.32 -12.73 -2.69
N ILE A 42 -17.18 -11.42 -2.49
CA ILE A 42 -16.63 -10.53 -3.50
C ILE A 42 -15.27 -10.00 -3.03
N ASN A 43 -14.27 -10.07 -3.91
CA ASN A 43 -12.94 -9.44 -3.63
C ASN A 43 -12.90 -8.04 -4.18
N ASP A 44 -12.97 -7.07 -3.28
CA ASP A 44 -12.84 -5.66 -3.61
C ASP A 44 -11.39 -5.21 -3.29
N PRO A 45 -10.76 -4.42 -4.19
CA PRO A 45 -9.40 -3.93 -3.90
C PRO A 45 -9.33 -3.03 -2.68
N ILE A 46 -10.39 -2.33 -2.35
CA ILE A 46 -10.35 -1.42 -1.20
C ILE A 46 -10.61 -2.16 0.13
N HIS A 47 -11.66 -2.97 0.16
CA HIS A 47 -12.09 -3.62 1.38
C HIS A 47 -11.71 -5.06 1.51
N GLY A 48 -11.13 -5.65 0.48
CA GLY A 48 -10.77 -7.06 0.53
C GLY A 48 -12.00 -7.92 0.34
N HIS A 49 -12.03 -9.06 1.01
CA HIS A 49 -13.13 -9.99 0.81
C HIS A 49 -14.37 -9.60 1.62
N ILE A 50 -15.47 -9.40 0.88
CA ILE A 50 -16.73 -8.86 1.37
C ILE A 50 -17.73 -10.01 1.26
N GLU A 51 -18.48 -10.25 2.34
CA GLU A 51 -19.59 -11.21 2.23
C GLU A 51 -20.89 -10.53 1.82
N LEU A 52 -21.60 -11.17 0.90
CA LEU A 52 -22.91 -10.68 0.48
C LEU A 52 -23.97 -11.69 0.83
N HIS A 53 -24.94 -11.23 1.62
CA HIS A 53 -26.15 -11.96 1.92
C HIS A 53 -26.90 -12.29 0.64
N PRO A 54 -27.50 -13.51 0.53
CA PRO A 54 -28.19 -13.86 -0.73
C PRO A 54 -29.26 -12.87 -1.21
N LEU A 55 -29.87 -12.13 -0.29
CA LEU A 55 -30.81 -11.06 -0.64
C LEU A 55 -30.10 -9.91 -1.37
N LEU A 56 -28.92 -9.52 -0.88
CA LEU A 56 -28.15 -8.49 -1.57
C LEU A 56 -27.70 -8.98 -2.95
N VAL A 57 -27.35 -10.27 -3.06
CA VAL A 57 -26.99 -10.84 -4.35
C VAL A 57 -28.13 -10.67 -5.34
N ARG A 58 -29.36 -10.92 -4.88
CA ARG A 58 -30.55 -10.81 -5.73
C ARG A 58 -30.77 -9.37 -6.17
N ILE A 59 -30.56 -8.42 -5.26
CA ILE A 59 -30.70 -6.99 -5.60
C ILE A 59 -29.64 -6.56 -6.62
N ILE A 60 -28.40 -7.02 -6.42
CA ILE A 60 -27.25 -6.79 -7.31
C ILE A 60 -27.45 -7.37 -8.71
N ASP A 61 -27.96 -8.59 -8.82
CA ASP A 61 -28.10 -9.24 -10.13
C ASP A 61 -29.38 -8.87 -10.91
N THR A 62 -29.50 -7.58 -11.19
CA THR A 62 -30.64 -6.98 -11.87
C THR A 62 -30.05 -5.88 -12.79
N PRO A 63 -30.71 -5.60 -13.94
CA PRO A 63 -30.23 -4.55 -14.85
C PRO A 63 -30.19 -3.15 -14.23
N GLN A 64 -30.95 -2.93 -13.17
CA GLN A 64 -31.07 -1.62 -12.51
C GLN A 64 -29.82 -1.34 -11.71
N PHE A 65 -29.27 -2.41 -11.16
CA PHE A 65 -28.07 -2.31 -10.39
C PHE A 65 -26.84 -2.48 -11.28
N GLN A 66 -26.85 -3.48 -12.17
CA GLN A 66 -25.72 -3.74 -13.04
C GLN A 66 -25.38 -2.55 -13.93
N ARG A 67 -26.39 -1.74 -14.19
CA ARG A 67 -26.28 -0.46 -14.86
C ARG A 67 -25.08 0.36 -14.34
N LEU A 68 -24.80 0.21 -13.05
CA LEU A 68 -23.84 1.08 -12.41
C LEU A 68 -22.39 0.75 -12.82
N ARG A 69 -22.18 -0.40 -13.45
CA ARG A 69 -20.89 -0.77 -14.06
C ARG A 69 -20.54 0.15 -15.20
N TYR A 70 -21.51 0.90 -15.70
CA TYR A 70 -21.25 1.72 -16.89
C TYR A 70 -21.37 3.18 -16.59
N ILE A 71 -21.24 3.54 -15.33
CA ILE A 71 -21.15 4.94 -14.94
C ILE A 71 -19.89 5.19 -14.13
N LYS A 72 -18.95 5.97 -14.67
CA LYS A 72 -17.68 6.28 -14.02
C LYS A 72 -17.97 7.10 -12.77
N GLN A 73 -17.32 6.73 -11.67
CA GLN A 73 -17.40 7.42 -10.41
C GLN A 73 -17.10 8.92 -10.54
N LEU A 74 -16.05 9.27 -11.26
CA LEU A 74 -15.56 10.64 -11.30
C LEU A 74 -15.72 11.31 -12.66
N GLY A 75 -16.53 10.70 -13.52
CA GLY A 75 -16.85 11.26 -14.83
C GLY A 75 -15.61 11.77 -15.56
N GLY A 76 -15.56 13.09 -15.76
CA GLY A 76 -14.46 13.73 -16.51
C GLY A 76 -13.09 13.62 -15.88
N GLY A 77 -13.03 13.27 -14.60
CA GLY A 77 -11.76 13.11 -13.89
C GLY A 77 -10.86 12.09 -14.53
N TYR A 78 -11.44 11.05 -15.12
CA TYR A 78 -10.70 10.01 -15.83
C TYR A 78 -9.85 10.60 -16.96
N TYR A 79 -10.29 11.73 -17.50
CA TYR A 79 -9.56 12.41 -18.57
C TYR A 79 -8.40 13.25 -18.03
N VAL A 80 -8.27 13.28 -16.70
CA VAL A 80 -7.17 13.95 -16.04
C VAL A 80 -6.34 12.95 -15.23
N PHE A 81 -7.03 12.10 -14.49
CA PHE A 81 -6.38 11.08 -13.70
C PHE A 81 -6.60 9.75 -14.37
N PRO A 82 -5.60 9.23 -15.08
CA PRO A 82 -5.82 8.04 -15.83
C PRO A 82 -6.16 6.80 -15.00
N GLY A 83 -5.93 6.82 -13.69
CA GLY A 83 -6.27 5.70 -12.86
C GLY A 83 -7.77 5.64 -12.56
N ALA A 84 -8.46 6.77 -12.75
CA ALA A 84 -9.82 6.95 -12.22
C ALA A 84 -10.84 6.43 -13.19
N SER A 85 -10.71 5.15 -13.53
CA SER A 85 -11.58 4.43 -14.43
C SER A 85 -12.69 3.70 -13.68
N HIS A 86 -12.62 3.69 -12.35
CA HIS A 86 -13.61 2.98 -11.54
C HIS A 86 -15.03 3.50 -11.73
N ASN A 87 -16.00 2.60 -11.58
CA ASN A 87 -17.41 2.87 -11.76
C ASN A 87 -18.23 2.88 -10.46
N ARG A 88 -19.47 3.35 -10.54
CA ARG A 88 -20.37 3.41 -9.39
C ARG A 88 -20.73 2.04 -8.82
N PHE A 89 -20.70 1.01 -9.68
CA PHE A 89 -20.96 -0.34 -9.25
C PHE A 89 -20.13 -0.74 -8.02
N GLU A 90 -18.80 -0.66 -8.18
CA GLU A 90 -17.89 -1.08 -7.13
C GLU A 90 -18.00 -0.16 -5.90
N HIS A 91 -18.22 1.12 -6.14
CA HIS A 91 -18.44 2.06 -5.04
C HIS A 91 -19.66 1.65 -4.19
N SER A 92 -20.77 1.33 -4.87
CA SER A 92 -21.98 0.79 -4.24
C SER A 92 -21.76 -0.45 -3.37
N LEU A 93 -21.01 -1.45 -3.85
CA LEU A 93 -20.68 -2.60 -3.00
C LEU A 93 -19.95 -2.15 -1.74
N GLY A 94 -19.07 -1.17 -1.87
CA GLY A 94 -18.29 -0.70 -0.77
C GLY A 94 -19.15 0.03 0.24
N VAL A 95 -20.09 0.84 -0.26
CA VAL A 95 -20.98 1.58 0.63
C VAL A 95 -21.86 0.61 1.43
N GLY A 96 -22.34 -0.43 0.76
CA GLY A 96 -23.12 -1.49 1.37
C GLY A 96 -22.34 -2.19 2.43
N TYR A 97 -21.11 -2.57 2.09
CA TYR A 97 -20.29 -3.30 3.03
C TYR A 97 -20.04 -2.48 4.29
N LEU A 98 -19.63 -1.22 4.11
CA LEU A 98 -19.33 -0.34 5.22
C LEU A 98 -20.54 -0.03 6.08
N ALA A 99 -21.70 0.13 5.45
CA ALA A 99 -22.94 0.36 6.17
C ALA A 99 -23.15 -0.81 7.11
N GLY A 100 -22.94 -2.03 6.61
CA GLY A 100 -23.06 -3.25 7.41
C GLY A 100 -22.06 -3.31 8.55
N CYS A 101 -20.81 -2.93 8.27
CA CYS A 101 -19.78 -2.85 9.31
C CYS A 101 -20.16 -1.93 10.46
N LEU A 102 -20.66 -0.73 10.14
CA LEU A 102 -20.96 0.24 11.19
C LEU A 102 -22.10 -0.25 12.09
N VAL A 103 -23.20 -0.66 11.47
CA VAL A 103 -24.37 -1.10 12.18
C VAL A 103 -24.07 -2.35 13.01
N HIS A 104 -23.24 -3.23 12.45
CA HIS A 104 -22.89 -4.46 13.13
C HIS A 104 -22.01 -4.21 14.37
N ALA A 105 -21.03 -3.33 14.22
CA ALA A 105 -20.16 -2.91 15.32
C ALA A 105 -20.91 -2.22 16.44
N LEU A 106 -21.87 -1.36 16.08
CA LEU A 106 -22.71 -0.69 17.07
C LEU A 106 -23.52 -1.72 17.85
N GLY A 107 -24.08 -2.69 17.13
CA GLY A 107 -24.83 -3.80 17.71
C GLY A 107 -24.02 -4.63 18.68
N GLU A 108 -22.78 -4.94 18.33
CA GLU A 108 -21.94 -5.77 19.18
C GLU A 108 -21.50 -5.04 20.45
N LYS A 109 -21.17 -3.75 20.38
CA LYS A 109 -20.80 -2.95 21.57
C LYS A 109 -21.99 -2.63 22.47
N GLN A 110 -23.17 -2.49 21.89
CA GLN A 110 -24.35 -2.05 22.62
C GLN A 110 -25.57 -2.92 22.26
N PRO A 111 -25.67 -4.15 22.84
CA PRO A 111 -26.84 -5.01 22.55
C PRO A 111 -28.16 -4.42 23.06
N GLU A 112 -28.08 -3.48 24.00
CA GLU A 112 -29.26 -2.76 24.49
C GLU A 112 -29.97 -1.92 23.43
N LEU A 113 -29.31 -1.72 22.28
CA LEU A 113 -29.90 -1.01 21.14
C LEU A 113 -30.94 -1.86 20.40
N GLN A 114 -30.85 -3.17 20.58
CA GLN A 114 -31.75 -4.17 19.98
C GLN A 114 -31.75 -4.10 18.45
N ILE A 115 -30.55 -3.96 17.89
CA ILE A 115 -30.34 -4.05 16.46
C ILE A 115 -30.49 -5.51 16.02
N SER A 116 -31.47 -5.77 15.16
CA SER A 116 -31.74 -7.12 14.63
C SER A 116 -31.00 -7.39 13.30
N GLU A 117 -30.89 -8.66 12.91
CA GLU A 117 -30.38 -9.06 11.59
C GLU A 117 -31.19 -8.40 10.45
N ARG A 118 -32.47 -8.18 10.73
CA ARG A 118 -33.35 -7.46 9.86
C ARG A 118 -32.88 -6.02 9.66
N ASP A 119 -32.55 -5.34 10.76
CA ASP A 119 -32.04 -3.97 10.71
C ASP A 119 -30.73 -3.86 9.90
N VAL A 120 -29.83 -4.82 10.10
CA VAL A 120 -28.55 -4.86 9.39
C VAL A 120 -28.78 -5.02 7.88
N LEU A 121 -29.66 -5.94 7.48
CA LEU A 121 -29.98 -6.11 6.07
C LEU A 121 -30.52 -4.84 5.40
N CYS A 122 -31.42 -4.13 6.09
CA CYS A 122 -31.98 -2.90 5.55
C CYS A 122 -30.96 -1.80 5.41
N VAL A 123 -30.03 -1.72 6.34
CA VAL A 123 -28.94 -0.74 6.27
C VAL A 123 -27.97 -1.09 5.13
N GLN A 124 -27.62 -2.37 5.00
CA GLN A 124 -26.82 -2.82 3.87
C GLN A 124 -27.52 -2.51 2.55
N ILE A 125 -28.82 -2.81 2.45
CA ILE A 125 -29.56 -2.53 1.22
C ILE A 125 -29.57 -1.03 0.90
N ALA A 126 -29.85 -0.20 1.90
CA ALA A 126 -29.81 1.23 1.68
C ALA A 126 -28.40 1.67 1.19
N GLY A 127 -27.35 1.14 1.80
CA GLY A 127 -25.97 1.42 1.37
C GLY A 127 -25.68 1.04 -0.08
N LEU A 128 -26.08 -0.17 -0.49
CA LEU A 128 -25.94 -0.65 -1.87
C LEU A 128 -26.62 0.27 -2.83
N CYS A 129 -27.82 0.69 -2.41
CA CYS A 129 -28.75 1.28 -3.33
C CYS A 129 -28.77 2.78 -3.36
N ARG A 130 -28.04 3.44 -2.48
CA ARG A 130 -28.02 4.90 -2.56
C ARG A 130 -27.31 5.51 -3.77
N ASN A 131 -26.67 4.69 -4.61
CA ASN A 131 -26.05 5.23 -5.84
C ASN A 131 -26.80 4.86 -7.11
N LEU A 132 -27.95 4.20 -6.97
CA LEU A 132 -28.74 3.72 -8.11
C LEU A 132 -29.16 4.82 -9.06
N GLY A 133 -29.41 5.99 -8.51
CA GLY A 133 -29.89 7.11 -9.27
C GLY A 133 -28.91 7.94 -10.07
N HIS A 134 -27.62 7.61 -9.99
CA HIS A 134 -26.64 8.37 -10.74
C HIS A 134 -26.81 8.24 -12.23
N GLY A 135 -26.68 9.35 -12.93
CA GLY A 135 -26.72 9.34 -14.38
C GLY A 135 -25.33 9.21 -14.96
N PRO A 136 -25.21 9.35 -16.30
CA PRO A 136 -23.92 9.24 -16.95
C PRO A 136 -22.97 10.28 -16.40
N PHE A 137 -21.74 9.85 -16.14
CA PHE A 137 -20.67 10.69 -15.59
C PHE A 137 -20.97 11.26 -14.20
N SER A 138 -21.77 10.51 -13.43
CA SER A 138 -22.06 10.79 -12.03
C SER A 138 -22.44 12.22 -11.74
N HIS A 139 -21.59 12.98 -11.07
CA HIS A 139 -21.97 14.32 -10.65
C HIS A 139 -22.15 15.36 -11.73
N MET A 140 -21.60 15.11 -12.91
CA MET A 140 -21.84 16.05 -13.97
C MET A 140 -23.33 16.03 -14.38
N PHE A 141 -23.93 14.85 -14.43
CA PHE A 141 -25.32 14.71 -14.78
C PHE A 141 -26.27 15.48 -13.89
N ASP A 142 -26.17 15.32 -12.57
CA ASP A 142 -27.11 16.04 -11.72
C ASP A 142 -26.60 17.45 -11.37
N GLY A 143 -25.30 17.66 -11.45
CA GLY A 143 -24.72 18.96 -11.12
C GLY A 143 -24.61 19.96 -12.27
N ARG A 144 -24.42 19.48 -13.50
CA ARG A 144 -24.26 20.38 -14.65
C ARG A 144 -25.38 20.21 -15.66
N PHE A 145 -25.59 18.98 -16.11
CA PHE A 145 -26.45 18.72 -17.25
C PHE A 145 -27.95 18.98 -17.02
N ILE A 146 -28.56 18.27 -16.08
CA ILE A 146 -29.99 18.47 -15.78
C ILE A 146 -30.38 19.92 -15.40
N PRO A 147 -29.57 20.61 -14.55
CA PRO A 147 -29.90 22.03 -14.32
C PRO A 147 -29.97 22.89 -15.60
N LEU A 148 -29.05 22.68 -16.53
CA LEU A 148 -29.08 23.38 -17.82
C LEU A 148 -30.21 22.88 -18.74
N ALA A 149 -30.37 21.56 -18.83
CA ALA A 149 -31.33 20.93 -19.74
C ALA A 149 -32.78 21.03 -19.29
N ARG A 150 -33.03 20.93 -17.99
CA ARG A 150 -34.37 20.94 -17.43
C ARG A 150 -34.41 21.85 -16.21
N PRO A 151 -34.33 23.20 -16.44
CA PRO A 151 -34.27 24.16 -15.32
C PRO A 151 -35.52 24.13 -14.41
N GLU A 152 -36.68 23.76 -14.96
CA GLU A 152 -37.93 23.74 -14.21
C GLU A 152 -38.00 22.63 -13.13
N VAL A 153 -37.32 21.52 -13.35
CA VAL A 153 -37.27 20.43 -12.37
C VAL A 153 -36.18 20.60 -11.33
N LYS A 154 -36.42 20.04 -10.12
CA LYS A 154 -35.40 19.98 -9.11
C LYS A 154 -35.04 18.53 -8.87
N TRP A 155 -33.90 18.15 -9.41
CA TRP A 155 -33.51 16.76 -9.47
C TRP A 155 -32.19 16.54 -8.77
N THR A 156 -32.14 15.44 -8.02
CA THR A 156 -30.94 15.01 -7.35
C THR A 156 -30.83 13.53 -7.61
N HIS A 157 -29.60 13.03 -7.64
CA HIS A 157 -29.37 11.61 -7.81
C HIS A 157 -30.05 10.78 -6.68
N GLU A 158 -30.22 11.39 -5.50
CA GLU A 158 -30.87 10.71 -4.37
C GLU A 158 -32.32 10.39 -4.69
N GLN A 159 -33.03 11.35 -5.27
CA GLN A 159 -34.42 11.12 -5.70
C GLN A 159 -34.43 9.98 -6.72
N GLY A 160 -33.42 10.00 -7.60
CA GLY A 160 -33.26 9.01 -8.65
C GLY A 160 -33.11 7.62 -8.07
N SER A 161 -32.32 7.55 -7.00
CA SER A 161 -32.05 6.29 -6.32
C SER A 161 -33.33 5.66 -5.76
N VAL A 162 -34.17 6.48 -5.12
CA VAL A 162 -35.46 6.06 -4.58
C VAL A 162 -36.34 5.45 -5.67
N MET A 163 -36.49 6.20 -6.76
CA MET A 163 -37.29 5.80 -7.91
C MET A 163 -36.76 4.51 -8.52
N MET A 164 -35.44 4.44 -8.69
CA MET A 164 -34.75 3.31 -9.29
C MET A 164 -34.85 2.09 -8.40
N PHE A 165 -34.78 2.31 -7.10
CA PHE A 165 -34.91 1.24 -6.13
C PHE A 165 -36.31 0.60 -6.23
N GLU A 166 -37.33 1.46 -6.27
CA GLU A 166 -38.72 1.04 -6.45
C GLU A 166 -38.87 0.18 -7.71
N HIS A 167 -38.33 0.67 -8.81
CA HIS A 167 -38.34 -0.04 -10.11
C HIS A 167 -37.61 -1.37 -10.03
N LEU A 168 -36.45 -1.39 -9.36
CA LEU A 168 -35.67 -2.61 -9.15
C LEU A 168 -36.47 -3.67 -8.39
N ILE A 169 -37.11 -3.23 -7.29
CA ILE A 169 -37.92 -4.11 -6.46
C ILE A 169 -39.05 -4.74 -7.28
N ASN A 170 -39.85 -3.88 -7.93
CA ASN A 170 -41.05 -4.30 -8.65
C ASN A 170 -40.77 -5.14 -9.89
N SER A 171 -39.70 -4.78 -10.62
CA SER A 171 -39.34 -5.46 -11.87
C SER A 171 -38.66 -6.81 -11.68
N ASN A 172 -38.29 -7.15 -10.44
CA ASN A 172 -37.48 -8.36 -10.23
C ASN A 172 -38.04 -9.31 -9.17
N GLY A 173 -39.23 -9.00 -8.66
CA GLY A 173 -39.93 -9.86 -7.70
C GLY A 173 -39.11 -10.02 -6.43
N ILE A 174 -38.62 -8.90 -5.94
CA ILE A 174 -37.73 -8.87 -4.79
C ILE A 174 -38.52 -9.02 -3.50
N LYS A 175 -39.74 -8.43 -3.45
CA LYS A 175 -40.59 -8.48 -2.24
C LYS A 175 -40.77 -9.89 -1.64
N PRO A 176 -41.15 -10.91 -2.47
CA PRO A 176 -41.18 -12.29 -1.94
C PRO A 176 -39.86 -12.73 -1.31
N VAL A 177 -38.75 -12.36 -1.96
CA VAL A 177 -37.39 -12.69 -1.49
C VAL A 177 -37.03 -11.93 -0.20
N MET A 178 -37.50 -10.71 -0.03
CA MET A 178 -37.35 -9.99 1.24
C MET A 178 -38.06 -10.70 2.40
N GLU A 179 -39.26 -11.23 2.11
CA GLU A 179 -40.09 -11.93 3.11
C GLU A 179 -39.40 -13.21 3.55
N GLN A 180 -38.88 -13.95 2.56
CA GLN A 180 -38.10 -15.17 2.77
C GLN A 180 -36.95 -14.99 3.78
N TYR A 181 -36.32 -13.82 3.79
CA TYR A 181 -35.21 -13.56 4.72
C TYR A 181 -35.61 -12.67 5.90
N GLY A 182 -36.91 -12.64 6.21
CA GLY A 182 -37.40 -12.03 7.44
C GLY A 182 -37.66 -10.53 7.41
N LEU A 183 -37.57 -9.92 6.22
CA LEU A 183 -37.96 -8.53 6.08
C LEU A 183 -39.47 -8.41 5.95
N ILE A 184 -40.01 -7.27 6.37
CA ILE A 184 -41.42 -6.94 6.23
C ILE A 184 -41.50 -5.79 5.21
N PRO A 185 -41.72 -6.13 3.93
CA PRO A 185 -41.51 -5.22 2.80
C PRO A 185 -42.10 -3.82 2.92
N GLU A 186 -43.31 -3.71 3.43
CA GLU A 186 -43.96 -2.40 3.53
C GLU A 186 -43.17 -1.43 4.42
N GLU A 187 -42.93 -1.82 5.68
CA GLU A 187 -42.13 -1.04 6.63
C GLU A 187 -40.69 -0.84 6.13
N ASP A 188 -40.10 -1.92 5.61
CA ASP A 188 -38.68 -1.98 5.34
C ASP A 188 -38.27 -1.24 4.06
N ILE A 189 -39.08 -1.38 3.01
CA ILE A 189 -38.83 -0.62 1.77
C ILE A 189 -38.87 0.87 2.08
N CYS A 190 -39.81 1.25 2.94
CA CYS A 190 -39.91 2.62 3.42
C CYS A 190 -38.61 3.04 4.16
N PHE A 191 -38.15 2.16 5.05
CA PHE A 191 -36.97 2.40 5.85
C PHE A 191 -35.75 2.64 4.95
N ILE A 192 -35.55 1.73 3.99
CA ILE A 192 -34.50 1.86 2.98
C ILE A 192 -34.56 3.20 2.24
N LYS A 193 -35.73 3.58 1.73
CA LYS A 193 -35.89 4.83 0.98
C LYS A 193 -35.61 6.05 1.86
N GLU A 194 -36.01 5.97 3.12
CA GLU A 194 -35.82 7.08 4.04
C GLU A 194 -34.35 7.28 4.37
N GLN A 195 -33.60 6.18 4.37
CA GLN A 195 -32.16 6.24 4.60
C GLN A 195 -31.44 6.93 3.45
N ILE A 196 -31.96 6.74 2.24
CA ILE A 196 -31.33 7.29 1.04
C ILE A 196 -31.65 8.77 0.85
N VAL A 197 -32.91 9.16 1.09
CA VAL A 197 -33.35 10.54 0.77
C VAL A 197 -33.82 11.39 1.97
N GLY A 198 -34.01 10.75 3.12
CA GLY A 198 -34.50 11.46 4.30
C GLY A 198 -36.00 11.37 4.45
N PRO A 199 -36.57 12.16 5.37
CA PRO A 199 -38.02 12.14 5.64
C PRO A 199 -38.82 12.40 4.36
N LEU A 200 -39.81 11.56 4.12
CA LEU A 200 -40.84 11.89 3.09
C LEU A 200 -41.85 12.92 3.60
N LEU A 208 -41.07 16.62 16.73
CA LEU A 208 -41.91 15.53 16.19
C LEU A 208 -41.13 14.59 15.25
N TRP A 209 -41.17 13.28 15.54
CA TRP A 209 -40.41 12.24 14.79
C TRP A 209 -40.86 12.04 13.33
N PRO A 210 -40.02 12.46 12.35
CA PRO A 210 -40.48 12.47 10.96
C PRO A 210 -40.37 11.16 10.17
N TYR A 211 -39.85 10.11 10.77
CA TYR A 211 -39.61 8.85 10.04
C TYR A 211 -40.63 7.78 10.36
N LYS A 212 -40.96 6.97 9.36
CA LYS A 212 -41.98 5.93 9.50
C LYS A 212 -41.48 4.50 9.27
N GLY A 213 -40.24 4.37 8.82
CA GLY A 213 -39.61 3.03 8.64
C GLY A 213 -39.17 2.42 9.96
N ARG A 214 -38.70 3.28 10.87
CA ARG A 214 -38.29 2.89 12.21
C ARG A 214 -38.68 3.99 13.21
N PRO A 215 -38.92 3.60 14.48
CA PRO A 215 -39.21 4.57 15.56
C PRO A 215 -37.98 5.25 16.18
N GLU A 216 -38.21 6.27 17.02
CA GLU A 216 -37.16 7.09 17.68
C GLU A 216 -36.04 6.31 18.37
N ASN A 217 -36.40 5.15 18.89
CA ASN A 217 -35.56 4.20 19.58
C ASN A 217 -34.44 3.66 18.63
N LYS A 218 -34.66 3.77 17.33
CA LYS A 218 -33.69 3.36 16.31
C LYS A 218 -33.17 4.55 15.47
N SER A 219 -33.23 5.76 16.04
CA SER A 219 -32.88 6.98 15.30
C SER A 219 -31.51 6.96 14.62
N PHE A 220 -30.54 6.43 15.36
CA PHE A 220 -29.15 6.26 14.93
C PHE A 220 -28.99 5.47 13.61
N LEU A 221 -29.93 4.58 13.32
CA LEU A 221 -29.90 3.87 12.05
C LEU A 221 -29.97 4.78 10.83
N TYR A 222 -30.50 6.00 11.01
CA TYR A 222 -30.61 7.01 9.94
C TYR A 222 -29.36 7.87 9.76
N GLU A 223 -28.38 7.61 10.61
CA GLU A 223 -27.11 8.34 10.57
C GLU A 223 -25.98 7.55 9.91
N ILE A 224 -26.29 6.43 9.27
CA ILE A 224 -25.28 5.53 8.71
C ILE A 224 -24.98 5.76 7.20
N VAL A 225 -26.00 5.60 6.34
CA VAL A 225 -25.82 5.64 4.90
C VAL A 225 -25.75 7.07 4.38
N SER A 226 -26.63 7.91 4.89
CA SER A 226 -26.65 9.32 4.53
C SER A 226 -27.05 10.11 5.77
N ASN A 227 -26.08 10.86 6.29
CA ASN A 227 -26.22 11.62 7.53
C ASN A 227 -26.49 13.07 7.19
N LYS A 228 -27.75 13.45 7.35
CA LYS A 228 -28.19 14.81 7.02
C LYS A 228 -27.76 15.79 8.09
N ARG A 229 -27.58 15.28 9.31
CA ARG A 229 -27.19 16.09 10.47
C ARG A 229 -25.81 16.71 10.35
N ASN A 230 -24.77 15.90 10.10
CA ASN A 230 -23.38 16.39 10.10
C ASN A 230 -22.51 15.96 8.89
N GLY A 231 -23.03 15.05 8.08
CA GLY A 231 -22.29 14.64 6.89
C GLY A 231 -21.34 13.47 7.13
N ILE A 232 -21.21 13.03 8.38
CA ILE A 232 -20.42 11.84 8.64
C ILE A 232 -21.22 10.59 8.33
N ASP A 233 -20.97 9.99 7.17
CA ASP A 233 -21.61 8.72 6.78
C ASP A 233 -20.64 7.82 6.01
N VAL A 234 -21.06 6.58 5.79
CA VAL A 234 -20.23 5.56 5.17
C VAL A 234 -20.00 5.76 3.67
N ASP A 235 -20.87 6.53 3.02
CA ASP A 235 -20.75 6.81 1.59
C ASP A 235 -19.43 7.55 1.36
N LYS A 236 -19.17 8.57 2.18
CA LYS A 236 -17.92 9.34 2.13
C LYS A 236 -16.73 8.42 2.33
N TRP A 237 -16.83 7.56 3.32
CA TRP A 237 -15.71 6.71 3.73
C TRP A 237 -15.30 5.82 2.57
N ASP A 238 -16.24 5.18 1.88
CA ASP A 238 -15.83 4.39 0.73
C ASP A 238 -15.19 5.23 -0.36
N TYR A 239 -15.73 6.41 -0.68
CA TYR A 239 -15.16 7.17 -1.81
C TYR A 239 -13.80 7.79 -1.52
N PHE A 240 -13.54 8.17 -0.27
CA PHE A 240 -12.22 8.65 0.11
C PHE A 240 -11.23 7.56 -0.22
N ALA A 241 -11.49 6.35 0.28
CA ALA A 241 -10.59 5.23 0.08
C ALA A 241 -10.50 4.82 -1.39
N ARG A 242 -11.65 4.75 -2.07
CA ARG A 242 -11.69 4.24 -3.42
C ARG A 242 -11.10 5.22 -4.39
N ASP A 243 -11.50 6.50 -4.30
CA ASP A 243 -10.99 7.49 -5.22
C ASP A 243 -9.50 7.68 -5.05
N CYS A 244 -9.01 7.68 -3.82
CA CYS A 244 -7.57 7.78 -3.58
C CYS A 244 -6.73 6.66 -4.21
N HIS A 245 -7.21 5.42 -4.05
CA HIS A 245 -6.59 4.23 -4.59
C HIS A 245 -6.46 4.33 -6.13
N HIS A 246 -7.50 4.86 -6.79
CA HIS A 246 -7.50 5.00 -8.23
C HIS A 246 -6.80 6.26 -8.75
N LEU A 247 -7.01 7.40 -8.08
CA LEU A 247 -6.42 8.66 -8.45
C LEU A 247 -4.88 8.66 -8.27
N GLY A 248 -4.38 7.93 -7.28
CA GLY A 248 -2.96 7.99 -6.93
C GLY A 248 -2.66 9.13 -5.99
N ILE A 249 -3.63 9.46 -5.13
CA ILE A 249 -3.33 10.25 -3.96
C ILE A 249 -3.52 9.34 -2.74
N GLN A 250 -2.96 9.72 -1.61
CA GLN A 250 -3.09 8.91 -0.47
C GLN A 250 -4.10 9.57 0.46
N ASN A 251 -4.89 8.72 1.08
CA ASN A 251 -6.01 9.12 1.92
C ASN A 251 -5.60 9.23 3.39
N ASN A 252 -5.82 10.39 4.00
CA ASN A 252 -5.45 10.61 5.42
C ASN A 252 -6.50 10.10 6.45
N PHE A 253 -7.73 9.77 6.03
CA PHE A 253 -8.76 9.42 6.98
C PHE A 253 -8.85 7.92 7.23
N ASP A 254 -8.96 7.54 8.51
CA ASP A 254 -9.06 6.16 8.94
C ASP A 254 -10.46 5.88 9.47
N TYR A 255 -11.29 5.23 8.64
CA TYR A 255 -12.68 4.99 8.99
C TYR A 255 -12.78 3.89 10.05
N LYS A 256 -11.90 2.90 9.99
CA LYS A 256 -11.90 1.78 10.92
C LYS A 256 -11.73 2.27 12.37
N ARG A 257 -10.91 3.31 12.53
CA ARG A 257 -10.71 3.92 13.82
C ARG A 257 -11.96 4.64 14.27
N PHE A 258 -12.64 5.33 13.36
CA PHE A 258 -13.89 5.98 13.73
C PHE A 258 -14.93 4.97 14.28
N ILE A 259 -15.06 3.85 13.57
CA ILE A 259 -16.00 2.82 13.96
C ILE A 259 -15.69 2.30 15.36
N LYS A 260 -14.42 2.04 15.65
CA LYS A 260 -14.05 1.52 16.98
C LYS A 260 -14.33 2.50 18.10
N PHE A 261 -14.35 3.78 17.80
CA PHE A 261 -14.65 4.81 18.78
C PHE A 261 -16.09 5.34 18.72
N ALA A 262 -16.94 4.68 17.95
CA ALA A 262 -18.31 5.16 17.82
C ALA A 262 -19.19 4.48 18.86
N ARG A 263 -20.03 5.30 19.49
CA ARG A 263 -21.05 4.81 20.42
C ARG A 263 -22.38 5.50 20.15
N VAL A 264 -23.48 4.81 20.49
CA VAL A 264 -24.79 5.46 20.51
C VAL A 264 -25.12 6.01 21.91
N CYS A 265 -25.45 7.30 21.97
CA CYS A 265 -25.87 7.99 23.20
C CYS A 265 -27.14 8.81 22.99
N GLU A 266 -27.88 9.03 24.08
CA GLU A 266 -29.02 9.93 24.08
C GLU A 266 -28.57 11.40 24.02
N VAL A 267 -29.07 12.11 23.02
CA VAL A 267 -28.94 13.55 22.90
C VAL A 267 -30.33 14.07 22.59
N ASP A 268 -30.82 14.97 23.44
CA ASP A 268 -32.17 15.58 23.30
C ASP A 268 -33.25 14.54 22.94
N ASN A 269 -33.32 13.47 23.73
CA ASN A 269 -34.34 12.39 23.60
C ASN A 269 -34.27 11.58 22.30
N GLU A 270 -33.14 11.71 21.60
CA GLU A 270 -32.82 10.93 20.41
C GLU A 270 -31.56 10.12 20.68
N LEU A 271 -31.56 8.88 20.19
CA LEU A 271 -30.35 8.07 20.18
C LEU A 271 -29.52 8.40 18.93
N ARG A 272 -28.34 8.98 19.14
CA ARG A 272 -27.39 9.36 18.07
C ARG A 272 -26.02 8.68 18.18
N ILE A 273 -25.39 8.42 17.04
CA ILE A 273 -24.00 8.00 16.94
C ILE A 273 -23.09 9.13 17.44
N CYS A 274 -22.32 8.80 18.47
CA CYS A 274 -21.36 9.73 19.03
C CYS A 274 -19.95 9.27 18.85
N ALA A 275 -19.06 10.23 18.79
CA ALA A 275 -17.63 9.98 18.71
C ALA A 275 -16.97 10.23 20.06
N ARG A 276 -15.86 9.55 20.28
CA ARG A 276 -15.06 9.80 21.46
C ARG A 276 -14.46 11.19 21.42
N ASP A 277 -14.48 11.89 22.55
CA ASP A 277 -14.03 13.29 22.63
C ASP A 277 -12.65 13.53 22.01
N LYS A 278 -11.69 12.66 22.35
CA LYS A 278 -10.30 12.68 21.81
C LYS A 278 -10.23 12.72 20.30
N GLU A 279 -11.22 12.09 19.65
CA GLU A 279 -11.26 11.93 18.22
C GLU A 279 -11.68 13.18 17.44
N VAL A 280 -11.95 14.27 18.13
CA VAL A 280 -12.45 15.47 17.51
C VAL A 280 -11.49 15.99 16.44
N GLY A 281 -10.19 16.01 16.75
CA GLY A 281 -9.13 16.34 15.77
C GLY A 281 -9.23 15.52 14.48
N ASN A 282 -9.43 14.21 14.59
CA ASN A 282 -9.64 13.34 13.41
C ASN A 282 -10.86 13.66 12.57
N LEU A 283 -11.88 14.22 13.21
CA LEU A 283 -13.07 14.60 12.49
C LEU A 283 -12.80 15.87 11.71
N TYR A 284 -12.11 16.83 12.31
CA TYR A 284 -11.72 18.03 11.57
C TYR A 284 -10.85 17.64 10.40
N ASP A 285 -9.95 16.69 10.63
CA ASP A 285 -9.11 16.11 9.58
C ASP A 285 -9.88 15.41 8.48
N MET A 286 -10.98 14.74 8.84
CA MET A 286 -11.83 14.09 7.86
C MET A 286 -12.41 15.08 6.86
N PHE A 287 -12.79 16.26 7.33
CA PHE A 287 -13.37 17.25 6.44
C PHE A 287 -12.30 17.99 5.64
N HIS A 288 -11.12 18.13 6.23
CA HIS A 288 -9.98 18.66 5.53
C HIS A 288 -9.61 17.74 4.36
N THR A 289 -9.65 16.44 4.62
CA THR A 289 -9.45 15.40 3.62
C THR A 289 -10.47 15.51 2.51
N ARG A 290 -11.74 15.68 2.87
CA ARG A 290 -12.79 15.83 1.88
C ARG A 290 -12.47 17.02 0.99
N ASN A 291 -12.06 18.12 1.62
CA ASN A 291 -11.71 19.34 0.93
C ASN A 291 -10.53 19.17 -0.02
N SER A 292 -9.50 18.43 0.42
CA SER A 292 -8.34 18.12 -0.42
C SER A 292 -8.71 17.35 -1.66
N LEU A 293 -9.63 16.41 -1.53
CA LEU A 293 -10.05 15.60 -2.66
C LEU A 293 -10.79 16.41 -3.69
N HIS A 294 -11.60 17.34 -3.21
CA HIS A 294 -12.31 18.27 -4.04
C HIS A 294 -11.32 19.20 -4.77
N ARG A 295 -10.34 19.75 -4.04
CA ARG A 295 -9.43 20.74 -4.60
C ARG A 295 -8.47 20.11 -5.59
N ARG A 296 -7.97 18.91 -5.27
CA ARG A 296 -7.03 18.24 -6.14
C ARG A 296 -7.67 17.49 -7.30
N ALA A 297 -8.81 16.87 -7.05
CA ALA A 297 -9.35 15.94 -8.01
C ALA A 297 -10.72 16.29 -8.56
N TYR A 298 -11.73 16.41 -7.69
CA TYR A 298 -13.12 16.58 -8.18
C TYR A 298 -13.39 17.91 -8.87
N GLN A 299 -12.65 18.94 -8.47
CA GLN A 299 -12.75 20.26 -9.08
C GLN A 299 -11.47 20.63 -9.79
N HIS A 300 -10.71 19.65 -10.27
CA HIS A 300 -9.54 19.94 -11.08
C HIS A 300 -9.96 20.80 -12.28
N LYS A 301 -9.18 21.85 -12.57
CA LYS A 301 -9.56 22.85 -13.55
C LYS A 301 -9.76 22.25 -14.98
N VAL A 302 -8.96 21.24 -15.32
CA VAL A 302 -9.13 20.58 -16.59
C VAL A 302 -10.29 19.55 -16.54
N GLY A 303 -10.40 18.86 -15.40
CA GLY A 303 -11.49 17.90 -15.21
C GLY A 303 -12.83 18.56 -15.34
N ASN A 304 -12.93 19.76 -14.76
CA ASN A 304 -14.15 20.53 -14.80
C ASN A 304 -14.44 21.04 -16.23
N ILE A 305 -13.41 21.43 -16.98
CA ILE A 305 -13.64 21.88 -18.34
C ILE A 305 -14.07 20.73 -19.23
N ILE A 306 -13.55 19.54 -18.96
CA ILE A 306 -13.97 18.36 -19.72
C ILE A 306 -15.44 18.02 -19.42
N ASP A 307 -15.80 18.08 -18.13
CA ASP A 307 -17.20 17.96 -17.70
C ASP A 307 -18.10 18.99 -18.42
N THR A 308 -17.60 20.23 -18.53
CA THR A 308 -18.34 21.31 -19.20
C THR A 308 -18.53 20.99 -20.69
N MET A 309 -17.46 20.59 -21.37
CA MET A 309 -17.54 20.16 -22.76
C MET A 309 -18.46 18.96 -22.97
N ILE A 310 -18.41 17.96 -22.07
CA ILE A 310 -19.26 16.78 -22.26
C ILE A 310 -20.70 17.20 -22.08
N THR A 311 -20.96 18.01 -21.05
CA THR A 311 -22.30 18.59 -20.83
C THR A 311 -22.81 19.35 -22.06
N ASP A 312 -21.95 20.17 -22.66
CA ASP A 312 -22.31 20.93 -23.85
C ASP A 312 -22.68 20.00 -25.02
N ALA A 313 -21.89 18.95 -25.23
CA ALA A 313 -22.20 17.92 -26.23
C ALA A 313 -23.53 17.21 -25.97
N PHE A 314 -23.82 16.91 -24.72
CA PHE A 314 -25.08 16.27 -24.35
C PHE A 314 -26.24 17.17 -24.67
N LEU A 315 -26.09 18.46 -24.38
CA LEU A 315 -27.11 19.46 -24.68
C LEU A 315 -27.43 19.55 -26.18
N LYS A 316 -26.39 19.51 -27.00
CA LYS A 316 -26.54 19.56 -28.44
C LYS A 316 -27.01 18.23 -29.00
N ALA A 317 -26.81 17.14 -28.25
CA ALA A 317 -27.24 15.82 -28.71
C ALA A 317 -28.64 15.44 -28.24
N ASP A 318 -29.13 16.15 -27.22
CA ASP A 318 -30.31 15.75 -26.45
C ASP A 318 -31.58 15.53 -27.31
N ASP A 319 -31.73 16.34 -28.35
CA ASP A 319 -32.88 16.27 -29.26
C ASP A 319 -32.90 15.01 -30.16
N TYR A 320 -31.74 14.43 -30.40
CA TYR A 320 -31.61 13.40 -31.44
C TYR A 320 -31.30 11.99 -30.93
N ILE A 321 -30.96 11.89 -29.65
CA ILE A 321 -30.74 10.58 -29.05
C ILE A 321 -32.07 10.18 -28.47
N GLU A 322 -32.46 8.93 -28.72
CA GLU A 322 -33.72 8.41 -28.20
C GLU A 322 -33.49 7.15 -27.41
N ILE A 323 -34.17 7.08 -26.26
CA ILE A 323 -34.04 5.96 -25.36
C ILE A 323 -35.43 5.39 -25.10
N THR A 324 -35.58 4.10 -25.42
CA THR A 324 -36.82 3.40 -25.22
C THR A 324 -37.10 3.15 -23.74
N GLY A 325 -38.26 3.60 -23.28
CA GLY A 325 -38.75 3.33 -21.92
C GLY A 325 -39.93 2.36 -21.85
N ALA A 326 -40.80 2.61 -20.87
CA ALA A 326 -41.94 1.73 -20.58
C ALA A 326 -42.97 1.81 -21.69
N GLY A 327 -43.45 0.63 -22.11
CA GLY A 327 -44.42 0.46 -23.20
C GLY A 327 -43.97 0.96 -24.56
N GLY A 328 -42.67 0.87 -24.85
CA GLY A 328 -42.10 1.35 -26.11
C GLY A 328 -41.97 2.86 -26.31
N LYS A 329 -42.48 3.67 -25.35
CA LYS A 329 -42.34 5.15 -25.40
C LYS A 329 -40.88 5.62 -25.43
N LYS A 330 -40.62 6.72 -26.13
CA LYS A 330 -39.27 7.24 -26.36
C LYS A 330 -38.96 8.46 -25.47
N TYR A 331 -37.71 8.51 -25.00
CA TYR A 331 -37.28 9.58 -24.11
C TYR A 331 -35.99 10.17 -24.63
N ARG A 332 -35.74 11.41 -24.26
CA ARG A 332 -34.47 12.07 -24.50
C ARG A 332 -33.53 11.80 -23.31
N ILE A 333 -32.24 12.10 -23.48
CA ILE A 333 -31.27 12.06 -22.38
C ILE A 333 -31.83 12.87 -21.19
N SER A 334 -32.34 14.06 -21.43
CA SER A 334 -32.84 14.93 -20.37
C SER A 334 -34.19 14.52 -19.76
N THR A 335 -34.90 13.58 -20.39
CA THR A 335 -36.22 13.17 -19.89
C THR A 335 -36.28 11.73 -19.39
N ALA A 336 -35.21 10.97 -19.62
CA ALA A 336 -35.13 9.59 -19.13
C ALA A 336 -35.23 9.55 -17.59
N ILE A 337 -34.93 10.67 -16.90
CA ILE A 337 -35.14 10.78 -15.45
C ILE A 337 -36.61 10.66 -15.01
N ASP A 338 -37.53 10.78 -15.97
CA ASP A 338 -38.98 10.67 -15.69
C ASP A 338 -39.52 9.25 -15.81
N ASP A 339 -38.75 8.38 -16.45
CA ASP A 339 -39.11 6.96 -16.62
C ASP A 339 -37.91 6.06 -16.31
N MET A 340 -38.07 5.22 -15.29
CA MET A 340 -36.98 4.40 -14.80
C MET A 340 -36.51 3.32 -15.77
N GLU A 341 -37.44 2.83 -16.59
CA GLU A 341 -37.09 1.87 -17.65
C GLU A 341 -36.11 2.46 -18.67
N ALA A 342 -36.28 3.73 -18.99
CA ALA A 342 -35.38 4.43 -19.89
C ALA A 342 -34.07 4.75 -19.18
N TYR A 343 -34.19 5.29 -17.96
CA TYR A 343 -33.04 5.60 -17.15
C TYR A 343 -32.10 4.41 -16.99
N THR A 344 -32.64 3.20 -16.83
CA THR A 344 -31.82 1.97 -16.81
C THR A 344 -30.79 1.92 -17.94
N LYS A 345 -31.21 2.35 -19.13
CA LYS A 345 -30.38 2.27 -20.34
C LYS A 345 -29.61 3.56 -20.62
N LEU A 346 -29.54 4.43 -19.61
CA LEU A 346 -28.85 5.70 -19.71
C LEU A 346 -27.55 5.74 -18.86
N THR A 347 -26.43 5.52 -19.55
CA THR A 347 -25.14 5.36 -18.92
C THR A 347 -24.06 6.12 -19.72
N ASP A 348 -22.78 5.96 -19.36
CA ASP A 348 -21.65 6.57 -20.11
C ASP A 348 -21.61 6.15 -21.58
N ASN A 349 -22.34 5.10 -21.95
CA ASN A 349 -22.45 4.67 -23.33
C ASN A 349 -22.97 5.78 -24.27
N ILE A 350 -23.74 6.71 -23.70
CA ILE A 350 -24.20 7.91 -24.41
C ILE A 350 -23.08 8.70 -25.05
N PHE A 351 -21.96 8.83 -24.35
CA PHE A 351 -20.76 9.49 -24.86
C PHE A 351 -20.28 8.83 -26.15
N LEU A 352 -20.18 7.51 -26.13
CA LEU A 352 -19.67 6.78 -27.28
C LEU A 352 -20.69 6.69 -28.39
N GLU A 353 -21.98 6.67 -28.03
CA GLU A 353 -23.08 6.70 -29.00
C GLU A 353 -22.94 7.97 -29.85
N ILE A 354 -22.75 9.12 -29.19
CA ILE A 354 -22.55 10.39 -29.86
C ILE A 354 -21.24 10.38 -30.65
N LEU A 355 -20.17 9.89 -30.03
CA LEU A 355 -18.88 9.97 -30.66
C LEU A 355 -18.79 9.13 -31.96
N TYR A 356 -19.48 7.99 -31.97
CA TYR A 356 -19.43 7.08 -33.09
C TYR A 356 -20.52 7.27 -34.13
N SER A 357 -21.45 8.19 -33.86
CA SER A 357 -22.59 8.43 -34.73
C SER A 357 -22.19 8.96 -36.11
N THR A 358 -23.04 8.69 -37.10
CA THR A 358 -22.87 9.24 -38.45
C THR A 358 -23.94 10.25 -38.80
N ASP A 359 -25.08 10.18 -38.13
CA ASP A 359 -26.20 11.11 -38.31
C ASP A 359 -25.71 12.57 -38.28
N PRO A 360 -25.89 13.32 -39.40
CA PRO A 360 -25.49 14.73 -39.46
C PRO A 360 -26.18 15.64 -38.43
N LYS A 361 -27.31 15.21 -37.87
CA LYS A 361 -27.97 16.00 -36.81
C LYS A 361 -27.15 16.01 -35.52
N LEU A 362 -26.31 14.97 -35.36
CA LEU A 362 -25.41 14.82 -34.23
C LEU A 362 -24.02 15.39 -34.45
N LYS A 363 -23.80 16.00 -35.61
CA LYS A 363 -22.51 16.58 -35.95
C LYS A 363 -22.00 17.60 -34.93
N ASP A 364 -22.88 18.45 -34.39
CA ASP A 364 -22.46 19.47 -33.44
C ASP A 364 -21.96 18.87 -32.14
N ALA A 365 -22.73 17.89 -31.64
CA ALA A 365 -22.40 17.16 -30.44
C ALA A 365 -21.13 16.33 -30.64
N ARG A 366 -21.07 15.58 -31.76
CA ARG A 366 -19.92 14.77 -32.14
C ARG A 366 -18.63 15.58 -32.28
N GLU A 367 -18.72 16.80 -32.81
CA GLU A 367 -17.54 17.66 -33.00
C GLU A 367 -16.90 18.06 -31.68
N ILE A 368 -17.73 18.39 -30.70
CA ILE A 368 -17.23 18.75 -29.37
C ILE A 368 -16.48 17.56 -28.77
N LEU A 369 -17.05 16.36 -28.83
CA LEU A 369 -16.39 15.17 -28.31
C LEU A 369 -15.11 14.79 -29.03
N LYS A 370 -15.05 15.07 -30.33
CA LYS A 370 -13.82 14.83 -31.10
C LYS A 370 -12.74 15.82 -30.65
N GLN A 371 -13.15 17.01 -30.23
CA GLN A 371 -12.21 18.02 -29.74
C GLN A 371 -11.61 17.58 -28.42
N ILE A 372 -12.42 16.88 -27.60
CA ILE A 372 -11.91 16.24 -26.41
C ILE A 372 -10.82 15.21 -26.78
N GLU A 373 -11.09 14.29 -27.69
CA GLU A 373 -10.07 13.30 -28.10
C GLU A 373 -8.75 13.90 -28.57
N TYR A 374 -8.82 15.00 -29.33
CA TYR A 374 -7.63 15.70 -29.86
C TYR A 374 -7.00 16.62 -28.83
N ARG A 375 -7.69 16.79 -27.71
CA ARG A 375 -7.25 17.61 -26.56
C ARG A 375 -7.23 19.10 -26.92
N ASN A 376 -8.15 19.47 -27.79
CA ASN A 376 -8.39 20.86 -28.10
C ASN A 376 -9.43 21.28 -27.12
N LEU A 377 -8.98 21.59 -25.92
CA LEU A 377 -9.88 21.94 -24.85
C LEU A 377 -9.96 23.44 -24.73
N PHE A 378 -11.03 23.93 -24.12
CA PHE A 378 -11.11 25.31 -23.75
C PHE A 378 -9.94 25.61 -22.82
N LYS A 379 -9.30 26.75 -23.02
CA LYS A 379 -8.04 27.04 -22.35
C LYS A 379 -8.30 27.72 -21.02
N TYR A 380 -7.60 27.27 -20.00
CA TYR A 380 -7.64 27.89 -18.68
C TYR A 380 -6.99 29.28 -18.76
N VAL A 381 -7.75 30.29 -18.31
CA VAL A 381 -7.29 31.67 -18.31
C VAL A 381 -6.69 32.03 -16.96
N GLY A 382 -7.42 31.72 -15.89
CA GLY A 382 -6.98 31.97 -14.54
C GLY A 382 -8.07 31.69 -13.51
N GLU A 383 -7.73 31.96 -12.25
CA GLU A 383 -8.59 31.66 -11.12
C GLU A 383 -8.55 32.82 -10.16
N THR A 384 -9.69 33.08 -9.52
CA THR A 384 -9.77 34.12 -8.49
C THR A 384 -10.80 33.76 -7.42
N GLN A 385 -10.89 34.57 -6.38
CA GLN A 385 -11.89 34.40 -5.31
C GLN A 385 -12.52 35.74 -4.94
N PRO A 386 -13.79 35.72 -4.49
CA PRO A 386 -14.34 36.90 -3.82
C PRO A 386 -13.64 37.23 -2.50
N THR A 387 -13.65 38.50 -2.10
CA THR A 387 -13.07 38.98 -0.84
C THR A 387 -14.17 39.32 0.18
N GLY A 388 -13.81 39.27 1.45
CA GLY A 388 -14.72 39.60 2.57
C GLY A 388 -15.89 38.65 2.65
N GLN A 389 -17.10 39.21 2.67
CA GLN A 389 -18.35 38.43 2.74
C GLN A 389 -19.06 38.19 1.36
N ILE A 390 -18.44 38.70 0.29
CA ILE A 390 -19.06 38.69 -1.06
C ILE A 390 -19.33 37.24 -1.50
N LYS A 391 -20.59 36.97 -1.87
CA LYS A 391 -21.02 35.61 -2.23
C LYS A 391 -21.83 35.69 -3.52
N ILE A 392 -21.36 34.97 -4.54
CA ILE A 392 -21.99 34.97 -5.84
C ILE A 392 -23.10 33.92 -5.89
N LYS A 393 -24.32 34.39 -6.14
CA LYS A 393 -25.53 33.59 -6.10
C LYS A 393 -25.64 32.78 -7.40
N ARG A 394 -26.28 31.62 -7.31
CA ARG A 394 -26.49 30.72 -8.44
C ARG A 394 -27.15 31.39 -9.68
N GLU A 395 -28.09 32.31 -9.44
CA GLU A 395 -28.77 33.05 -10.51
C GLU A 395 -27.87 33.98 -11.34
N ASP A 396 -26.71 34.36 -10.78
CA ASP A 396 -25.79 35.30 -11.45
C ASP A 396 -24.70 34.65 -12.32
N TYR A 397 -24.67 33.31 -12.33
CA TYR A 397 -23.63 32.56 -13.05
C TYR A 397 -23.62 32.89 -14.54
N GLU A 398 -24.82 32.93 -15.14
CA GLU A 398 -25.03 33.28 -16.55
C GLU A 398 -24.48 34.66 -16.97
N SER A 399 -24.58 35.63 -16.07
CA SER A 399 -24.15 37.01 -16.36
C SER A 399 -22.62 37.26 -16.29
N LEU A 400 -21.87 36.30 -15.76
CA LEU A 400 -20.42 36.46 -15.56
C LEU A 400 -19.53 36.49 -16.83
N PRO A 401 -19.79 35.59 -17.83
CA PRO A 401 -18.99 35.74 -19.05
C PRO A 401 -19.10 37.14 -19.70
N LYS A 402 -20.32 37.72 -19.68
CA LYS A 402 -20.58 39.10 -20.14
C LYS A 402 -19.74 40.13 -19.41
N GLU A 403 -19.66 40.00 -18.09
CA GLU A 403 -18.88 40.92 -17.24
C GLU A 403 -17.39 40.93 -17.62
N VAL A 404 -16.83 39.75 -17.88
CA VAL A 404 -15.41 39.60 -18.21
C VAL A 404 -15.10 40.27 -19.55
N ALA A 405 -15.97 40.02 -20.54
CA ALA A 405 -15.86 40.59 -21.89
C ALA A 405 -16.05 42.12 -21.92
N SER A 406 -16.83 42.65 -20.97
CA SER A 406 -17.10 44.08 -20.81
C SER A 406 -16.00 44.87 -20.11
N ALA A 407 -15.06 44.18 -19.47
CA ALA A 407 -13.91 44.84 -18.84
C ALA A 407 -13.06 45.55 -19.90
N LYS A 408 -12.41 46.64 -19.49
CA LYS A 408 -11.71 47.52 -20.41
C LYS A 408 -10.21 47.60 -20.09
N PRO A 409 -9.44 46.55 -20.45
CA PRO A 409 -8.01 46.58 -20.09
C PRO A 409 -7.25 47.61 -21.00
N LYS A 410 -6.39 48.38 -20.40
CA LYS A 410 -5.79 49.52 -21.16
C LYS A 410 -4.57 49.09 -21.97
N VAL A 411 -4.69 48.09 -22.85
CA VAL A 411 -3.54 47.50 -23.54
C VAL A 411 -3.91 47.26 -25.02
N LEU A 412 -2.86 47.21 -25.84
CA LEU A 412 -2.96 46.89 -27.25
C LEU A 412 -3.39 45.43 -27.43
N LEU A 413 -4.56 45.26 -28.04
CA LEU A 413 -5.15 43.94 -28.26
C LEU A 413 -5.36 43.61 -29.71
N ASP A 414 -4.76 42.53 -30.16
CA ASP A 414 -4.86 42.08 -31.56
C ASP A 414 -6.29 41.64 -31.88
N VAL A 415 -6.92 40.93 -30.93
CA VAL A 415 -8.30 40.48 -31.05
C VAL A 415 -9.20 41.11 -29.98
N LYS A 416 -10.50 41.20 -30.31
CA LYS A 416 -11.54 41.58 -29.38
C LYS A 416 -12.43 40.36 -29.12
N LEU A 417 -12.68 40.08 -27.84
CA LEU A 417 -13.43 38.88 -27.44
C LEU A 417 -14.81 39.21 -26.90
N LYS A 418 -15.75 38.28 -27.09
CA LYS A 418 -17.16 38.45 -26.70
C LYS A 418 -17.56 37.51 -25.58
N ALA A 419 -18.71 37.76 -24.95
CA ALA A 419 -19.20 36.95 -23.82
C ALA A 419 -19.15 35.43 -24.02
N GLU A 420 -19.62 34.96 -25.17
CA GLU A 420 -19.68 33.51 -25.47
C GLU A 420 -18.31 32.85 -25.63
N ASP A 421 -17.25 33.65 -25.81
CA ASP A 421 -15.86 33.14 -25.83
C ASP A 421 -15.29 32.76 -24.42
N PHE A 422 -15.94 33.24 -23.36
CA PHE A 422 -15.55 32.97 -22.00
C PHE A 422 -16.49 31.97 -21.31
N ILE A 423 -15.89 31.05 -20.54
CA ILE A 423 -16.61 30.26 -19.54
C ILE A 423 -16.14 30.70 -18.15
N VAL A 424 -17.12 30.92 -17.27
CA VAL A 424 -16.87 31.23 -15.88
C VAL A 424 -17.52 30.12 -15.03
N ASP A 425 -16.66 29.40 -14.31
CA ASP A 425 -17.06 28.25 -13.51
C ASP A 425 -16.95 28.68 -12.05
N VAL A 426 -18.09 28.73 -11.36
CA VAL A 426 -18.08 29.09 -9.95
C VAL A 426 -18.21 27.82 -9.13
N ILE A 427 -17.27 27.66 -8.20
CA ILE A 427 -17.15 26.44 -7.42
C ILE A 427 -17.32 26.77 -5.95
N ASN A 428 -18.28 26.08 -5.33
CA ASN A 428 -18.49 26.19 -3.89
C ASN A 428 -17.67 25.13 -3.16
N MET A 429 -16.68 25.59 -2.40
CA MET A 429 -15.87 24.72 -1.56
C MET A 429 -16.30 24.90 -0.11
N ASP A 430 -16.84 23.84 0.48
CA ASP A 430 -17.29 23.89 1.87
C ASP A 430 -17.06 22.57 2.59
N TYR A 431 -17.31 22.58 3.89
CA TYR A 431 -17.22 21.40 4.75
C TYR A 431 -18.52 20.58 4.81
N GLY A 432 -19.39 20.74 3.81
CA GLY A 432 -20.58 19.88 3.64
C GLY A 432 -21.89 20.42 4.17
N MET A 433 -21.83 21.57 4.83
CA MET A 433 -22.97 22.14 5.52
C MET A 433 -22.95 23.65 5.35
N GLN A 434 -22.78 24.08 4.10
CA GLN A 434 -22.79 25.49 3.73
C GLN A 434 -21.73 26.21 4.58
N GLU A 435 -22.09 27.33 5.20
CA GLU A 435 -21.17 28.11 6.02
C GLU A 435 -20.92 27.53 7.44
N LYS A 436 -21.72 26.53 7.83
CA LYS A 436 -21.67 25.97 9.18
C LYS A 436 -20.48 25.03 9.40
N ASN A 437 -20.05 24.92 10.65
CA ASN A 437 -19.01 23.97 11.07
C ASN A 437 -19.70 22.64 11.42
N PRO A 438 -19.44 21.56 10.63
CA PRO A 438 -20.15 20.29 10.88
C PRO A 438 -19.83 19.66 12.23
N ILE A 439 -18.71 20.05 12.84
CA ILE A 439 -18.29 19.50 14.11
C ILE A 439 -19.18 20.00 15.24
N ASP A 440 -19.80 21.16 15.07
CA ASP A 440 -20.82 21.66 16.01
C ASP A 440 -22.08 20.80 16.03
N HIS A 441 -22.22 19.89 15.07
CA HIS A 441 -23.39 19.00 14.95
C HIS A 441 -23.01 17.55 15.21
N VAL A 442 -21.86 17.39 15.87
CA VAL A 442 -21.40 16.09 16.29
C VAL A 442 -21.49 16.05 17.80
N SER A 443 -22.00 14.94 18.30
CA SER A 443 -22.00 14.68 19.73
C SER A 443 -20.86 13.75 20.09
N PHE A 444 -20.30 13.98 21.28
CA PHE A 444 -19.12 13.29 21.79
C PHE A 444 -19.37 12.64 23.13
N TYR A 445 -18.49 11.74 23.52
CA TYR A 445 -18.51 11.13 24.84
C TYR A 445 -17.09 11.01 25.39
N CYS A 446 -16.98 10.88 26.71
CA CYS A 446 -15.69 10.75 27.40
C CYS A 446 -15.48 9.35 27.89
N LYS A 447 -14.22 9.01 28.09
CA LYS A 447 -13.79 7.71 28.61
C LYS A 447 -14.47 7.41 29.93
N THR A 448 -14.58 8.44 30.78
CA THR A 448 -15.10 8.34 32.14
C THR A 448 -16.63 8.23 32.23
N ALA A 449 -17.35 8.69 31.19
CA ALA A 449 -18.83 8.57 31.11
C ALA A 449 -19.31 8.28 29.67
N PRO A 450 -19.24 7.00 29.25
CA PRO A 450 -19.45 6.59 27.87
C PRO A 450 -20.89 6.77 27.38
N ASN A 451 -21.84 6.87 28.30
CA ASN A 451 -23.24 7.04 27.91
C ASN A 451 -23.70 8.50 27.98
N ARG A 452 -22.79 9.38 28.39
CA ARG A 452 -23.11 10.80 28.50
C ARG A 452 -22.57 11.62 27.33
N ALA A 453 -23.46 12.06 26.45
CA ALA A 453 -23.12 12.88 25.30
C ALA A 453 -22.75 14.28 25.71
N ILE A 454 -21.80 14.89 25.00
CA ILE A 454 -21.35 16.28 25.21
C ILE A 454 -21.08 16.98 23.88
N ARG A 455 -20.86 18.28 23.93
CA ARG A 455 -20.56 19.09 22.73
C ARG A 455 -19.16 19.65 22.86
N ILE A 456 -18.51 19.93 21.73
CA ILE A 456 -17.17 20.50 21.74
C ILE A 456 -17.15 21.65 20.76
N THR A 457 -16.75 22.82 21.25
CA THR A 457 -16.71 24.07 20.46
C THR A 457 -15.32 24.20 19.81
N LYS A 458 -15.18 25.05 18.79
CA LYS A 458 -13.94 25.09 17.98
C LYS A 458 -12.69 25.57 18.76
N ASN A 459 -12.88 26.58 19.60
CA ASN A 459 -11.83 27.04 20.51
C ASN A 459 -11.35 26.04 21.54
N GLN A 460 -12.22 25.08 21.88
CA GLN A 460 -11.85 23.93 22.72
C GLN A 460 -10.91 22.92 22.04
N VAL A 461 -10.72 23.04 20.72
CA VAL A 461 -9.87 22.09 19.99
C VAL A 461 -8.51 22.64 19.57
N SER A 462 -8.50 23.72 18.80
CA SER A 462 -7.26 24.22 18.21
C SER A 462 -7.44 25.59 17.58
N GLN A 463 -6.43 26.45 17.72
CA GLN A 463 -6.42 27.73 17.03
C GLN A 463 -5.91 27.58 15.57
N LEU A 464 -5.41 26.40 15.24
CA LEU A 464 -4.87 26.09 13.90
C LEU A 464 -5.92 25.59 12.92
N LEU A 465 -7.19 25.62 13.32
CA LEU A 465 -8.27 25.17 12.48
C LEU A 465 -8.78 26.31 11.59
N PRO A 466 -9.59 25.99 10.56
CA PRO A 466 -10.09 27.05 9.69
C PRO A 466 -11.08 27.98 10.39
N GLU A 467 -11.04 29.27 10.06
CA GLU A 467 -12.00 30.24 10.64
C GLU A 467 -13.33 30.22 9.91
N LYS A 468 -13.27 30.00 8.61
CA LYS A 468 -14.46 29.90 7.76
C LYS A 468 -14.57 28.48 7.20
N PHE A 469 -15.78 28.07 6.88
CA PHE A 469 -16.05 26.70 6.44
C PHE A 469 -16.70 26.61 5.06
N ALA A 470 -16.72 27.74 4.36
CA ALA A 470 -17.19 27.83 2.97
C ALA A 470 -16.44 28.96 2.25
N GLU A 471 -16.14 28.72 0.98
CA GLU A 471 -15.50 29.72 0.12
C GLU A 471 -15.92 29.46 -1.33
N GLN A 472 -15.59 30.39 -2.22
CA GLN A 472 -15.85 30.26 -3.64
C GLN A 472 -14.63 30.44 -4.51
N LEU A 473 -14.51 29.59 -5.51
CA LEU A 473 -13.46 29.74 -6.52
C LEU A 473 -14.14 30.06 -7.82
N ILE A 474 -13.52 31.00 -8.55
CA ILE A 474 -13.97 31.38 -9.88
C ILE A 474 -12.85 31.05 -10.85
N ARG A 475 -13.12 30.10 -11.73
CA ARG A 475 -12.22 29.82 -12.84
C ARG A 475 -12.78 30.48 -14.11
N VAL A 476 -11.87 31.02 -14.90
CA VAL A 476 -12.21 31.55 -16.21
C VAL A 476 -11.47 30.74 -17.28
N TYR A 477 -12.19 30.37 -18.33
CA TYR A 477 -11.61 29.70 -19.49
C TYR A 477 -11.99 30.43 -20.76
N CYS A 478 -11.24 30.20 -21.82
CA CYS A 478 -11.51 30.82 -23.12
C CYS A 478 -11.75 29.72 -24.13
N LYS A 479 -12.87 29.82 -24.83
CA LYS A 479 -13.20 28.92 -25.95
C LYS A 479 -12.32 29.14 -27.18
N LYS A 480 -11.72 30.31 -27.31
CA LYS A 480 -10.80 30.61 -28.42
C LYS A 480 -9.37 30.17 -28.00
N VAL A 481 -8.77 29.30 -28.81
CA VAL A 481 -7.60 28.52 -28.38
C VAL A 481 -6.22 28.98 -28.86
N ASP A 482 -6.21 29.89 -29.84
CA ASP A 482 -4.96 30.45 -30.39
C ASP A 482 -4.25 31.35 -29.38
N ARG A 483 -2.97 31.57 -29.63
CA ARG A 483 -2.07 32.29 -28.71
C ARG A 483 -2.52 33.75 -28.46
N LYS A 484 -3.02 34.41 -29.50
CA LYS A 484 -3.44 35.82 -29.45
C LYS A 484 -4.73 36.05 -28.65
N SER A 485 -5.70 35.15 -28.85
CA SER A 485 -6.94 35.15 -28.08
C SER A 485 -6.69 34.88 -26.60
N LEU A 486 -5.81 33.91 -26.32
CA LEU A 486 -5.49 33.55 -24.95
C LEU A 486 -4.82 34.71 -24.21
N TYR A 487 -3.89 35.39 -24.89
CA TYR A 487 -3.26 36.60 -24.36
C TYR A 487 -4.32 37.66 -24.02
N ALA A 488 -5.22 37.93 -24.97
CA ALA A 488 -6.29 38.91 -24.80
C ALA A 488 -7.20 38.56 -23.62
N ALA A 489 -7.64 37.28 -23.59
CA ALA A 489 -8.47 36.72 -22.52
C ALA A 489 -7.89 36.95 -21.13
N ARG A 490 -6.58 36.78 -21.01
CA ARG A 490 -5.88 37.01 -19.74
C ARG A 490 -5.96 38.45 -19.31
N GLN A 491 -5.89 39.38 -20.26
CA GLN A 491 -5.98 40.83 -20.00
C GLN A 491 -7.37 41.21 -19.50
N TYR A 492 -8.41 40.77 -20.21
CA TYR A 492 -9.80 40.93 -19.76
C TYR A 492 -10.00 40.37 -18.35
N PHE A 493 -9.53 39.14 -18.15
CA PHE A 493 -9.72 38.46 -16.88
C PHE A 493 -9.10 39.21 -15.68
N VAL A 494 -7.80 39.55 -15.77
CA VAL A 494 -7.10 40.26 -14.70
C VAL A 494 -7.72 41.64 -14.44
N GLN A 495 -8.18 42.30 -15.51
CA GLN A 495 -8.90 43.56 -15.38
C GLN A 495 -10.21 43.38 -14.61
N TRP A 496 -10.95 42.33 -14.96
CA TRP A 496 -12.22 42.02 -14.30
C TRP A 496 -12.03 41.75 -12.81
N CYS A 497 -10.92 41.08 -12.46
CA CYS A 497 -10.54 40.84 -11.07
C CYS A 497 -10.34 42.15 -10.33
N ALA A 498 -9.53 43.04 -10.93
CA ALA A 498 -9.28 44.35 -10.37
C ALA A 498 -10.61 45.12 -10.16
N ASP A 499 -11.44 45.13 -11.20
CA ASP A 499 -12.74 45.82 -11.22
C ASP A 499 -13.75 45.34 -10.17
N ARG A 500 -13.78 44.03 -9.94
CA ARG A 500 -14.69 43.43 -8.96
C ARG A 500 -14.12 43.36 -7.53
N ASN A 501 -12.86 43.79 -7.40
CA ASN A 501 -12.06 43.73 -6.17
C ASN A 501 -11.86 42.28 -5.64
N PHE A 502 -11.70 41.36 -6.59
CA PHE A 502 -11.39 39.95 -6.29
C PHE A 502 -9.90 39.79 -6.02
N THR A 503 -9.49 38.59 -5.62
CA THR A 503 -8.09 38.32 -5.30
C THR A 503 -7.21 38.42 -6.54
N LYS A 504 -5.97 38.84 -6.35
CA LYS A 504 -4.98 38.82 -7.42
C LYS A 504 -4.78 37.38 -7.86
N PRO A 505 -5.01 37.07 -9.16
CA PRO A 505 -4.62 35.74 -9.67
C PRO A 505 -3.13 35.49 -9.37
N GLN A 506 -2.81 34.26 -8.96
CA GLN A 506 -1.44 33.91 -8.52
C GLN A 506 -0.35 34.29 -9.56
N ASP A 507 -0.65 34.06 -10.84
CA ASP A 507 0.25 34.31 -11.96
C ASP A 507 0.07 35.70 -12.59
N GLY A 508 -0.67 36.56 -11.89
CA GLY A 508 -1.06 37.88 -12.36
C GLY A 508 0.02 38.74 -12.98
N ASP A 509 1.16 38.82 -12.29
CA ASP A 509 2.34 39.58 -12.75
C ASP A 509 3.00 39.02 -14.01
N VAL A 510 2.82 37.73 -14.24
CA VAL A 510 3.38 37.05 -15.41
C VAL A 510 2.42 37.17 -16.62
N ILE A 511 1.14 36.86 -16.40
CA ILE A 511 0.15 36.83 -17.49
C ILE A 511 -0.35 38.21 -17.93
N ALA A 512 -0.32 39.19 -17.02
CA ALA A 512 -0.78 40.55 -17.32
C ALA A 512 0.05 41.65 -16.63
N PRO A 513 1.38 41.73 -16.95
CA PRO A 513 2.29 42.64 -16.21
C PRO A 513 1.93 44.12 -16.29
N LEU A 514 1.18 44.50 -17.33
CA LEU A 514 0.75 45.88 -17.57
C LEU A 514 -0.56 46.23 -16.88
N ILE A 515 -1.24 45.24 -16.33
CA ILE A 515 -2.56 45.42 -15.68
C ILE A 515 -2.46 45.40 -14.16
N THR A 516 -1.62 44.53 -13.61
CA THR A 516 -1.50 44.36 -12.16
C THR A 516 -1.01 45.59 -11.35
N PRO A 517 -0.13 46.45 -11.93
CA PRO A 517 0.28 47.67 -11.20
C PRO A 517 -0.81 48.71 -10.90
N GLN A 518 -1.91 48.74 -11.67
CA GLN A 518 -3.02 49.68 -11.41
C GLN A 518 -3.68 49.46 -10.03
N LYS A 519 -3.67 48.21 -9.55
CA LYS A 519 -4.29 47.87 -8.27
C LYS A 519 -3.24 47.96 -7.14
N LYS A 520 -3.36 48.99 -6.31
CA LYS A 520 -2.40 49.21 -5.22
C LYS A 520 -2.36 48.12 -4.14
N GLU A 521 -3.52 47.59 -3.81
CA GLU A 521 -3.66 46.48 -2.82
C GLU A 521 -2.87 45.25 -3.26
N TRP A 522 -2.66 45.09 -4.55
CA TRP A 522 -1.83 43.98 -5.06
C TRP A 522 -0.33 44.25 -5.10
N ASN A 523 0.09 45.48 -4.73
CA ASN A 523 1.45 46.05 -4.90
C ASN A 523 1.74 47.16 -5.96
N ASP B 37 -16.12 -3.80 31.69
CA ASP B 37 -15.17 -4.48 30.77
C ASP B 37 -14.83 -3.45 29.67
N THR B 38 -13.66 -2.85 29.74
CA THR B 38 -13.21 -1.95 28.64
C THR B 38 -12.16 -2.63 27.79
N MET B 39 -12.37 -2.71 26.47
CA MET B 39 -11.31 -3.14 25.54
C MET B 39 -10.34 -2.01 25.22
N LYS B 40 -9.07 -2.36 25.10
CA LYS B 40 -8.06 -1.39 24.68
C LYS B 40 -7.76 -1.56 23.22
N VAL B 41 -7.68 -0.42 22.52
CA VAL B 41 -7.42 -0.42 21.09
C VAL B 41 -5.95 -0.12 20.82
N ILE B 42 -5.31 -1.00 20.05
CA ILE B 42 -3.94 -0.82 19.60
C ILE B 42 -3.94 -0.62 18.09
N ASN B 43 -3.23 0.41 17.61
CA ASN B 43 -3.05 0.61 16.15
C ASN B 43 -1.79 -0.05 15.66
N ASP B 44 -1.97 -1.16 14.95
CA ASP B 44 -0.89 -1.88 14.32
C ASP B 44 -0.82 -1.51 12.82
N PRO B 45 0.41 -1.28 12.28
CA PRO B 45 0.51 -0.95 10.84
C PRO B 45 0.02 -2.06 9.94
N ILE B 46 0.11 -3.32 10.37
CA ILE B 46 -0.30 -4.43 9.52
C ILE B 46 -1.81 -4.66 9.57
N HIS B 47 -2.36 -4.73 10.78
CA HIS B 47 -3.74 -5.10 10.99
C HIS B 47 -4.67 -3.94 11.29
N GLY B 48 -4.13 -2.74 11.45
CA GLY B 48 -4.99 -1.61 11.77
C GLY B 48 -5.39 -1.64 13.22
N HIS B 49 -6.59 -1.21 13.54
CA HIS B 49 -6.99 -1.14 14.94
C HIS B 49 -7.45 -2.51 15.47
N ILE B 50 -6.78 -2.93 16.54
CA ILE B 50 -6.92 -4.26 17.15
C ILE B 50 -7.53 -4.02 18.52
N GLU B 51 -8.56 -4.77 18.86
CA GLU B 51 -9.07 -4.74 20.24
C GLU B 51 -8.37 -5.78 21.11
N LEU B 52 -8.00 -5.37 22.31
CA LEU B 52 -7.42 -6.28 23.29
C LEU B 52 -8.34 -6.37 24.49
N HIS B 53 -8.77 -7.59 24.79
CA HIS B 53 -9.53 -7.91 26.00
C HIS B 53 -8.70 -7.53 27.24
N PRO B 54 -9.35 -6.98 28.30
CA PRO B 54 -8.56 -6.57 29.50
C PRO B 54 -7.63 -7.64 30.09
N LEU B 55 -7.98 -8.92 29.94
CA LEU B 55 -7.10 -10.02 30.34
C LEU B 55 -5.83 -10.06 29.52
N LEU B 56 -5.93 -9.88 28.20
CA LEU B 56 -4.73 -9.80 27.35
C LEU B 56 -3.89 -8.58 27.70
N VAL B 57 -4.53 -7.47 28.04
CA VAL B 57 -3.81 -6.28 28.47
C VAL B 57 -2.95 -6.59 29.71
N ARG B 58 -3.54 -7.35 30.64
CA ARG B 58 -2.82 -7.72 31.87
C ARG B 58 -1.63 -8.62 31.55
N ILE B 59 -1.81 -9.57 30.62
CA ILE B 59 -0.71 -10.44 30.21
C ILE B 59 0.42 -9.65 29.51
N ILE B 60 0.03 -8.71 28.64
CA ILE B 60 0.94 -7.80 27.92
C ILE B 60 1.73 -6.87 28.84
N ASP B 61 1.08 -6.30 29.86
CA ASP B 61 1.77 -5.37 30.75
C ASP B 61 2.56 -5.98 31.90
N THR B 62 3.54 -6.80 31.51
CA THR B 62 4.40 -7.56 32.40
C THR B 62 5.80 -7.53 31.76
N PRO B 63 6.87 -7.58 32.59
CA PRO B 63 8.23 -7.58 32.05
C PRO B 63 8.55 -8.78 31.14
N GLN B 64 7.79 -9.86 31.29
CA GLN B 64 8.03 -11.12 30.57
C GLN B 64 7.59 -10.95 29.12
N PHE B 65 6.52 -10.17 28.95
CA PHE B 65 6.00 -9.89 27.66
C PHE B 65 6.68 -8.66 27.05
N GLN B 66 6.80 -7.59 27.83
CA GLN B 66 7.41 -6.34 27.34
C GLN B 66 8.83 -6.55 26.84
N ARG B 67 9.48 -7.57 27.38
CA ARG B 67 10.77 -8.04 26.94
C ARG B 67 10.87 -8.15 25.42
N LEU B 68 9.74 -8.49 24.79
CA LEU B 68 9.74 -8.80 23.37
C LEU B 68 9.97 -7.56 22.49
N ARG B 69 9.83 -6.37 23.07
CA ARG B 69 10.15 -5.10 22.42
C ARG B 69 11.63 -5.00 22.13
N TYR B 70 12.43 -5.86 22.74
CA TYR B 70 13.88 -5.70 22.59
C TYR B 70 14.50 -6.89 21.90
N ILE B 71 13.68 -7.63 21.18
CA ILE B 71 14.20 -8.72 20.36
C ILE B 71 13.74 -8.54 18.91
N LYS B 72 14.67 -8.29 17.99
CA LYS B 72 14.35 -8.10 16.58
C LYS B 72 13.80 -9.37 16.00
N GLN B 73 12.70 -9.23 15.24
CA GLN B 73 12.06 -10.32 14.55
C GLN B 73 13.03 -11.10 13.68
N LEU B 74 13.88 -10.41 12.91
CA LEU B 74 14.72 -11.07 11.90
C LEU B 74 16.20 -11.02 12.21
N GLY B 75 16.53 -10.70 13.45
CA GLY B 75 17.91 -10.64 13.92
C GLY B 75 18.82 -9.93 12.96
N GLY B 76 19.76 -10.69 12.37
CA GLY B 76 20.78 -10.17 11.46
C GLY B 76 20.25 -9.57 10.16
N GLY B 77 19.00 -9.87 9.80
CA GLY B 77 18.40 -9.35 8.59
C GLY B 77 18.39 -7.83 8.55
N TYR B 78 18.23 -7.20 9.71
CA TYR B 78 18.25 -5.75 9.83
C TYR B 78 19.54 -5.15 9.31
N TYR B 79 20.63 -5.94 9.36
CA TYR B 79 21.92 -5.47 8.89
C TYR B 79 22.03 -5.58 7.36
N VAL B 80 20.97 -6.13 6.73
CA VAL B 80 20.90 -6.19 5.29
C VAL B 80 19.69 -5.41 4.77
N PHE B 81 18.54 -5.60 5.44
CA PHE B 81 17.34 -4.90 5.05
C PHE B 81 17.07 -3.83 6.11
N PRO B 82 17.38 -2.58 5.80
CA PRO B 82 17.30 -1.58 6.84
C PRO B 82 15.89 -1.31 7.34
N GLY B 83 14.85 -1.76 6.65
CA GLY B 83 13.50 -1.60 7.15
C GLY B 83 13.16 -2.58 8.27
N ALA B 84 13.93 -3.66 8.36
CA ALA B 84 13.58 -4.80 9.21
C ALA B 84 14.04 -4.59 10.65
N SER B 85 13.57 -3.50 11.22
CA SER B 85 13.86 -3.08 12.58
C SER B 85 12.77 -3.58 13.56
N HIS B 86 11.72 -4.16 13.04
CA HIS B 86 10.59 -4.61 13.88
C HIS B 86 10.99 -5.69 14.88
N ASN B 87 10.31 -5.70 16.02
CA ASN B 87 10.56 -6.61 17.11
C ASN B 87 9.45 -7.67 17.30
N ARG B 88 9.75 -8.69 18.12
CA ARG B 88 8.79 -9.78 18.41
C ARG B 88 7.53 -9.28 19.10
N PHE B 89 7.63 -8.18 19.86
CA PHE B 89 6.48 -7.60 20.53
C PHE B 89 5.30 -7.41 19.59
N GLU B 90 5.52 -6.63 18.54
CA GLU B 90 4.45 -6.30 17.60
C GLU B 90 3.97 -7.54 16.84
N HIS B 91 4.89 -8.44 16.53
CA HIS B 91 4.53 -9.70 15.89
C HIS B 91 3.55 -10.51 16.75
N SER B 92 3.89 -10.62 18.05
CA SER B 92 3.03 -11.26 19.06
C SER B 92 1.60 -10.68 19.13
N LEU B 93 1.45 -9.35 19.16
CA LEU B 93 0.12 -8.77 19.13
C LEU B 93 -0.65 -9.23 17.87
N GLY B 94 0.06 -9.30 16.75
CA GLY B 94 -0.56 -9.68 15.50
C GLY B 94 -0.97 -11.12 15.51
N VAL B 95 -0.14 -11.99 16.09
CA VAL B 95 -0.47 -13.42 16.17
C VAL B 95 -1.72 -13.63 17.03
N GLY B 96 -1.78 -12.88 18.13
CA GLY B 96 -2.92 -12.92 19.03
C GLY B 96 -4.17 -12.48 18.32
N TYR B 97 -4.07 -11.36 17.62
CA TYR B 97 -5.22 -10.80 16.97
C TYR B 97 -5.77 -11.77 15.92
N LEU B 98 -4.87 -12.30 15.08
CA LEU B 98 -5.26 -13.22 14.02
C LEU B 98 -5.83 -14.53 14.55
N ALA B 99 -5.27 -15.03 15.64
CA ALA B 99 -5.78 -16.22 16.29
C ALA B 99 -7.24 -15.98 16.65
N GLY B 100 -7.52 -14.82 17.22
CA GLY B 100 -8.87 -14.41 17.58
C GLY B 100 -9.81 -14.27 16.41
N CYS B 101 -9.31 -13.68 15.31
CA CYS B 101 -10.07 -13.59 14.06
C CYS B 101 -10.50 -14.95 13.54
N LEU B 102 -9.58 -15.91 13.50
CA LEU B 102 -9.91 -17.21 12.91
C LEU B 102 -10.96 -17.95 13.75
N VAL B 103 -10.72 -18.04 15.05
CA VAL B 103 -11.61 -18.75 15.96
C VAL B 103 -12.99 -18.08 15.98
N HIS B 104 -13.00 -16.75 15.91
CA HIS B 104 -14.25 -16.01 15.95
C HIS B 104 -15.08 -16.20 14.66
N ALA B 105 -14.41 -16.19 13.52
CA ALA B 105 -15.03 -16.46 12.23
C ALA B 105 -15.59 -17.86 12.12
N LEU B 106 -14.84 -18.85 12.64
CA LEU B 106 -15.30 -20.24 12.66
C LEU B 106 -16.57 -20.35 13.51
N GLY B 107 -16.57 -19.69 14.66
CA GLY B 107 -17.70 -19.62 15.57
C GLY B 107 -18.94 -19.04 14.92
N GLU B 108 -18.78 -17.95 14.17
CA GLU B 108 -19.91 -17.29 13.56
C GLU B 108 -20.52 -18.09 12.41
N LYS B 109 -19.70 -18.76 11.59
CA LYS B 109 -20.18 -19.62 10.49
C LYS B 109 -20.80 -20.94 10.98
N GLN B 110 -20.29 -21.45 12.10
CA GLN B 110 -20.69 -22.77 12.58
C GLN B 110 -20.96 -22.73 14.11
N PRO B 111 -22.15 -22.21 14.52
CA PRO B 111 -22.50 -22.20 15.95
C PRO B 111 -22.60 -23.60 16.58
N GLU B 112 -22.81 -24.62 15.74
CA GLU B 112 -22.85 -26.01 16.20
C GLU B 112 -21.52 -26.50 16.78
N LEU B 113 -20.45 -25.74 16.57
CA LEU B 113 -19.13 -26.04 17.15
C LEU B 113 -19.06 -25.75 18.65
N GLN B 114 -19.95 -24.87 19.10
CA GLN B 114 -20.06 -24.45 20.50
C GLN B 114 -18.75 -23.83 21.04
N ILE B 115 -18.17 -22.97 20.21
CA ILE B 115 -17.02 -22.17 20.61
C ILE B 115 -17.49 -21.08 21.58
N SER B 116 -16.98 -21.11 22.82
CA SER B 116 -17.32 -20.12 23.86
C SER B 116 -16.37 -18.93 23.88
N GLU B 117 -16.79 -17.82 24.52
CA GLU B 117 -15.90 -16.67 24.76
C GLU B 117 -14.62 -17.07 25.50
N ARG B 118 -14.75 -18.10 26.33
CA ARG B 118 -13.65 -18.72 27.03
C ARG B 118 -12.66 -19.33 26.06
N ASP B 119 -13.16 -20.09 25.07
CA ASP B 119 -12.31 -20.69 24.04
C ASP B 119 -11.54 -19.63 23.22
N VAL B 120 -12.22 -18.55 22.87
CA VAL B 120 -11.64 -17.45 22.10
C VAL B 120 -10.48 -16.81 22.90
N LEU B 121 -10.72 -16.53 24.17
CA LEU B 121 -9.68 -15.95 25.01
C LEU B 121 -8.43 -16.82 25.11
N CYS B 122 -8.60 -18.12 25.26
CA CYS B 122 -7.47 -19.04 25.36
C CYS B 122 -6.68 -19.12 24.06
N VAL B 123 -7.36 -19.05 22.93
CA VAL B 123 -6.69 -19.04 21.64
C VAL B 123 -5.93 -17.72 21.41
N GLN B 124 -6.55 -16.59 21.76
CA GLN B 124 -5.87 -15.31 21.74
C GLN B 124 -4.65 -15.32 22.64
N ILE B 125 -4.77 -15.86 23.87
CA ILE B 125 -3.64 -15.91 24.79
C ILE B 125 -2.51 -16.77 24.22
N ALA B 126 -2.85 -17.94 23.70
CA ALA B 126 -1.84 -18.78 23.09
C ALA B 126 -1.13 -18.04 21.94
N GLY B 127 -1.90 -17.34 21.11
CA GLY B 127 -1.33 -16.53 20.03
C GLY B 127 -0.37 -15.44 20.48
N LEU B 128 -0.75 -14.67 21.51
CA LEU B 128 0.10 -13.65 22.11
C LEU B 128 1.40 -14.24 22.60
N CYS B 129 1.27 -15.41 23.23
CA CYS B 129 2.32 -15.93 24.06
C CYS B 129 3.21 -16.93 23.38
N ARG B 130 2.90 -17.35 22.16
CA ARG B 130 3.80 -18.27 21.52
C ARG B 130 5.16 -17.73 21.09
N ASN B 131 5.40 -16.43 21.24
CA ASN B 131 6.74 -15.88 20.93
C ASN B 131 7.54 -15.49 22.17
N LEU B 132 7.00 -15.77 23.35
CA LEU B 132 7.63 -15.38 24.62
C LEU B 132 9.01 -15.93 24.82
N GLY B 133 9.22 -17.13 24.30
CA GLY B 133 10.48 -17.83 24.46
C GLY B 133 11.65 -17.46 23.57
N HIS B 134 11.44 -16.54 22.63
CA HIS B 134 12.53 -16.15 21.75
C HIS B 134 13.66 -15.47 22.48
N GLY B 135 14.88 -15.84 22.13
CA GLY B 135 16.06 -15.21 22.69
C GLY B 135 16.51 -14.05 21.84
N PRO B 136 17.70 -13.47 22.15
CA PRO B 136 18.22 -12.35 21.38
C PRO B 136 18.40 -12.76 19.93
N PHE B 137 17.97 -11.88 19.03
CA PHE B 137 18.03 -12.07 17.58
C PHE B 137 17.21 -13.27 17.08
N SER B 138 16.13 -13.57 17.81
CA SER B 138 15.13 -14.57 17.41
C SER B 138 15.71 -15.89 17.00
N HIS B 139 15.63 -16.24 15.72
CA HIS B 139 16.03 -17.58 15.29
C HIS B 139 17.53 -17.85 15.32
N MET B 140 18.36 -16.83 15.41
CA MET B 140 19.77 -17.10 15.57
C MET B 140 20.04 -17.79 16.92
N PHE B 141 19.37 -17.33 17.97
CA PHE B 141 19.53 -17.88 19.29
C PHE B 141 19.20 -19.37 19.38
N ASP B 142 18.05 -19.78 18.91
CA ASP B 142 17.69 -21.19 18.98
C ASP B 142 18.24 -22.01 17.83
N GLY B 143 18.52 -21.36 16.70
CA GLY B 143 19.03 -22.06 15.52
C GLY B 143 20.54 -22.16 15.41
N ARG B 144 21.26 -21.17 15.92
CA ARG B 144 22.72 -21.18 15.81
C ARG B 144 23.41 -21.27 17.14
N PHE B 145 23.06 -20.35 18.05
CA PHE B 145 23.80 -20.16 19.29
C PHE B 145 23.70 -21.29 20.29
N ILE B 146 22.50 -21.61 20.77
CA ILE B 146 22.31 -22.70 21.73
C ILE B 146 22.82 -24.09 21.24
N PRO B 147 22.55 -24.47 19.97
CA PRO B 147 23.18 -25.73 19.49
C PRO B 147 24.70 -25.77 19.62
N LEU B 148 25.39 -24.67 19.32
CA LEU B 148 26.84 -24.60 19.49
C LEU B 148 27.25 -24.49 20.95
N ALA B 149 26.56 -23.65 21.72
CA ALA B 149 26.90 -23.37 23.13
C ALA B 149 26.53 -24.47 24.10
N ARG B 150 25.41 -25.15 23.87
CA ARG B 150 24.91 -26.19 24.75
C ARG B 150 24.46 -27.39 23.93
N PRO B 151 25.44 -28.13 23.32
CA PRO B 151 25.09 -29.26 22.43
C PRO B 151 24.30 -30.38 23.12
N GLU B 152 24.50 -30.57 24.44
CA GLU B 152 23.84 -31.63 25.17
C GLU B 152 22.32 -31.44 25.34
N VAL B 153 21.87 -30.18 25.40
CA VAL B 153 20.43 -29.87 25.53
C VAL B 153 19.73 -29.81 24.17
N LYS B 154 18.42 -30.07 24.20
CA LYS B 154 17.59 -29.84 23.02
C LYS B 154 16.58 -28.78 23.36
N TRP B 155 16.85 -27.58 22.84
CA TRP B 155 16.05 -26.41 23.18
C TRP B 155 15.41 -25.82 21.93
N THR B 156 14.17 -25.38 22.13
CA THR B 156 13.42 -24.70 21.09
C THR B 156 12.79 -23.50 21.74
N HIS B 157 12.59 -22.45 20.97
CA HIS B 157 11.91 -21.25 21.48
C HIS B 157 10.49 -21.59 22.00
N GLU B 158 9.86 -22.63 21.44
CA GLU B 158 8.52 -23.06 21.87
C GLU B 158 8.55 -23.53 23.32
N GLN B 159 9.54 -24.34 23.69
CA GLN B 159 9.69 -24.76 25.07
C GLN B 159 9.89 -23.53 25.95
N GLY B 160 10.65 -22.57 25.44
CA GLY B 160 10.94 -21.32 26.13
C GLY B 160 9.67 -20.56 26.42
N SER B 161 8.78 -20.55 25.43
CA SER B 161 7.52 -19.85 25.54
C SER B 161 6.66 -20.42 26.67
N VAL B 162 6.58 -21.75 26.75
CA VAL B 162 5.85 -22.44 27.81
C VAL B 162 6.36 -22.06 29.18
N MET B 163 7.68 -22.15 29.36
CA MET B 163 8.36 -21.81 30.61
C MET B 163 8.13 -20.36 30.98
N MET B 164 8.27 -19.49 29.99
CA MET B 164 8.13 -18.04 30.16
C MET B 164 6.70 -17.68 30.48
N PHE B 165 5.77 -18.39 29.85
CA PHE B 165 4.36 -18.17 30.10
C PHE B 165 4.02 -18.51 31.55
N GLU B 166 4.51 -19.67 32.01
CA GLU B 166 4.37 -20.11 33.41
C GLU B 166 4.88 -19.03 34.37
N HIS B 167 6.10 -18.55 34.10
CA HIS B 167 6.72 -17.48 34.90
C HIS B 167 5.88 -16.20 34.89
N LEU B 168 5.37 -15.83 33.71
CA LEU B 168 4.52 -14.65 33.54
C LEU B 168 3.25 -14.75 34.40
N ILE B 169 2.60 -15.92 34.32
CA ILE B 169 1.37 -16.18 35.07
C ILE B 169 1.63 -16.04 36.58
N ASN B 170 2.62 -16.77 37.08
CA ASN B 170 2.90 -16.85 38.51
C ASN B 170 3.43 -15.55 39.11
N SER B 171 4.28 -14.85 38.35
CA SER B 171 4.89 -13.60 38.83
C SER B 171 3.96 -12.39 38.81
N ASN B 172 2.79 -12.51 38.20
CA ASN B 172 1.93 -11.33 37.99
C ASN B 172 0.50 -11.51 38.49
N GLY B 173 0.22 -12.64 39.13
CA GLY B 173 -1.08 -12.91 39.73
C GLY B 173 -2.18 -12.92 38.68
N ILE B 174 -1.90 -13.63 37.60
CA ILE B 174 -2.77 -13.66 36.44
C ILE B 174 -3.94 -14.60 36.67
N LYS B 175 -3.70 -15.72 37.37
CA LYS B 175 -4.74 -16.73 37.64
C LYS B 175 -6.05 -16.17 38.21
N PRO B 176 -5.98 -15.32 39.29
CA PRO B 176 -7.21 -14.66 39.75
C PRO B 176 -7.93 -13.88 38.65
N VAL B 177 -7.15 -13.19 37.81
CA VAL B 177 -7.69 -12.38 36.69
C VAL B 177 -8.28 -13.27 35.58
N MET B 178 -7.72 -14.45 35.35
CA MET B 178 -8.34 -15.41 34.44
C MET B 178 -9.70 -15.89 34.91
N GLU B 179 -9.81 -16.10 36.24
CA GLU B 179 -11.05 -16.57 36.87
C GLU B 179 -12.13 -15.51 36.75
N GLN B 180 -11.75 -14.26 37.01
CA GLN B 180 -12.61 -13.09 36.87
C GLN B 180 -13.30 -13.01 35.49
N TYR B 181 -12.60 -13.42 34.43
CA TYR B 181 -13.18 -13.40 33.08
C TYR B 181 -13.61 -14.77 32.58
N GLY B 182 -13.90 -15.67 33.52
CA GLY B 182 -14.55 -16.95 33.20
C GLY B 182 -13.65 -18.09 32.76
N LEU B 183 -12.34 -17.91 32.84
CA LEU B 183 -11.43 -19.01 32.56
C LEU B 183 -11.28 -19.90 33.80
N ILE B 184 -10.97 -21.17 33.56
CA ILE B 184 -10.69 -22.13 34.61
C ILE B 184 -9.20 -22.48 34.51
N PRO B 185 -8.34 -21.77 35.28
CA PRO B 185 -6.90 -21.75 35.10
C PRO B 185 -6.21 -23.11 34.92
N GLU B 186 -6.61 -24.12 35.68
CA GLU B 186 -5.95 -25.42 35.58
C GLU B 186 -6.06 -26.02 34.16
N GLU B 187 -7.30 -26.21 33.70
CA GLU B 187 -7.60 -26.70 32.34
C GLU B 187 -7.05 -25.77 31.25
N ASP B 188 -7.24 -24.46 31.46
CA ASP B 188 -7.00 -23.47 30.43
C ASP B 188 -5.52 -23.15 30.24
N ILE B 189 -4.76 -23.04 31.33
CA ILE B 189 -3.30 -22.85 31.24
C ILE B 189 -2.70 -24.01 30.46
N CYS B 190 -3.21 -25.22 30.74
CA CYS B 190 -2.81 -26.42 30.01
C CYS B 190 -3.12 -26.27 28.50
N PHE B 191 -4.34 -25.81 28.21
CA PHE B 191 -4.81 -25.64 26.85
C PHE B 191 -3.90 -24.69 26.08
N ILE B 192 -3.64 -23.52 26.67
CA ILE B 192 -2.72 -22.53 26.13
C ILE B 192 -1.32 -23.12 25.84
N LYS B 193 -0.74 -23.83 26.80
CA LYS B 193 0.59 -24.44 26.62
C LYS B 193 0.60 -25.49 25.53
N GLU B 194 -0.49 -26.24 25.41
CA GLU B 194 -0.58 -27.28 24.41
C GLU B 194 -0.68 -26.71 23.02
N GLN B 195 -1.29 -25.53 22.93
CA GLN B 195 -1.40 -24.83 21.65
C GLN B 195 -0.03 -24.36 21.18
N ILE B 196 0.83 -23.99 22.12
CA ILE B 196 2.15 -23.45 21.80
C ILE B 196 3.15 -24.56 21.45
N VAL B 197 3.14 -25.66 22.21
CA VAL B 197 4.18 -26.69 22.08
C VAL B 197 3.69 -28.08 21.62
N GLY B 198 2.38 -28.30 21.64
CA GLY B 198 1.81 -29.60 21.28
C GLY B 198 1.55 -30.47 22.47
N PRO B 199 1.22 -31.76 22.24
CA PRO B 199 0.93 -32.70 23.31
C PRO B 199 2.07 -32.77 24.34
N LEU B 200 1.68 -32.68 25.61
CA LEU B 200 2.61 -32.71 26.72
C LEU B 200 3.12 -34.14 27.03
N GLU B 201 2.65 -35.12 26.24
CA GLU B 201 3.35 -36.39 26.04
C GLU B 201 4.18 -36.25 24.76
N LEU B 208 -5.61 -42.40 19.52
CA LEU B 208 -5.94 -42.00 20.90
C LEU B 208 -5.62 -40.51 21.18
N TRP B 209 -6.60 -39.78 21.73
CA TRP B 209 -6.56 -38.31 21.88
C TRP B 209 -5.51 -37.78 22.87
N PRO B 210 -4.43 -37.14 22.35
CA PRO B 210 -3.30 -36.80 23.22
C PRO B 210 -3.40 -35.49 24.02
N TYR B 211 -4.50 -34.73 23.86
CA TYR B 211 -4.60 -33.41 24.50
C TYR B 211 -5.53 -33.43 25.71
N LYS B 212 -5.18 -32.62 26.71
CA LYS B 212 -5.90 -32.58 27.98
C LYS B 212 -6.53 -31.23 28.32
N GLY B 213 -6.20 -30.21 27.53
CA GLY B 213 -6.81 -28.87 27.68
C GLY B 213 -8.23 -28.81 27.13
N ARG B 214 -8.47 -29.53 26.04
CA ARG B 214 -9.76 -29.62 25.39
C ARG B 214 -9.98 -31.03 24.83
N PRO B 215 -11.25 -31.48 24.75
CA PRO B 215 -11.57 -32.79 24.14
C PRO B 215 -11.65 -32.80 22.61
N GLU B 216 -11.76 -33.99 22.02
CA GLU B 216 -11.78 -34.22 20.55
C GLU B 216 -12.77 -33.36 19.77
N ASN B 217 -13.89 -33.01 20.42
CA ASN B 217 -14.91 -32.19 19.79
C ASN B 217 -14.45 -30.75 19.56
N LYS B 218 -13.33 -30.36 20.19
CA LYS B 218 -12.71 -29.06 19.97
C LYS B 218 -11.32 -29.16 19.30
N SER B 219 -11.08 -30.26 18.59
CA SER B 219 -9.75 -30.55 18.04
C SER B 219 -9.18 -29.42 17.17
N PHE B 220 -10.06 -28.81 16.36
CA PHE B 220 -9.75 -27.71 15.47
C PHE B 220 -9.13 -26.49 16.18
N LEU B 221 -9.42 -26.31 17.46
CA LEU B 221 -8.79 -25.24 18.21
C LEU B 221 -7.27 -25.37 18.31
N TYR B 222 -6.74 -26.58 18.12
CA TYR B 222 -5.29 -26.84 18.13
C TYR B 222 -4.61 -26.62 16.77
N GLU B 223 -5.42 -26.27 15.79
CA GLU B 223 -4.94 -26.01 14.44
C GLU B 223 -4.80 -24.52 14.11
N ILE B 224 -4.92 -23.65 15.10
CA ILE B 224 -4.92 -22.19 14.91
C ILE B 224 -3.55 -21.53 15.12
N VAL B 225 -2.98 -21.62 16.32
CA VAL B 225 -1.76 -20.89 16.68
C VAL B 225 -0.51 -21.59 16.16
N SER B 226 -0.47 -22.91 16.31
CA SER B 226 0.61 -23.71 15.79
C SER B 226 0.04 -25.04 15.33
N ASN B 227 0.03 -25.22 14.01
CA ASN B 227 -0.56 -26.38 13.35
C ASN B 227 0.54 -27.39 13.02
N LYS B 228 0.58 -28.44 13.82
CA LYS B 228 1.61 -29.47 13.67
C LYS B 228 1.31 -30.39 12.50
N ARG B 229 0.01 -30.48 12.14
CA ARG B 229 -0.45 -31.33 11.06
C ARG B 229 0.06 -30.89 9.69
N ASN B 230 -0.18 -29.62 9.31
CA ASN B 230 0.18 -29.15 7.95
C ASN B 230 0.94 -27.82 7.88
N GLY B 231 1.07 -27.12 9.00
CA GLY B 231 1.83 -25.88 9.00
C GLY B 231 1.01 -24.63 8.66
N ILE B 232 -0.26 -24.83 8.32
CA ILE B 232 -1.13 -23.67 8.12
C ILE B 232 -1.62 -23.13 9.46
N ASP B 233 -0.99 -22.05 9.92
CA ASP B 233 -1.41 -21.38 11.16
C ASP B 233 -1.25 -19.87 11.06
N VAL B 234 -1.79 -19.15 12.06
CA VAL B 234 -1.84 -17.71 12.09
C VAL B 234 -0.50 -17.04 12.37
N ASP B 235 0.45 -17.78 12.95
CA ASP B 235 1.78 -17.26 13.24
C ASP B 235 2.44 -16.89 11.91
N LYS B 236 2.37 -17.80 10.94
CA LYS B 236 2.91 -17.58 9.60
C LYS B 236 2.26 -16.36 8.96
N TRP B 237 0.94 -16.28 9.09
CA TRP B 237 0.17 -15.24 8.43
C TRP B 237 0.62 -13.87 8.90
N ASP B 238 0.77 -13.65 10.20
CA ASP B 238 1.27 -12.37 10.63
C ASP B 238 2.68 -12.07 10.12
N TYR B 239 3.60 -13.04 10.13
CA TYR B 239 4.97 -12.72 9.75
C TYR B 239 5.15 -12.48 8.26
N PHE B 240 4.37 -13.17 7.40
CA PHE B 240 4.38 -12.91 5.99
C PHE B 240 4.07 -11.45 5.79
N ALA B 241 2.95 -11.00 6.37
CA ALA B 241 2.51 -9.64 6.19
C ALA B 241 3.47 -8.65 6.82
N ARG B 242 3.94 -8.93 8.05
CA ARG B 242 4.75 -8.01 8.80
C ARG B 242 6.12 -7.89 8.21
N ASP B 243 6.77 -9.03 7.94
CA ASP B 243 8.12 -8.99 7.42
C ASP B 243 8.16 -8.33 6.06
N CYS B 244 7.20 -8.64 5.20
CA CYS B 244 7.12 -7.98 3.88
C CYS B 244 7.00 -6.44 3.94
N HIS B 245 6.14 -5.95 4.83
CA HIS B 245 5.90 -4.56 5.05
C HIS B 245 7.18 -3.83 5.49
N HIS B 246 7.97 -4.47 6.33
CA HIS B 246 9.25 -3.90 6.80
C HIS B 246 10.42 -4.12 5.82
N LEU B 247 10.54 -5.31 5.26
CA LEU B 247 11.61 -5.65 4.32
C LEU B 247 11.51 -4.86 3.00
N GLY B 248 10.31 -4.51 2.57
CA GLY B 248 10.10 -3.91 1.24
C GLY B 248 10.00 -4.94 0.15
N ILE B 249 9.44 -6.08 0.48
CA ILE B 249 9.01 -7.06 -0.49
C ILE B 249 7.48 -7.10 -0.40
N GLN B 250 6.83 -7.60 -1.43
CA GLN B 250 5.39 -7.55 -1.41
C GLN B 250 4.92 -8.97 -1.20
N ASN B 251 3.89 -9.09 -0.38
CA ASN B 251 3.40 -10.38 0.05
C ASN B 251 2.25 -10.87 -0.85
N ASN B 252 2.38 -12.05 -1.46
CA ASN B 252 1.30 -12.52 -2.33
C ASN B 252 0.25 -13.40 -1.65
N PHE B 253 0.39 -13.71 -0.37
CA PHE B 253 -0.63 -14.50 0.32
C PHE B 253 -1.70 -13.64 0.98
N ASP B 254 -2.97 -14.01 0.79
CA ASP B 254 -4.11 -13.30 1.36
C ASP B 254 -4.76 -14.17 2.45
N TYR B 255 -4.48 -13.86 3.71
CA TYR B 255 -4.96 -14.67 4.82
C TYR B 255 -6.47 -14.48 5.02
N LYS B 256 -6.97 -13.26 4.76
CA LYS B 256 -8.38 -12.96 4.94
C LYS B 256 -9.24 -13.82 4.05
N ARG B 257 -8.75 -14.12 2.86
CA ARG B 257 -9.44 -14.99 1.94
C ARG B 257 -9.43 -16.43 2.47
N PHE B 258 -8.32 -16.87 3.04
CA PHE B 258 -8.30 -18.20 3.63
C PHE B 258 -9.38 -18.36 4.73
N ILE B 259 -9.45 -17.36 5.61
CA ILE B 259 -10.40 -17.39 6.70
C ILE B 259 -11.83 -17.48 6.16
N LYS B 260 -12.16 -16.68 5.14
CA LYS B 260 -13.52 -16.70 4.59
C LYS B 260 -13.90 -18.04 3.97
N PHE B 261 -12.92 -18.79 3.50
CA PHE B 261 -13.16 -20.10 2.93
C PHE B 261 -12.86 -21.27 3.87
N ALA B 262 -12.66 -20.98 5.15
CA ALA B 262 -12.35 -22.03 6.09
C ALA B 262 -13.62 -22.53 6.76
N ARG B 263 -13.73 -23.84 6.85
CA ARG B 263 -14.83 -24.50 7.58
C ARG B 263 -14.29 -25.63 8.45
N VAL B 264 -14.98 -25.94 9.54
CA VAL B 264 -14.68 -27.14 10.31
C VAL B 264 -15.53 -28.33 9.84
N CYS B 265 -14.85 -29.44 9.50
CA CYS B 265 -15.50 -30.70 9.08
C CYS B 265 -14.90 -31.90 9.81
N GLU B 266 -15.69 -32.97 9.92
CA GLU B 266 -15.21 -34.23 10.46
C GLU B 266 -14.28 -34.95 9.47
N VAL B 267 -13.07 -35.26 9.92
CA VAL B 267 -12.13 -36.12 9.21
C VAL B 267 -11.63 -37.13 10.23
N ASP B 268 -11.78 -38.42 9.92
CA ASP B 268 -11.37 -39.53 10.81
C ASP B 268 -11.73 -39.28 12.28
N ASN B 269 -13.01 -38.98 12.53
CA ASN B 269 -13.58 -38.77 13.89
C ASN B 269 -13.01 -37.57 14.66
N GLU B 270 -12.32 -36.70 13.93
CA GLU B 270 -11.79 -35.43 14.45
C GLU B 270 -12.42 -34.29 13.71
N LEU B 271 -12.73 -33.21 14.43
CA LEU B 271 -13.13 -31.96 13.79
C LEU B 271 -11.90 -31.15 13.41
N ARG B 272 -11.70 -30.97 12.10
CA ARG B 272 -10.56 -30.20 11.54
C ARG B 272 -10.97 -29.01 10.68
N ILE B 273 -10.12 -27.98 10.68
CA ILE B 273 -10.23 -26.84 9.76
C ILE B 273 -9.99 -27.33 8.33
N CYS B 274 -10.99 -27.10 7.50
CA CYS B 274 -10.91 -27.46 6.10
C CYS B 274 -10.96 -26.25 5.21
N ALA B 275 -10.31 -26.37 4.07
CA ALA B 275 -10.31 -25.35 3.05
C ALA B 275 -11.24 -25.73 1.92
N ARG B 276 -11.75 -24.74 1.23
CA ARG B 276 -12.53 -24.96 0.04
C ARG B 276 -11.65 -25.57 -1.05
N ASP B 277 -12.18 -26.57 -1.77
CA ASP B 277 -11.42 -27.29 -2.78
C ASP B 277 -10.71 -26.37 -3.80
N LYS B 278 -11.43 -25.39 -4.32
CA LYS B 278 -10.93 -24.34 -5.25
C LYS B 278 -9.67 -23.64 -4.77
N GLU B 279 -9.55 -23.51 -3.45
CA GLU B 279 -8.49 -22.76 -2.82
C GLU B 279 -7.15 -23.49 -2.77
N VAL B 280 -7.09 -24.71 -3.30
CA VAL B 280 -5.91 -25.54 -3.20
C VAL B 280 -4.69 -24.85 -3.82
N GLY B 281 -4.88 -24.23 -4.99
CA GLY B 281 -3.85 -23.40 -5.64
C GLY B 281 -3.26 -22.33 -4.72
N ASN B 282 -4.10 -21.60 -4.00
CA ASN B 282 -3.67 -20.61 -3.02
C ASN B 282 -2.83 -21.16 -1.87
N LEU B 283 -3.08 -22.40 -1.51
CA LEU B 283 -2.31 -23.04 -0.46
C LEU B 283 -0.95 -23.39 -0.96
N TYR B 284 -0.85 -23.92 -2.19
CA TYR B 284 0.46 -24.17 -2.76
C TYR B 284 1.24 -22.88 -2.87
N ASP B 285 0.53 -21.81 -3.26
CA ASP B 285 1.11 -20.48 -3.31
C ASP B 285 1.57 -19.94 -1.96
N MET B 286 0.83 -20.29 -0.90
CA MET B 286 1.22 -19.89 0.45
C MET B 286 2.59 -20.43 0.83
N PHE B 287 2.88 -21.66 0.44
CA PHE B 287 4.16 -22.27 0.80
C PHE B 287 5.28 -21.81 -0.11
N HIS B 288 4.92 -21.49 -1.36
CA HIS B 288 5.86 -20.89 -2.29
C HIS B 288 6.30 -19.51 -1.74
N THR B 289 5.33 -18.75 -1.21
CA THR B 289 5.55 -17.48 -0.57
C THR B 289 6.48 -17.63 0.61
N ARG B 290 6.22 -18.63 1.45
CA ARG B 290 7.08 -18.89 2.61
C ARG B 290 8.50 -19.10 2.14
N ASN B 291 8.64 -19.91 1.08
CA ASN B 291 9.93 -20.24 0.52
C ASN B 291 10.65 -19.01 -0.03
N SER B 292 9.92 -18.12 -0.70
CA SER B 292 10.47 -16.86 -1.21
C SER B 292 11.02 -15.99 -0.13
N LEU B 293 10.33 -15.93 1.00
CA LEU B 293 10.74 -15.10 2.11
C LEU B 293 12.04 -15.59 2.72
N HIS B 294 12.14 -16.92 2.81
CA HIS B 294 13.33 -17.58 3.28
C HIS B 294 14.50 -17.32 2.33
N ARG B 295 14.27 -17.48 1.01
CA ARG B 295 15.36 -17.42 0.05
C ARG B 295 15.84 -15.98 -0.13
N ARG B 296 14.92 -15.02 -0.14
CA ARG B 296 15.31 -13.65 -0.31
C ARG B 296 15.78 -12.97 0.96
N ALA B 297 15.14 -13.27 2.09
CA ALA B 297 15.35 -12.48 3.29
C ALA B 297 15.94 -13.25 4.47
N TYR B 298 15.25 -14.29 4.94
CA TYR B 298 15.68 -14.97 6.19
C TYR B 298 17.01 -15.73 6.07
N GLN B 299 17.31 -16.19 4.86
CA GLN B 299 18.54 -16.88 4.57
C GLN B 299 19.39 -16.08 3.59
N HIS B 300 19.26 -14.76 3.58
CA HIS B 300 20.14 -13.91 2.79
C HIS B 300 21.59 -14.20 3.19
N LYS B 301 22.46 -14.33 2.18
CA LYS B 301 23.83 -14.78 2.40
C LYS B 301 24.63 -13.85 3.34
N VAL B 302 24.37 -12.55 3.28
CA VAL B 302 25.03 -11.62 4.18
C VAL B 302 24.34 -11.63 5.57
N GLY B 303 23.01 -11.74 5.57
CA GLY B 303 22.26 -11.79 6.81
C GLY B 303 22.70 -12.98 7.66
N ASN B 304 22.90 -14.11 6.98
CA ASN B 304 23.33 -15.32 7.63
C ASN B 304 24.78 -15.21 8.16
N ILE B 305 25.66 -14.53 7.41
CA ILE B 305 27.02 -14.36 7.87
C ILE B 305 27.07 -13.44 9.08
N ILE B 306 26.19 -12.43 9.10
CA ILE B 306 26.11 -11.55 10.26
C ILE B 306 25.62 -12.31 11.49
N ASP B 307 24.59 -13.13 11.30
CA ASP B 307 24.11 -14.06 12.35
C ASP B 307 25.26 -14.96 12.85
N THR B 308 26.08 -15.47 11.91
CA THR B 308 27.21 -16.33 12.27
C THR B 308 28.24 -15.56 13.11
N MET B 309 28.61 -14.36 12.66
CA MET B 309 29.49 -13.49 13.42
C MET B 309 28.94 -13.11 14.80
N ILE B 310 27.65 -12.81 14.89
CA ILE B 310 27.07 -12.42 16.19
C ILE B 310 27.11 -13.62 17.11
N THR B 311 26.73 -14.79 16.58
CA THR B 311 26.83 -16.04 17.33
C THR B 311 28.25 -16.31 17.83
N ASP B 312 29.25 -16.11 16.97
CA ASP B 312 30.65 -16.30 17.34
C ASP B 312 31.06 -15.35 18.48
N ALA B 313 30.64 -14.09 18.39
CA ALA B 313 30.89 -13.12 19.47
C ALA B 313 30.22 -13.53 20.79
N PHE B 314 28.99 -14.06 20.71
CA PHE B 314 28.29 -14.52 21.91
C PHE B 314 29.02 -15.67 22.54
N LEU B 315 29.53 -16.58 21.72
CA LEU B 315 30.32 -17.72 22.19
C LEU B 315 31.60 -17.29 22.94
N LYS B 316 32.27 -16.28 22.40
CA LYS B 316 33.47 -15.76 23.02
C LYS B 316 33.15 -14.88 24.22
N ALA B 317 31.92 -14.37 24.29
CA ALA B 317 31.51 -13.51 25.42
C ALA B 317 30.87 -14.30 26.56
N ASP B 318 30.44 -15.53 26.27
CA ASP B 318 29.54 -16.30 27.13
C ASP B 318 30.04 -16.50 28.56
N ASP B 319 31.36 -16.67 28.68
CA ASP B 319 32.03 -16.88 29.98
C ASP B 319 32.03 -15.65 30.88
N TYR B 320 31.94 -14.45 30.31
CA TYR B 320 32.20 -13.21 31.05
C TYR B 320 30.99 -12.31 31.26
N ILE B 321 29.90 -12.61 30.56
CA ILE B 321 28.66 -11.86 30.75
C ILE B 321 27.91 -12.60 31.83
N GLU B 322 27.37 -11.85 32.79
CA GLU B 322 26.56 -12.42 33.84
C GLU B 322 25.19 -11.75 33.87
N ILE B 323 24.18 -12.59 34.04
CA ILE B 323 22.80 -12.16 34.11
C ILE B 323 22.21 -12.69 35.41
N THR B 324 21.73 -11.75 36.24
CA THR B 324 21.11 -12.07 37.52
C THR B 324 19.74 -12.70 37.32
N GLY B 325 19.57 -13.89 37.88
CA GLY B 325 18.28 -14.58 37.91
C GLY B 325 17.62 -14.64 39.29
N ALA B 326 16.91 -15.74 39.54
CA ALA B 326 16.12 -15.94 40.74
C ALA B 326 17.02 -16.10 41.96
N GLY B 327 16.67 -15.39 43.02
CA GLY B 327 17.42 -15.36 44.29
C GLY B 327 18.83 -14.83 44.20
N GLY B 328 19.06 -13.88 43.28
CA GLY B 328 20.40 -13.32 43.06
C GLY B 328 21.44 -14.20 42.35
N LYS B 329 21.10 -15.45 42.04
CA LYS B 329 21.99 -16.37 41.27
C LYS B 329 22.36 -15.83 39.88
N LYS B 330 23.57 -16.13 39.43
CA LYS B 330 24.12 -15.60 38.18
C LYS B 330 24.12 -16.63 37.05
N TYR B 331 23.82 -16.17 35.85
CA TYR B 331 23.72 -17.04 34.68
C TYR B 331 24.52 -16.49 33.54
N ARG B 332 24.97 -17.38 32.67
CA ARG B 332 25.60 -17.00 31.41
C ARG B 332 24.51 -16.81 30.35
N ILE B 333 24.88 -16.20 29.22
CA ILE B 333 24.01 -16.11 28.04
C ILE B 333 23.47 -17.50 27.69
N SER B 334 24.34 -18.51 27.69
CA SER B 334 23.95 -19.88 27.32
C SER B 334 23.13 -20.63 28.37
N THR B 335 23.08 -20.11 29.60
CA THR B 335 22.37 -20.81 30.69
C THR B 335 21.13 -20.08 31.19
N ALA B 336 20.93 -18.84 30.74
CA ALA B 336 19.75 -18.07 31.12
C ALA B 336 18.45 -18.79 30.68
N ILE B 337 18.55 -19.68 29.69
CA ILE B 337 17.41 -20.54 29.29
C ILE B 337 16.92 -21.48 30.40
N ASP B 338 17.73 -21.67 31.43
CA ASP B 338 17.37 -22.55 32.57
C ASP B 338 16.62 -21.83 33.68
N ASP B 339 16.69 -20.50 33.69
CA ASP B 339 16.01 -19.68 34.67
C ASP B 339 15.30 -18.50 34.01
N MET B 340 13.97 -18.48 34.14
CA MET B 340 13.15 -17.52 33.44
C MET B 340 13.35 -16.07 33.89
N GLU B 341 13.69 -15.89 35.16
CA GLU B 341 14.00 -14.56 35.67
C GLU B 341 15.21 -13.94 34.98
N ALA B 342 16.22 -14.77 34.66
CA ALA B 342 17.40 -14.32 33.93
C ALA B 342 17.05 -14.11 32.47
N TYR B 343 16.37 -15.09 31.88
CA TYR B 343 15.93 -15.00 30.52
C TYR B 343 15.14 -13.73 30.22
N THR B 344 14.28 -13.29 31.15
CA THR B 344 13.61 -11.99 31.05
C THR B 344 14.54 -10.85 30.64
N LYS B 345 15.75 -10.85 31.21
CA LYS B 345 16.72 -9.78 31.01
C LYS B 345 17.71 -10.07 29.88
N LEU B 346 17.39 -11.08 29.08
CA LEU B 346 18.25 -11.51 27.98
C LEU B 346 17.62 -11.18 26.60
N THR B 347 18.09 -10.08 26.03
CA THR B 347 17.53 -9.51 24.82
C THR B 347 18.67 -9.05 23.88
N ASP B 348 18.35 -8.37 22.79
CA ASP B 348 19.36 -7.80 21.86
C ASP B 348 20.33 -6.83 22.57
N ASN B 349 19.98 -6.37 23.76
CA ASN B 349 20.85 -5.50 24.55
C ASN B 349 22.21 -6.12 24.84
N ILE B 350 22.26 -7.45 24.88
CA ILE B 350 23.49 -8.19 25.02
C ILE B 350 24.55 -7.85 23.97
N PHE B 351 24.11 -7.64 22.74
CA PHE B 351 24.97 -7.18 21.64
C PHE B 351 25.65 -5.86 22.00
N LEU B 352 24.89 -4.90 22.47
CA LEU B 352 25.44 -3.59 22.80
C LEU B 352 26.23 -3.60 24.10
N GLU B 353 25.85 -4.48 25.04
CA GLU B 353 26.60 -4.68 26.27
C GLU B 353 28.03 -5.10 25.92
N ILE B 354 28.16 -6.08 25.03
CA ILE B 354 29.46 -6.54 24.53
C ILE B 354 30.17 -5.44 23.76
N LEU B 355 29.44 -4.78 22.87
CA LEU B 355 30.07 -3.78 22.00
C LEU B 355 30.64 -2.60 22.78
N TYR B 356 29.96 -2.20 23.84
CA TYR B 356 30.34 -1.02 24.61
C TYR B 356 31.23 -1.32 25.81
N SER B 357 31.49 -2.59 26.05
CA SER B 357 32.30 -3.02 27.20
C SER B 357 33.75 -2.53 27.13
N THR B 358 34.36 -2.39 28.30
CA THR B 358 35.78 -2.06 28.41
C THR B 358 36.61 -3.22 28.97
N ASP B 359 35.94 -4.13 29.69
CA ASP B 359 36.57 -5.33 30.24
C ASP B 359 37.42 -6.06 29.17
N PRO B 360 38.76 -6.17 29.41
CA PRO B 360 39.65 -6.85 28.47
C PRO B 360 39.32 -8.33 28.22
N LYS B 361 38.56 -8.97 29.13
CA LYS B 361 38.13 -10.35 28.91
C LYS B 361 37.13 -10.47 27.76
N LEU B 362 36.44 -9.35 27.50
CA LEU B 362 35.45 -9.24 26.41
C LEU B 362 36.03 -8.72 25.11
N LYS B 363 37.34 -8.48 25.08
CA LYS B 363 38.00 -7.96 23.89
C LYS B 363 37.78 -8.81 22.63
N ASP B 364 37.81 -10.13 22.77
CA ASP B 364 37.65 -11.02 21.62
C ASP B 364 36.26 -10.94 21.02
N ALA B 365 35.26 -10.95 21.91
CA ALA B 365 33.87 -10.80 21.53
C ALA B 365 33.60 -9.41 20.94
N ARG B 366 34.06 -8.37 21.64
CA ARG B 366 33.96 -6.98 21.21
C ARG B 366 34.58 -6.72 19.83
N GLU B 367 35.71 -7.37 19.54
CA GLU B 367 36.41 -7.19 18.25
C GLU B 367 35.61 -7.70 17.08
N ILE B 368 34.98 -8.84 17.25
CA ILE B 368 34.12 -9.41 16.21
C ILE B 368 32.97 -8.44 15.91
N LEU B 369 32.31 -7.92 16.94
CA LEU B 369 31.21 -6.95 16.76
C LEU B 369 31.64 -5.63 16.14
N LYS B 370 32.86 -5.21 16.43
CA LYS B 370 33.39 -4.00 15.79
C LYS B 370 33.66 -4.25 14.31
N GLN B 371 33.97 -5.49 13.96
CA GLN B 371 34.18 -5.86 12.57
C GLN B 371 32.87 -5.82 11.80
N ILE B 372 31.77 -6.16 12.48
CA ILE B 372 30.44 -5.94 11.94
C ILE B 372 30.20 -4.45 11.64
N GLU B 373 30.43 -3.56 12.61
CA GLU B 373 30.25 -2.11 12.37
C GLU B 373 31.03 -1.56 11.19
N TYR B 374 32.27 -2.02 11.02
CA TYR B 374 33.15 -1.59 9.91
C TYR B 374 32.83 -2.31 8.60
N ARG B 375 31.99 -3.33 8.71
CA ARG B 375 31.55 -4.15 7.57
C ARG B 375 32.71 -4.98 7.00
N ASN B 376 33.61 -5.36 7.90
CA ASN B 376 34.65 -6.30 7.57
C ASN B 376 34.03 -7.63 7.88
N LEU B 377 33.24 -8.11 6.94
CA LEU B 377 32.52 -9.36 7.11
C LEU B 377 33.28 -10.46 6.42
N PHE B 378 33.02 -11.69 6.84
CA PHE B 378 33.53 -12.85 6.14
C PHE B 378 32.98 -12.78 4.72
N LYS B 379 33.83 -13.07 3.76
CA LYS B 379 33.51 -12.86 2.36
C LYS B 379 32.80 -14.08 1.79
N TYR B 380 31.72 -13.82 1.06
CA TYR B 380 30.98 -14.86 0.35
C TYR B 380 31.85 -15.44 -0.78
N VAL B 381 32.01 -16.75 -0.76
CA VAL B 381 32.83 -17.46 -1.75
C VAL B 381 31.94 -17.98 -2.88
N GLY B 382 30.84 -18.63 -2.49
CA GLY B 382 29.88 -19.16 -3.45
C GLY B 382 28.84 -20.04 -2.79
N GLU B 383 27.98 -20.60 -3.63
CA GLU B 383 26.84 -21.39 -3.18
C GLU B 383 26.71 -22.61 -4.08
N THR B 384 26.28 -23.72 -3.48
CA THR B 384 26.03 -24.95 -4.23
C THR B 384 24.89 -25.76 -3.59
N GLN B 385 24.50 -26.86 -4.23
CA GLN B 385 23.50 -27.79 -3.70
C GLN B 385 23.92 -29.24 -3.88
N PRO B 386 23.50 -30.13 -2.96
CA PRO B 386 23.59 -31.56 -3.23
C PRO B 386 22.72 -32.02 -4.42
N THR B 387 23.15 -33.09 -5.08
CA THR B 387 22.40 -33.69 -6.21
C THR B 387 21.79 -35.04 -5.77
N GLY B 388 20.72 -35.44 -6.47
CA GLY B 388 20.07 -36.73 -6.24
C GLY B 388 19.43 -36.81 -4.86
N GLN B 389 19.74 -37.89 -4.14
CA GLN B 389 19.22 -38.12 -2.79
C GLN B 389 20.18 -37.72 -1.63
N ILE B 390 21.32 -37.14 -1.98
CA ILE B 390 22.35 -36.75 -0.99
C ILE B 390 21.75 -35.74 0.02
N LYS B 391 21.86 -36.04 1.32
CA LYS B 391 21.30 -35.19 2.38
C LYS B 391 22.33 -35.07 3.48
N ILE B 392 22.76 -33.84 3.75
CA ILE B 392 23.79 -33.57 4.76
C ILE B 392 23.16 -33.41 6.14
N LYS B 393 23.54 -34.29 7.04
CA LYS B 393 23.00 -34.37 8.41
C LYS B 393 23.64 -33.29 9.27
N ARG B 394 22.90 -32.83 10.27
CA ARG B 394 23.35 -31.81 11.23
C ARG B 394 24.73 -32.11 11.88
N GLU B 395 24.99 -33.38 12.18
CA GLU B 395 26.26 -33.80 12.79
C GLU B 395 27.51 -33.60 11.90
N ASP B 396 27.31 -33.48 10.58
CA ASP B 396 28.42 -33.35 9.62
C ASP B 396 28.82 -31.91 9.29
N TYR B 397 28.09 -30.93 9.84
CA TYR B 397 28.31 -29.51 9.55
C TYR B 397 29.73 -29.08 9.91
N GLU B 398 30.19 -29.49 11.08
CA GLU B 398 31.55 -29.22 11.59
C GLU B 398 32.69 -29.73 10.69
N SER B 399 32.49 -30.86 10.04
CA SER B 399 33.52 -31.46 9.18
C SER B 399 33.69 -30.82 7.77
N LEU B 400 32.74 -29.95 7.39
CA LEU B 400 32.75 -29.36 6.03
C LEU B 400 33.85 -28.30 5.73
N PRO B 401 34.15 -27.39 6.69
CA PRO B 401 35.29 -26.48 6.39
C PRO B 401 36.60 -27.24 6.09
N LYS B 402 36.86 -28.33 6.84
CA LYS B 402 38.01 -29.24 6.60
C LYS B 402 38.03 -29.81 5.19
N GLU B 403 36.86 -30.27 4.72
CA GLU B 403 36.72 -30.83 3.38
C GLU B 403 37.10 -29.84 2.27
N VAL B 404 36.67 -28.58 2.42
CA VAL B 404 36.92 -27.53 1.42
C VAL B 404 38.41 -27.23 1.34
N ALA B 405 39.05 -27.10 2.50
CA ALA B 405 40.48 -26.84 2.62
C ALA B 405 41.38 -27.98 2.12
N SER B 406 40.85 -29.21 2.20
CA SER B 406 41.52 -30.43 1.74
C SER B 406 41.44 -30.68 0.23
N ALA B 407 40.56 -29.96 -0.46
CA ALA B 407 40.46 -30.04 -1.93
C ALA B 407 41.77 -29.57 -2.57
N LYS B 408 42.08 -30.15 -3.72
CA LYS B 408 43.38 -29.95 -4.37
C LYS B 408 43.20 -29.34 -5.76
N PRO B 409 42.94 -28.01 -5.83
CA PRO B 409 42.69 -27.41 -7.15
C PRO B 409 43.87 -27.37 -8.08
N LYS B 410 45.14 -27.37 -7.64
CA LYS B 410 46.32 -27.49 -8.49
C LYS B 410 46.56 -26.36 -9.51
N VAL B 411 46.57 -25.13 -9.01
CA VAL B 411 46.57 -23.89 -9.83
C VAL B 411 47.50 -22.93 -9.12
N LEU B 412 47.92 -21.84 -9.76
CA LEU B 412 48.83 -20.89 -9.14
C LEU B 412 48.14 -20.12 -8.01
N LEU B 413 48.59 -20.34 -6.79
CA LEU B 413 47.94 -19.80 -5.59
C LEU B 413 49.02 -19.12 -4.75
N ASP B 414 48.85 -17.80 -4.51
CA ASP B 414 49.78 -17.06 -3.65
C ASP B 414 49.69 -17.53 -2.20
N VAL B 415 48.48 -17.83 -1.74
CA VAL B 415 48.23 -18.28 -0.36
C VAL B 415 47.68 -19.71 -0.31
N LYS B 416 47.96 -20.36 0.82
CA LYS B 416 47.41 -21.67 1.16
C LYS B 416 46.45 -21.46 2.36
N LEU B 417 45.24 -21.98 2.24
CA LEU B 417 44.19 -21.76 3.24
C LEU B 417 43.87 -23.02 4.05
N LYS B 418 43.48 -22.82 5.31
CA LYS B 418 43.22 -23.92 6.27
C LYS B 418 41.74 -23.99 6.64
N ALA B 419 41.33 -25.08 7.28
CA ALA B 419 39.91 -25.31 7.67
C ALA B 419 39.24 -24.13 8.37
N GLU B 420 39.93 -23.55 9.36
CA GLU B 420 39.39 -22.44 10.15
C GLU B 420 39.17 -21.13 9.36
N ASP B 421 39.77 -21.02 8.17
CA ASP B 421 39.54 -19.90 7.24
C ASP B 421 38.17 -19.95 6.49
N PHE B 422 37.56 -21.13 6.48
CA PHE B 422 36.28 -21.35 5.79
C PHE B 422 35.12 -21.49 6.75
N ILE B 423 33.99 -20.88 6.40
CA ILE B 423 32.68 -21.19 6.99
C ILE B 423 31.79 -21.83 5.94
N VAL B 424 31.15 -22.93 6.34
CA VAL B 424 30.18 -23.63 5.51
C VAL B 424 28.82 -23.60 6.23
N ASP B 425 27.85 -22.97 5.58
CA ASP B 425 26.51 -22.79 6.11
C ASP B 425 25.59 -23.70 5.33
N VAL B 426 25.01 -24.69 6.00
CA VAL B 426 24.02 -25.54 5.36
C VAL B 426 22.63 -25.08 5.74
N ILE B 427 21.80 -24.89 4.71
CA ILE B 427 20.46 -24.34 4.86
C ILE B 427 19.44 -25.34 4.36
N ASN B 428 18.49 -25.70 5.22
CA ASN B 428 17.36 -26.51 4.82
C ASN B 428 16.19 -25.68 4.34
N MET B 429 15.89 -25.81 3.05
CA MET B 429 14.74 -25.11 2.44
C MET B 429 13.66 -26.16 2.20
N ASP B 430 12.54 -26.02 2.89
CA ASP B 430 11.43 -26.96 2.73
C ASP B 430 10.09 -26.28 2.89
N TYR B 431 9.03 -27.02 2.61
CA TYR B 431 7.65 -26.53 2.76
C TYR B 431 7.09 -26.77 4.16
N GLY B 432 7.95 -26.96 5.16
CA GLY B 432 7.53 -27.04 6.57
C GLY B 432 7.38 -28.42 7.16
N MET B 433 7.51 -29.44 6.32
CA MET B 433 7.25 -30.81 6.74
C MET B 433 8.26 -31.76 6.13
N GLN B 434 9.53 -31.37 6.23
CA GLN B 434 10.66 -32.14 5.72
C GLN B 434 10.41 -32.39 4.24
N GLU B 435 10.54 -33.64 3.78
CA GLU B 435 10.35 -33.98 2.37
C GLU B 435 8.88 -34.09 1.94
N LYS B 436 7.95 -34.07 2.90
CA LYS B 436 6.53 -34.29 2.63
C LYS B 436 5.84 -33.04 2.04
N ASN B 437 4.78 -33.27 1.27
CA ASN B 437 3.94 -32.21 0.71
C ASN B 437 2.86 -31.86 1.74
N PRO B 438 2.89 -30.63 2.29
CA PRO B 438 1.91 -30.27 3.34
C PRO B 438 0.45 -30.29 2.88
N ILE B 439 0.24 -30.18 1.57
CA ILE B 439 -1.08 -30.12 1.00
C ILE B 439 -1.77 -31.48 1.08
N ASP B 440 -0.98 -32.57 1.12
CA ASP B 440 -1.51 -33.90 1.37
C ASP B 440 -2.09 -34.07 2.78
N HIS B 441 -1.84 -33.11 3.65
CA HIS B 441 -2.31 -33.13 5.05
C HIS B 441 -3.34 -32.02 5.30
N VAL B 442 -3.92 -31.55 4.20
CA VAL B 442 -5.00 -30.58 4.27
C VAL B 442 -6.25 -31.29 3.80
N SER B 443 -7.33 -31.05 4.55
CA SER B 443 -8.64 -31.51 4.15
C SER B 443 -9.43 -30.39 3.52
N PHE B 444 -10.26 -30.76 2.53
CA PHE B 444 -11.01 -29.83 1.70
C PHE B 444 -12.50 -30.12 1.72
N TYR B 445 -13.29 -29.17 1.23
CA TYR B 445 -14.73 -29.36 1.04
C TYR B 445 -15.16 -28.70 -0.26
N CYS B 446 -16.31 -29.13 -0.78
CA CYS B 446 -16.88 -28.62 -2.03
C CYS B 446 -18.08 -27.74 -1.77
N LYS B 447 -18.35 -26.86 -2.71
CA LYS B 447 -19.48 -25.95 -2.67
C LYS B 447 -20.80 -26.70 -2.46
N THR B 448 -20.92 -27.83 -3.14
CA THR B 448 -22.14 -28.67 -3.14
C THR B 448 -22.35 -29.50 -1.87
N ALA B 449 -21.29 -29.78 -1.10
CA ALA B 449 -21.37 -30.50 0.19
C ALA B 449 -20.37 -29.96 1.23
N PRO B 450 -20.75 -28.86 1.90
CA PRO B 450 -19.84 -28.08 2.76
C PRO B 450 -19.42 -28.81 4.02
N ASN B 451 -20.19 -29.83 4.42
CA ASN B 451 -19.84 -30.59 5.62
C ASN B 451 -19.08 -31.86 5.34
N ARG B 452 -18.87 -32.15 4.06
CA ARG B 452 -18.16 -33.38 3.66
C ARG B 452 -16.70 -33.10 3.28
N ALA B 453 -15.79 -33.56 4.13
CA ALA B 453 -14.36 -33.39 3.90
C ALA B 453 -13.87 -34.34 2.81
N ILE B 454 -12.89 -33.88 2.02
CA ILE B 454 -12.25 -34.69 0.95
C ILE B 454 -10.74 -34.43 0.90
N ARG B 455 -10.04 -35.22 0.12
CA ARG B 455 -8.59 -35.10 -0.09
C ARG B 455 -8.31 -34.75 -1.54
N ILE B 456 -7.18 -34.10 -1.78
CA ILE B 456 -6.78 -33.70 -3.13
C ILE B 456 -5.32 -34.09 -3.32
N THR B 457 -5.05 -34.86 -4.36
CA THR B 457 -3.70 -35.36 -4.70
C THR B 457 -3.02 -34.37 -5.63
N LYS B 458 -1.69 -34.45 -5.78
CA LYS B 458 -0.91 -33.39 -6.50
C LYS B 458 -1.23 -33.30 -8.02
N ASN B 459 -1.38 -34.47 -8.63
CA ASN B 459 -1.91 -34.69 -9.97
C ASN B 459 -3.24 -33.99 -10.30
N GLN B 460 -4.09 -33.98 -9.28
CA GLN B 460 -5.40 -33.30 -9.34
C GLN B 460 -5.33 -31.78 -9.36
N VAL B 461 -4.15 -31.20 -9.11
CA VAL B 461 -4.01 -29.74 -9.01
C VAL B 461 -3.32 -29.08 -10.19
N SER B 462 -2.08 -29.49 -10.46
CA SER B 462 -1.28 -28.84 -11.50
C SER B 462 0.02 -29.60 -11.75
N GLN B 463 0.42 -29.67 -13.03
CA GLN B 463 1.70 -30.23 -13.41
C GLN B 463 2.84 -29.21 -13.22
N LEU B 464 2.48 -27.95 -12.97
CA LEU B 464 3.45 -26.86 -12.82
C LEU B 464 3.95 -26.68 -11.39
N LEU B 465 3.58 -27.60 -10.50
CA LEU B 465 3.96 -27.52 -9.11
C LEU B 465 5.30 -28.21 -8.87
N PRO B 466 5.91 -28.02 -7.68
CA PRO B 466 7.21 -28.64 -7.43
C PRO B 466 7.11 -30.18 -7.33
N GLU B 467 8.14 -30.88 -7.81
CA GLU B 467 8.25 -32.33 -7.67
C GLU B 467 8.76 -32.70 -6.28
N LYS B 468 9.68 -31.89 -5.74
CA LYS B 468 10.27 -32.14 -4.45
C LYS B 468 9.91 -30.99 -3.51
N PHE B 469 9.87 -31.25 -2.21
CA PHE B 469 9.42 -30.26 -1.23
C PHE B 469 10.44 -29.93 -0.16
N ALA B 470 11.67 -30.41 -0.38
CA ALA B 470 12.83 -30.08 0.47
C ALA B 470 14.10 -30.11 -0.36
N GLU B 471 15.00 -29.18 -0.02
CA GLU B 471 16.31 -29.11 -0.66
C GLU B 471 17.29 -28.53 0.33
N GLN B 472 18.58 -28.57 -0.03
CA GLN B 472 19.64 -27.96 0.78
C GLN B 472 20.50 -27.00 -0.01
N LEU B 473 20.83 -25.88 0.63
CA LEU B 473 21.78 -24.93 0.08
C LEU B 473 23.02 -24.96 0.94
N ILE B 474 24.17 -24.91 0.28
CA ILE B 474 25.46 -24.82 0.92
C ILE B 474 26.11 -23.52 0.49
N ARG B 475 26.27 -22.63 1.45
CA ARG B 475 27.09 -21.43 1.24
C ARG B 475 28.46 -21.63 1.83
N VAL B 476 29.47 -21.13 1.12
CA VAL B 476 30.83 -21.08 1.63
C VAL B 476 31.28 -19.63 1.75
N TYR B 477 31.93 -19.31 2.87
CA TYR B 477 32.52 -18.00 3.10
C TYR B 477 33.97 -18.15 3.53
N CYS B 478 34.75 -17.09 3.38
CA CYS B 478 36.15 -17.08 3.77
C CYS B 478 36.36 -16.00 4.82
N LYS B 479 36.96 -16.38 5.94
CA LYS B 479 37.36 -15.44 7.00
C LYS B 479 38.50 -14.50 6.59
N LYS B 480 39.32 -14.92 5.62
CA LYS B 480 40.36 -14.07 5.07
C LYS B 480 39.82 -13.19 3.96
N VAL B 481 40.00 -11.88 4.13
CA VAL B 481 39.22 -10.88 3.36
C VAL B 481 39.95 -10.20 2.19
N ASP B 482 41.27 -10.37 2.12
CA ASP B 482 42.08 -9.80 1.02
C ASP B 482 41.79 -10.48 -0.32
N ARG B 483 42.16 -9.79 -1.39
CA ARG B 483 41.85 -10.21 -2.77
C ARG B 483 42.45 -11.60 -3.12
N LYS B 484 43.67 -11.84 -2.65
CA LYS B 484 44.43 -13.07 -2.95
C LYS B 484 43.87 -14.32 -2.26
N SER B 485 43.49 -14.16 -0.99
CA SER B 485 42.81 -15.21 -0.23
C SER B 485 41.45 -15.56 -0.83
N LEU B 486 40.70 -14.54 -1.22
CA LEU B 486 39.37 -14.73 -1.80
C LEU B 486 39.46 -15.50 -3.13
N TYR B 487 40.44 -15.12 -3.96
CA TYR B 487 40.72 -15.86 -5.19
C TYR B 487 41.02 -17.34 -4.90
N ALA B 488 41.92 -17.59 -3.95
CA ALA B 488 42.29 -18.95 -3.56
C ALA B 488 41.09 -19.74 -3.05
N ALA B 489 40.33 -19.12 -2.15
CA ALA B 489 39.10 -19.69 -1.57
C ALA B 489 38.11 -20.17 -2.62
N ARG B 490 37.95 -19.37 -3.67
CA ARG B 490 37.07 -19.71 -4.78
C ARG B 490 37.52 -20.96 -5.52
N GLN B 491 38.84 -21.12 -5.65
CA GLN B 491 39.44 -22.31 -6.30
C GLN B 491 39.20 -23.57 -5.51
N TYR B 492 39.50 -23.52 -4.21
CA TYR B 492 39.17 -24.62 -3.27
C TYR B 492 37.68 -24.98 -3.35
N PHE B 493 36.83 -23.96 -3.27
CA PHE B 493 35.39 -24.17 -3.25
C PHE B 493 34.86 -24.88 -4.51
N VAL B 494 35.17 -24.35 -5.68
CA VAL B 494 34.72 -24.93 -6.96
C VAL B 494 35.25 -26.36 -7.15
N GLN B 495 36.48 -26.58 -6.69
CA GLN B 495 37.07 -27.92 -6.70
C GLN B 495 36.30 -28.88 -5.79
N TRP B 496 35.95 -28.41 -4.60
CA TRP B 496 35.19 -29.20 -3.64
C TRP B 496 33.81 -29.58 -4.19
N CYS B 497 33.18 -28.65 -4.92
CA CYS B 497 31.92 -28.90 -5.62
C CYS B 497 32.06 -30.04 -6.61
N ALA B 498 33.09 -29.93 -7.47
CA ALA B 498 33.39 -30.97 -8.46
C ALA B 498 33.58 -32.34 -7.77
N ASP B 499 34.42 -32.34 -6.72
CA ASP B 499 34.78 -33.53 -5.94
C ASP B 499 33.61 -34.22 -5.23
N ARG B 500 32.66 -33.43 -4.72
CA ARG B 500 31.49 -33.97 -4.03
C ARG B 500 30.30 -34.26 -4.97
N ASN B 501 30.48 -33.90 -6.25
CA ASN B 501 29.47 -33.99 -7.31
C ASN B 501 28.23 -33.11 -7.02
N PHE B 502 28.48 -31.94 -6.41
CA PHE B 502 27.47 -30.92 -6.16
C PHE B 502 27.22 -30.10 -7.42
N THR B 503 26.22 -29.22 -7.37
CA THR B 503 25.86 -28.41 -8.53
C THR B 503 26.96 -27.42 -8.88
N LYS B 504 27.08 -27.10 -10.16
CA LYS B 504 27.98 -26.05 -10.59
C LYS B 504 27.53 -24.73 -9.96
N PRO B 505 28.43 -24.07 -9.20
CA PRO B 505 28.13 -22.69 -8.76
C PRO B 505 27.75 -21.81 -9.95
N GLN B 506 26.73 -20.96 -9.78
CA GLN B 506 26.21 -20.13 -10.89
C GLN B 506 27.31 -19.32 -11.62
N ASP B 507 28.23 -18.75 -10.83
CA ASP B 507 29.33 -17.92 -11.31
C ASP B 507 30.62 -18.71 -11.56
N GLY B 508 30.50 -20.03 -11.59
CA GLY B 508 31.62 -20.96 -11.65
C GLY B 508 32.66 -20.68 -12.73
N ASP B 509 32.19 -20.41 -13.95
CA ASP B 509 33.05 -20.11 -15.09
C ASP B 509 33.80 -18.77 -14.96
N VAL B 510 33.25 -17.86 -14.18
CA VAL B 510 33.85 -16.55 -13.95
C VAL B 510 34.87 -16.61 -12.79
N ILE B 511 34.46 -17.21 -11.66
CA ILE B 511 35.30 -17.23 -10.45
C ILE B 511 36.42 -18.27 -10.49
N ALA B 512 36.23 -19.34 -11.26
CA ALA B 512 37.23 -20.42 -11.37
C ALA B 512 37.31 -21.03 -12.79
N PRO B 513 37.70 -20.20 -13.81
CA PRO B 513 37.69 -20.67 -15.21
C PRO B 513 38.61 -21.87 -15.49
N LEU B 514 39.64 -22.07 -14.65
CA LEU B 514 40.58 -23.17 -14.80
C LEU B 514 40.12 -24.48 -14.14
N ILE B 515 39.08 -24.39 -13.30
CA ILE B 515 38.58 -25.54 -12.54
C ILE B 515 37.32 -26.16 -13.17
N THR B 516 36.40 -25.34 -13.65
CA THR B 516 35.12 -25.83 -14.19
C THR B 516 35.18 -26.76 -15.43
N PRO B 517 36.20 -26.59 -16.33
CA PRO B 517 36.28 -27.51 -17.49
C PRO B 517 36.59 -28.99 -17.18
N GLN B 518 37.20 -29.28 -16.02
CA GLN B 518 37.48 -30.67 -15.62
C GLN B 518 36.21 -31.52 -15.43
N LYS B 519 35.10 -30.87 -15.05
CA LYS B 519 33.85 -31.57 -14.80
C LYS B 519 32.99 -31.57 -16.07
N LYS B 520 32.89 -32.77 -16.68
CA LYS B 520 32.14 -32.96 -17.92
C LYS B 520 30.63 -32.70 -17.79
N GLU B 521 30.05 -33.09 -16.65
CA GLU B 521 28.62 -32.89 -16.35
C GLU B 521 28.24 -31.39 -16.42
N TRP B 522 29.21 -30.53 -16.17
CA TRP B 522 28.99 -29.08 -16.22
C TRP B 522 29.22 -28.47 -17.62
N ASN B 523 29.60 -29.29 -18.60
CA ASN B 523 29.96 -28.86 -19.97
C ASN B 523 29.29 -29.66 -21.08
N ASP C 37 35.67 0.23 -7.00
CA ASP C 37 34.32 0.20 -6.38
C ASP C 37 33.22 0.87 -7.25
N THR C 38 32.07 0.19 -7.32
CA THR C 38 30.82 0.81 -7.83
C THR C 38 29.73 0.80 -6.71
N MET C 39 28.50 1.05 -7.12
CA MET C 39 27.39 1.35 -6.22
C MET C 39 26.90 0.14 -5.41
N LYS C 40 26.55 0.37 -4.15
CA LYS C 40 25.76 -0.60 -3.41
C LYS C 40 24.29 -0.27 -3.46
N VAL C 41 23.48 -1.31 -3.67
CA VAL C 41 22.03 -1.15 -3.69
C VAL C 41 21.44 -1.57 -2.34
N ILE C 42 20.65 -0.68 -1.75
CA ILE C 42 19.97 -0.94 -0.48
C ILE C 42 18.47 -0.95 -0.77
N ASN C 43 17.76 -1.99 -0.30
CA ASN C 43 16.28 -2.02 -0.37
C ASN C 43 15.66 -1.45 0.87
N ASP C 44 15.12 -0.24 0.73
CA ASP C 44 14.39 0.43 1.80
C ASP C 44 12.87 0.25 1.57
N PRO C 45 12.09 -0.04 2.63
CA PRO C 45 10.64 -0.19 2.46
C PRO C 45 9.97 1.07 1.97
N ILE C 46 10.51 2.25 2.30
CA ILE C 46 9.87 3.50 1.89
C ILE C 46 10.22 3.89 0.46
N HIS C 47 11.51 3.85 0.14
CA HIS C 47 12.01 4.34 -1.13
C HIS C 47 12.33 3.28 -2.14
N GLY C 48 12.27 2.01 -1.74
CA GLY C 48 12.61 0.94 -2.68
C GLY C 48 14.12 0.85 -2.81
N HIS C 49 14.60 0.53 -4.00
CA HIS C 49 16.03 0.35 -4.19
C HIS C 49 16.78 1.68 -4.34
N ILE C 50 17.74 1.88 -3.45
CA ILE C 50 18.51 3.11 -3.31
C ILE C 50 19.93 2.77 -3.71
N GLU C 51 20.54 3.58 -4.56
CA GLU C 51 21.97 3.41 -4.83
C GLU C 51 22.82 4.25 -3.86
N LEU C 52 23.88 3.63 -3.34
CA LEU C 52 24.83 4.33 -2.51
C LEU C 52 26.19 4.36 -3.15
N HIS C 53 26.69 5.58 -3.37
CA HIS C 53 28.04 5.84 -3.84
C HIS C 53 29.06 5.24 -2.87
N PRO C 54 30.17 4.64 -3.39
CA PRO C 54 31.16 4.01 -2.45
C PRO C 54 31.67 4.91 -1.32
N LEU C 55 31.70 6.23 -1.55
CA LEU C 55 32.07 7.19 -0.50
C LEU C 55 31.04 7.19 0.62
N LEU C 56 29.75 7.18 0.27
CA LEU C 56 28.70 7.11 1.28
C LEU C 56 28.77 5.78 2.03
N VAL C 57 29.09 4.71 1.34
CA VAL C 57 29.26 3.41 1.99
C VAL C 57 30.33 3.49 3.07
N ARG C 58 31.43 4.16 2.74
CA ARG C 58 32.53 4.33 3.70
C ARG C 58 32.11 5.15 4.91
N ILE C 59 31.34 6.21 4.68
CA ILE C 59 30.82 7.04 5.80
C ILE C 59 29.85 6.24 6.69
N ILE C 60 28.97 5.45 6.05
CA ILE C 60 28.01 4.56 6.70
C ILE C 60 28.66 3.46 7.52
N ASP C 61 29.71 2.83 7.01
CA ASP C 61 30.35 1.71 7.72
C ASP C 61 31.40 2.11 8.77
N THR C 62 30.93 2.87 9.75
CA THR C 62 31.72 3.41 10.85
C THR C 62 30.84 3.33 12.09
N PRO C 63 31.46 3.16 13.29
CA PRO C 63 30.68 3.11 14.55
C PRO C 63 29.87 4.39 14.83
N GLN C 64 30.27 5.50 14.25
CA GLN C 64 29.64 6.81 14.51
C GLN C 64 28.31 6.88 13.80
N PHE C 65 28.27 6.23 12.63
CA PHE C 65 27.05 6.17 11.85
C PHE C 65 26.22 4.97 12.26
N GLN C 66 26.83 3.80 12.41
CA GLN C 66 26.11 2.58 12.75
C GLN C 66 25.38 2.70 14.07
N ARG C 67 25.92 3.57 14.93
CA ARG C 67 25.29 3.97 16.18
C ARG C 67 23.80 4.24 16.01
N LEU C 68 23.42 4.76 14.85
CA LEU C 68 22.07 5.23 14.65
C LEU C 68 21.05 4.08 14.57
N ARG C 69 21.51 2.85 14.38
CA ARG C 69 20.68 1.65 14.46
C ARG C 69 20.14 1.43 15.84
N TYR C 70 20.69 2.13 16.84
CA TYR C 70 20.28 1.84 18.21
C TYR C 70 19.62 3.04 18.84
N ILE C 71 19.13 3.95 18.01
CA ILE C 71 18.36 5.08 18.49
C ILE C 71 17.00 5.10 17.76
N LYS C 72 15.91 4.89 18.50
CA LYS C 72 14.55 4.86 17.92
C LYS C 72 14.22 6.25 17.44
N GLN C 73 13.66 6.32 16.24
CA GLN C 73 13.22 7.55 15.62
C GLN C 73 12.27 8.33 16.53
N LEU C 74 11.29 7.65 17.13
CA LEU C 74 10.20 8.29 17.85
C LEU C 74 10.25 8.07 19.36
N GLY C 75 11.39 7.59 19.86
CA GLY C 75 11.58 7.41 21.31
C GLY C 75 10.39 6.72 21.97
N GLY C 76 9.71 7.46 22.85
CA GLY C 76 8.58 6.92 23.62
C GLY C 76 7.36 6.51 22.82
N GLY C 77 7.28 6.97 21.56
CA GLY C 77 6.15 6.67 20.71
C GLY C 77 5.95 5.17 20.50
N TYR C 78 7.06 4.43 20.47
CA TYR C 78 7.01 2.99 20.31
C TYR C 78 6.20 2.32 21.44
N TYR C 79 6.14 2.97 22.60
CA TYR C 79 5.39 2.45 23.72
C TYR C 79 3.90 2.75 23.59
N VAL C 80 3.52 3.47 22.52
CA VAL C 80 2.14 3.73 22.22
C VAL C 80 1.77 3.15 20.84
N PHE C 81 2.63 3.35 19.86
CA PHE C 81 2.43 2.82 18.53
C PHE C 81 3.36 1.66 18.32
N PRO C 82 2.86 0.44 18.41
CA PRO C 82 3.79 -0.67 18.37
C PRO C 82 4.53 -0.85 17.06
N GLY C 83 4.07 -0.21 15.99
CA GLY C 83 4.80 -0.30 14.72
C GLY C 83 6.06 0.57 14.71
N ALA C 84 6.12 1.55 15.59
CA ALA C 84 7.13 2.61 15.53
C ALA C 84 8.43 2.19 16.18
N SER C 85 8.97 1.08 15.69
CA SER C 85 10.20 0.47 16.14
C SER C 85 11.40 0.93 15.31
N HIS C 86 11.15 1.66 14.24
CA HIS C 86 12.21 2.13 13.36
C HIS C 86 13.22 3.04 14.05
N ASN C 87 14.46 2.98 13.58
CA ASN C 87 15.58 3.72 14.12
C ASN C 87 16.08 4.85 13.21
N ARG C 88 16.95 5.71 13.76
CA ARG C 88 17.50 6.84 13.01
C ARG C 88 18.36 6.41 11.82
N PHE C 89 18.96 5.22 11.90
CA PHE C 89 19.77 4.68 10.84
C PHE C 89 19.04 4.72 9.50
N GLU C 90 17.89 4.05 9.44
CA GLU C 90 17.15 3.94 8.19
C GLU C 90 16.60 5.29 7.75
N HIS C 91 16.21 6.12 8.71
CA HIS C 91 15.77 7.47 8.39
C HIS C 91 16.90 8.27 7.69
N SER C 92 18.12 8.20 8.25
CA SER C 92 19.33 8.80 7.66
C SER C 92 19.59 8.35 6.21
N LEU C 93 19.50 7.05 5.91
CA LEU C 93 19.67 6.61 4.53
C LEU C 93 18.64 7.28 3.64
N GLY C 94 17.42 7.42 4.13
CA GLY C 94 16.33 8.00 3.35
C GLY C 94 16.58 9.47 3.13
N VAL C 95 17.07 10.17 4.14
CA VAL C 95 17.35 11.61 3.99
C VAL C 95 18.47 11.83 2.96
N GLY C 96 19.48 10.98 3.01
CA GLY C 96 20.57 11.00 2.06
C GLY C 96 20.08 10.75 0.66
N TYR C 97 19.26 9.72 0.50
CA TYR C 97 18.77 9.35 -0.80
C TYR C 97 17.94 10.49 -1.40
N LEU C 98 17.03 11.04 -0.61
CA LEU C 98 16.15 12.12 -1.06
C LEU C 98 16.92 13.40 -1.37
N ALA C 99 17.93 13.70 -0.58
CA ALA C 99 18.78 14.85 -0.81
C ALA C 99 19.37 14.71 -2.20
N GLY C 100 19.85 13.53 -2.52
CA GLY C 100 20.42 13.20 -3.83
C GLY C 100 19.43 13.30 -4.95
N CYS C 101 18.21 12.80 -4.74
CA CYS C 101 17.11 12.94 -5.70
C CYS C 101 16.83 14.38 -6.05
N LEU C 102 16.71 15.26 -5.05
CA LEU C 102 16.34 16.64 -5.31
C LEU C 102 17.42 17.37 -6.11
N VAL C 103 18.67 17.27 -5.64
CA VAL C 103 19.79 17.94 -6.26
C VAL C 103 20.01 17.41 -7.67
N HIS C 104 19.82 16.12 -7.86
CA HIS C 104 20.01 15.49 -9.17
C HIS C 104 18.94 15.92 -10.18
N ALA C 105 17.69 15.98 -9.72
CA ALA C 105 16.58 16.46 -10.54
C ALA C 105 16.72 17.92 -10.93
N LEU C 106 17.18 18.75 -9.99
CA LEU C 106 17.44 20.16 -10.26
C LEU C 106 18.51 20.30 -11.33
N GLY C 107 19.57 19.50 -11.21
CA GLY C 107 20.68 19.45 -12.15
C GLY C 107 20.23 19.07 -13.54
N GLU C 108 19.37 18.07 -13.66
CA GLU C 108 18.92 17.62 -14.96
C GLU C 108 17.98 18.59 -15.65
N LYS C 109 17.09 19.26 -14.91
CA LYS C 109 16.18 20.30 -15.48
C LYS C 109 16.91 21.60 -15.82
N GLN C 110 17.95 21.92 -15.07
CA GLN C 110 18.62 23.21 -15.19
C GLN C 110 20.15 23.03 -15.18
N PRO C 111 20.74 22.61 -16.33
CA PRO C 111 22.22 22.46 -16.39
C PRO C 111 22.97 23.79 -16.22
N GLU C 112 22.27 24.91 -16.45
CA GLU C 112 22.85 26.24 -16.24
C GLU C 112 23.21 26.53 -14.78
N LEU C 113 22.73 25.67 -13.86
CA LEU C 113 23.07 25.80 -12.43
C LEU C 113 24.50 25.35 -12.13
N GLN C 114 25.06 24.54 -13.04
CA GLN C 114 26.43 23.99 -12.94
C GLN C 114 26.61 23.15 -11.68
N ILE C 115 25.60 22.34 -11.37
CA ILE C 115 25.68 21.36 -10.30
C ILE C 115 26.60 20.21 -10.75
N SER C 116 27.71 20.03 -10.03
CA SER C 116 28.69 18.96 -10.33
C SER C 116 28.41 17.67 -9.54
N GLU C 117 29.00 16.56 -9.97
CA GLU C 117 28.95 15.29 -9.22
C GLU C 117 29.49 15.46 -7.79
N ARG C 118 30.43 16.39 -7.65
CA ARG C 118 30.98 16.80 -6.38
C ARG C 118 29.90 17.42 -5.51
N ASP C 119 29.11 18.34 -6.07
CA ASP C 119 28.01 18.98 -5.35
C ASP C 119 26.95 17.96 -4.86
N VAL C 120 26.62 17.00 -5.72
CA VAL C 120 25.65 15.96 -5.40
C VAL C 120 26.15 15.12 -4.21
N LEU C 121 27.41 14.70 -4.26
CA LEU C 121 27.98 13.93 -3.17
C LEU C 121 27.93 14.65 -1.83
N CYS C 122 28.26 15.94 -1.82
CA CYS C 122 28.25 16.72 -0.58
C CYS C 122 26.85 16.89 -0.01
N VAL C 123 25.85 17.03 -0.88
CA VAL C 123 24.48 17.12 -0.45
C VAL C 123 23.96 15.77 0.11
N GLN C 124 24.30 14.67 -0.59
CA GLN C 124 24.01 13.34 -0.08
C GLN C 124 24.67 13.13 1.29
N ILE C 125 25.95 13.49 1.42
CA ILE C 125 26.65 13.32 2.69
C ILE C 125 25.99 14.13 3.81
N ALA C 126 25.67 15.39 3.54
CA ALA C 126 24.98 16.19 4.52
C ALA C 126 23.65 15.55 4.93
N GLY C 127 22.89 15.03 3.95
CA GLY C 127 21.63 14.32 4.21
C GLY C 127 21.77 13.09 5.10
N LEU C 128 22.78 12.25 4.82
CA LEU C 128 23.09 11.07 5.63
C LEU C 128 23.40 11.47 7.05
N CYS C 129 24.16 12.55 7.16
CA CYS C 129 24.84 12.86 8.40
C CYS C 129 24.13 13.85 9.27
N ARG C 130 23.04 14.44 8.81
CA ARG C 130 22.34 15.38 9.70
C ARG C 130 21.62 14.75 10.90
N ASN C 131 21.60 13.44 11.02
CA ASN C 131 21.02 12.79 12.20
C ASN C 131 22.04 12.19 13.15
N LEU C 132 23.32 12.39 12.85
CA LEU C 132 24.43 11.80 13.62
C LEU C 132 24.42 12.20 15.09
N GLY C 133 23.97 13.41 15.36
CA GLY C 133 23.96 13.95 16.69
C GLY C 133 22.85 13.58 17.64
N HIS C 134 21.89 12.80 17.16
CA HIS C 134 20.78 12.42 18.02
C HIS C 134 21.24 11.54 19.17
N GLY C 135 20.68 11.83 20.34
CA GLY C 135 20.95 11.02 21.52
C GLY C 135 19.93 9.93 21.67
N PRO C 136 19.97 9.20 22.81
CA PRO C 136 19.00 8.14 23.06
C PRO C 136 17.60 8.70 23.04
N PHE C 137 16.70 7.98 22.36
CA PHE C 137 15.29 8.35 22.21
C PHE C 137 15.07 9.67 21.47
N SER C 138 16.00 9.98 20.56
CA SER C 138 15.90 11.10 19.64
C SER C 138 15.53 12.41 20.31
N HIS C 139 14.32 12.91 20.05
CA HIS C 139 13.97 14.25 20.51
C HIS C 139 13.78 14.39 22.03
N MET C 140 13.58 13.29 22.74
CA MET C 140 13.48 13.41 24.17
C MET C 140 14.84 13.85 24.77
N PHE C 141 15.93 13.31 24.24
CA PHE C 141 17.25 13.67 24.71
C PHE C 141 17.56 15.16 24.61
N ASP C 142 17.37 15.77 23.44
CA ASP C 142 17.68 17.19 23.36
C ASP C 142 16.53 18.08 23.78
N GLY C 143 15.32 17.56 23.71
CA GLY C 143 14.12 18.33 24.11
C GLY C 143 13.72 18.26 25.57
N ARG C 144 13.97 17.15 26.24
CA ARG C 144 13.57 17.01 27.65
C ARG C 144 14.76 16.87 28.57
N PHE C 145 15.61 15.89 28.28
CA PHE C 145 16.66 15.48 29.20
C PHE C 145 17.79 16.50 29.43
N ILE C 146 18.51 16.87 28.37
CA ILE C 146 19.59 17.85 28.49
C ILE C 146 19.17 19.22 29.08
N PRO C 147 18.00 19.79 28.66
CA PRO C 147 17.56 21.03 29.34
C PRO C 147 17.40 20.89 30.86
N LEU C 148 16.86 19.77 31.33
CA LEU C 148 16.76 19.51 32.77
C LEU C 148 18.11 19.20 33.42
N ALA C 149 18.90 18.35 32.77
CA ALA C 149 20.18 17.88 33.31
C ALA C 149 21.32 18.89 33.26
N ARG C 150 21.37 19.70 32.22
CA ARG C 150 22.43 20.69 32.02
C ARG C 150 21.81 22.03 31.58
N PRO C 151 21.12 22.72 32.50
CA PRO C 151 20.41 23.98 32.15
C PRO C 151 21.28 25.09 31.58
N GLU C 152 22.51 25.15 32.03
CA GLU C 152 23.48 26.20 31.63
C GLU C 152 23.95 26.08 30.18
N VAL C 153 23.98 24.87 29.62
CA VAL C 153 24.36 24.68 28.20
C VAL C 153 23.17 24.84 27.25
N LYS C 154 23.47 25.22 26.02
CA LYS C 154 22.46 25.24 24.95
C LYS C 154 22.88 24.23 23.90
N TRP C 155 22.19 23.10 23.90
CA TRP C 155 22.54 21.99 23.04
C TRP C 155 21.40 21.63 22.10
N THR C 156 21.76 21.30 20.87
CA THR C 156 20.82 20.83 19.86
C THR C 156 21.45 19.62 19.21
N HIS C 157 20.61 18.71 18.73
CA HIS C 157 21.11 17.54 18.01
C HIS C 157 21.93 17.96 16.75
N GLU C 158 21.61 19.12 16.19
CA GLU C 158 22.31 19.63 14.99
C GLU C 158 23.77 19.92 15.32
N GLN C 159 24.03 20.57 16.47
CA GLN C 159 25.41 20.78 16.89
C GLN C 159 26.10 19.46 17.05
N GLY C 160 25.37 18.50 17.61
CA GLY C 160 25.87 17.14 17.86
C GLY C 160 26.30 16.50 16.57
N SER C 161 25.50 16.69 15.53
CA SER C 161 25.75 16.11 14.22
C SER C 161 27.07 16.62 13.63
N VAL C 162 27.30 17.93 13.73
CA VAL C 162 28.54 18.57 13.27
C VAL C 162 29.77 17.97 13.95
N MET C 163 29.71 17.91 15.29
CA MET C 163 30.78 17.38 16.12
C MET C 163 31.03 15.92 15.79
N MET C 164 29.94 15.14 15.66
CA MET C 164 29.99 13.72 15.39
C MET C 164 30.52 13.46 14.00
N PHE C 165 30.15 14.32 13.07
CA PHE C 165 30.62 14.21 11.70
C PHE C 165 32.14 14.40 11.65
N GLU C 166 32.63 15.45 12.34
CA GLU C 166 34.06 15.72 12.49
C GLU C 166 34.80 14.50 13.03
N HIS C 167 34.27 13.94 14.12
CA HIS C 167 34.83 12.73 14.74
C HIS C 167 34.82 11.53 13.79
N LEU C 168 33.72 11.36 13.05
CA LEU C 168 33.59 10.28 12.05
C LEU C 168 34.66 10.41 10.97
N ILE C 169 34.82 11.63 10.43
CA ILE C 169 35.82 11.91 9.40
C ILE C 169 37.22 11.56 9.89
N ASN C 170 37.61 12.13 11.04
CA ASN C 170 38.96 12.00 11.57
C ASN C 170 39.30 10.60 12.04
N SER C 171 38.34 9.91 12.64
CA SER C 171 38.55 8.56 13.18
C SER C 171 38.58 7.45 12.12
N ASN C 172 38.22 7.76 10.89
CA ASN C 172 38.05 6.71 9.88
C ASN C 172 38.80 6.95 8.58
N GLY C 173 39.60 8.02 8.54
CA GLY C 173 40.46 8.31 7.38
C GLY C 173 39.63 8.56 6.15
N ILE C 174 38.59 9.37 6.33
CA ILE C 174 37.62 9.64 5.29
C ILE C 174 38.17 10.64 4.27
N LYS C 175 38.94 11.63 4.75
CA LYS C 175 39.51 12.68 3.89
C LYS C 175 40.24 12.15 2.64
N PRO C 176 41.18 11.17 2.78
CA PRO C 176 41.77 10.56 1.58
C PRO C 176 40.73 10.00 0.62
N VAL C 177 39.69 9.36 1.16
CA VAL C 177 38.59 8.78 0.36
C VAL C 177 37.72 9.86 -0.31
N MET C 178 37.54 11.00 0.34
CA MET C 178 36.87 12.14 -0.30
C MET C 178 37.64 12.66 -1.53
N GLU C 179 38.98 12.69 -1.39
CA GLU C 179 39.88 13.18 -2.45
C GLU C 179 39.82 12.25 -3.64
N GLN C 180 39.87 10.94 -3.36
CA GLN C 180 39.73 9.89 -4.36
C GLN C 180 38.50 10.05 -5.28
N TYR C 181 37.40 10.55 -4.72
CA TYR C 181 36.17 10.75 -5.51
C TYR C 181 35.92 12.22 -5.86
N GLY C 182 37.00 13.01 -5.88
CA GLY C 182 36.96 14.38 -6.42
C GLY C 182 36.48 15.47 -5.48
N LEU C 183 36.31 15.15 -4.21
CA LEU C 183 35.99 16.19 -3.23
C LEU C 183 37.27 16.88 -2.76
N ILE C 184 37.12 18.14 -2.34
CA ILE C 184 38.21 18.94 -1.79
C ILE C 184 37.88 19.15 -0.31
N PRO C 185 38.43 18.28 0.57
CA PRO C 185 38.02 18.16 1.98
C PRO C 185 37.84 19.46 2.76
N GLU C 186 38.76 20.41 2.62
CA GLU C 186 38.67 21.65 3.38
C GLU C 186 37.37 22.42 3.10
N GLU C 187 37.15 22.77 1.83
CA GLU C 187 35.91 23.44 1.39
C GLU C 187 34.66 22.60 1.66
N ASP C 188 34.78 21.30 1.35
CA ASP C 188 33.61 20.42 1.29
C ASP C 188 33.13 19.98 2.67
N ILE C 189 34.06 19.68 3.58
CA ILE C 189 33.69 19.35 4.97
C ILE C 189 32.93 20.54 5.56
N CYS C 190 33.43 21.74 5.26
CA CYS C 190 32.76 22.96 5.66
C CYS C 190 31.33 23.05 5.08
N PHE C 191 31.21 22.75 3.80
CA PHE C 191 29.95 22.81 3.08
C PHE C 191 28.93 21.87 3.73
N ILE C 192 29.34 20.61 3.94
CA ILE C 192 28.53 19.62 4.63
C ILE C 192 28.05 20.11 6.02
N LYS C 193 28.96 20.62 6.83
CA LYS C 193 28.60 21.10 8.18
C LYS C 193 27.64 22.28 8.13
N GLU C 194 27.82 23.15 7.14
CA GLU C 194 26.99 24.32 7.00
C GLU C 194 25.57 23.94 6.59
N GLN C 195 25.46 22.86 5.84
CA GLN C 195 24.15 22.34 5.43
C GLN C 195 23.37 21.81 6.63
N ILE C 196 24.09 21.24 7.59
CA ILE C 196 23.48 20.62 8.77
C ILE C 196 23.07 21.66 9.81
N VAL C 197 23.94 22.64 10.07
CA VAL C 197 23.72 23.59 11.17
C VAL C 197 23.50 25.07 10.77
N GLY C 198 23.79 25.40 9.52
CA GLY C 198 23.71 26.79 9.04
C GLY C 198 25.06 27.50 9.15
N PRO C 199 25.07 28.84 8.94
CA PRO C 199 26.30 29.62 8.93
C PRO C 199 27.14 29.42 10.18
N LEU C 200 28.43 29.12 9.99
CA LEU C 200 29.32 28.88 11.12
C LEU C 200 29.75 30.20 11.83
N GLU C 201 29.31 31.32 11.26
CA GLU C 201 29.27 32.61 11.92
C GLU C 201 27.81 32.78 12.33
N LEU C 208 25.26 40.56 3.22
CA LEU C 208 26.54 39.85 3.11
C LEU C 208 26.35 38.32 3.17
N TRP C 209 26.95 37.61 2.20
CA TRP C 209 26.83 36.12 2.06
C TRP C 209 27.55 35.36 3.20
N PRO C 210 26.78 34.70 4.09
CA PRO C 210 27.39 34.14 5.31
C PRO C 210 28.03 32.74 5.17
N TYR C 211 27.97 32.12 4.00
CA TYR C 211 28.48 30.75 3.84
C TYR C 211 29.82 30.70 3.13
N LYS C 212 30.64 29.75 3.52
CA LYS C 212 32.02 29.62 3.03
C LYS C 212 32.32 28.29 2.32
N GLY C 213 31.38 27.35 2.39
CA GLY C 213 31.49 26.08 1.66
C GLY C 213 31.20 26.22 0.17
N ARG C 214 30.26 27.11 -0.15
CA ARG C 214 29.88 27.41 -1.53
C ARG C 214 29.54 28.90 -1.65
N PRO C 215 29.73 29.50 -2.84
CA PRO C 215 29.33 30.88 -3.12
C PRO C 215 27.83 31.07 -3.44
N GLU C 216 27.39 32.34 -3.51
CA GLU C 216 25.99 32.75 -3.76
C GLU C 216 25.29 32.08 -4.93
N ASN C 217 26.08 31.77 -5.95
CA ASN C 217 25.56 31.14 -7.17
C ASN C 217 25.12 29.70 -6.92
N LYS C 218 25.50 29.13 -5.77
CA LYS C 218 25.02 27.80 -5.36
C LYS C 218 24.14 27.83 -4.10
N SER C 219 23.51 28.99 -3.84
CA SER C 219 22.74 29.21 -2.60
C SER C 219 21.69 28.14 -2.33
N PHE C 220 20.99 27.73 -3.39
CA PHE C 220 19.94 26.71 -3.37
C PHE C 220 20.41 25.36 -2.80
N LEU C 221 21.71 25.06 -2.89
CA LEU C 221 22.22 23.84 -2.29
C LEU C 221 22.06 23.80 -0.76
N TYR C 222 21.90 24.97 -0.14
CA TYR C 222 21.68 25.07 1.32
C TYR C 222 20.21 24.93 1.74
N GLU C 223 19.34 24.79 0.74
CA GLU C 223 17.91 24.65 0.95
C GLU C 223 17.41 23.21 0.82
N ILE C 224 18.32 22.25 0.76
CA ILE C 224 17.94 20.84 0.52
C ILE C 224 17.80 20.00 1.83
N VAL C 225 18.87 19.90 2.60
CA VAL C 225 18.93 19.02 3.76
C VAL C 225 18.26 19.66 4.98
N SER C 226 18.53 20.94 5.19
CA SER C 226 17.93 21.66 6.29
C SER C 226 17.71 23.09 5.84
N ASN C 227 16.43 23.42 5.66
CA ASN C 227 16.00 24.71 5.11
C ASN C 227 15.61 25.64 6.23
N LYS C 228 16.49 26.58 6.52
CA LYS C 228 16.27 27.52 7.62
C LYS C 228 15.24 28.59 7.23
N ARG C 229 15.12 28.84 5.93
CA ARG C 229 14.20 29.84 5.39
C ARG C 229 12.72 29.48 5.62
N ASN C 230 12.28 28.30 5.19
CA ASN C 230 10.84 27.95 5.24
C ASN C 230 10.52 26.56 5.81
N GLY C 231 11.53 25.73 6.05
CA GLY C 231 11.30 24.43 6.63
C GLY C 231 10.99 23.34 5.62
N ILE C 232 10.89 23.68 4.34
CA ILE C 232 10.73 22.68 3.32
C ILE C 232 12.09 22.08 2.98
N ASP C 233 12.32 20.88 3.53
CA ASP C 233 13.53 20.12 3.25
C ASP C 233 13.24 18.62 3.19
N VAL C 234 14.25 17.86 2.74
CA VAL C 234 14.11 16.43 2.52
C VAL C 234 14.07 15.61 3.80
N ASP C 235 14.56 16.17 4.91
CA ASP C 235 14.52 15.50 6.20
C ASP C 235 13.07 15.22 6.58
N LYS C 236 12.22 16.24 6.46
CA LYS C 236 10.79 16.14 6.73
C LYS C 236 10.16 15.08 5.84
N TRP C 237 10.52 15.11 4.55
CA TRP C 237 9.89 14.24 3.59
C TRP C 237 10.13 12.80 3.93
N ASP C 238 11.35 12.41 4.28
CA ASP C 238 11.56 11.03 4.66
C ASP C 238 10.76 10.66 5.92
N TYR C 239 10.70 11.53 6.94
CA TYR C 239 10.04 11.12 8.17
C TYR C 239 8.50 11.05 8.06
N PHE C 240 7.90 11.90 7.24
CA PHE C 240 6.47 11.82 6.96
C PHE C 240 6.19 10.43 6.43
N ALA C 241 6.92 10.05 5.39
CA ALA C 241 6.71 8.75 4.77
C ALA C 241 7.05 7.61 5.69
N ARG C 242 8.18 7.71 6.39
CA ARG C 242 8.66 6.60 7.19
C ARG C 242 7.82 6.45 8.45
N ASP C 243 7.56 7.53 9.16
CA ASP C 243 6.78 7.43 10.38
C ASP C 243 5.38 6.94 10.11
N CYS C 244 4.76 7.44 9.04
CA CYS C 244 3.41 6.96 8.65
C CYS C 244 3.34 5.45 8.37
N HIS C 245 4.32 4.95 7.63
CA HIS C 245 4.42 3.56 7.26
C HIS C 245 4.55 2.66 8.51
N HIS C 246 5.30 3.11 9.52
CA HIS C 246 5.46 2.39 10.76
C HIS C 246 4.32 2.59 11.76
N LEU C 247 3.85 3.83 11.93
CA LEU C 247 2.77 4.15 12.85
C LEU C 247 1.43 3.53 12.44
N GLY C 248 1.18 3.35 11.14
CA GLY C 248 -0.16 2.99 10.64
C GLY C 248 -1.09 4.19 10.54
N ILE C 249 -0.51 5.32 10.17
CA ILE C 249 -1.24 6.47 9.72
C ILE C 249 -0.92 6.61 8.22
N GLN C 250 -1.77 7.28 7.49
CA GLN C 250 -1.49 7.40 6.10
C GLN C 250 -1.06 8.80 5.80
N ASN C 251 -0.05 8.91 4.95
CA ASN C 251 0.60 10.16 4.66
C ASN C 251 -0.02 10.80 3.41
N ASN C 252 -0.52 12.03 3.53
CA ASN C 252 -1.13 12.65 2.34
C ASN C 252 -0.18 13.52 1.53
N PHE C 253 1.07 13.68 1.94
CA PHE C 253 2.03 14.47 1.17
C PHE C 253 2.79 13.64 0.16
N ASP C 254 2.91 14.15 -1.07
CA ASP C 254 3.62 13.48 -2.16
C ASP C 254 4.88 14.27 -2.48
N TYR C 255 6.03 13.78 -2.02
CA TYR C 255 7.28 14.51 -2.21
C TYR C 255 7.73 14.42 -3.68
N LYS C 256 7.47 13.28 -4.33
CA LYS C 256 7.89 13.06 -5.71
C LYS C 256 7.26 14.11 -6.63
N ARG C 257 6.03 14.49 -6.32
CA ARG C 257 5.35 15.51 -7.07
C ARG C 257 5.99 16.87 -6.81
N PHE C 258 6.37 17.16 -5.57
CA PHE C 258 7.07 18.40 -5.31
C PHE C 258 8.36 18.52 -6.12
N ILE C 259 9.15 17.46 -6.17
CA ILE C 259 10.41 17.44 -6.89
C ILE C 259 10.16 17.71 -8.37
N LYS C 260 9.15 17.07 -8.97
CA LYS C 260 8.87 17.30 -10.39
C LYS C 260 8.47 18.73 -10.71
N PHE C 261 7.91 19.43 -9.74
CA PHE C 261 7.52 20.81 -9.89
C PHE C 261 8.51 21.81 -9.27
N ALA C 262 9.69 21.34 -8.89
CA ALA C 262 10.66 22.23 -8.26
C ALA C 262 11.60 22.80 -9.29
N ARG C 263 11.84 24.11 -9.20
CA ARG C 263 12.83 24.80 -10.04
C ARG C 263 13.67 25.75 -9.21
N VAL C 264 14.90 26.03 -9.67
CA VAL C 264 15.68 27.13 -9.08
C VAL C 264 15.46 28.44 -9.85
N CYS C 265 15.08 29.50 -9.12
CA CYS C 265 14.91 30.85 -9.65
C CYS C 265 15.62 31.91 -8.81
N GLU C 266 15.98 33.03 -9.44
CA GLU C 266 16.53 34.18 -8.72
C GLU C 266 15.45 34.91 -7.92
N VAL C 267 15.70 35.06 -6.63
CA VAL C 267 14.90 35.89 -5.73
C VAL C 267 15.89 36.73 -4.95
N ASP C 268 15.73 38.06 -5.01
CA ASP C 268 16.60 39.03 -4.33
C ASP C 268 18.10 38.67 -4.46
N ASN C 269 18.55 38.45 -5.70
CA ASN C 269 19.98 38.18 -6.04
C ASN C 269 20.54 36.86 -5.47
N GLU C 270 19.63 36.00 -5.02
CA GLU C 270 19.92 34.65 -4.57
C GLU C 270 19.20 33.64 -5.46
N LEU C 271 19.87 32.55 -5.77
CA LEU C 271 19.23 31.41 -6.41
C LEU C 271 18.55 30.52 -5.35
N ARG C 272 17.23 30.45 -5.39
CA ARG C 272 16.41 29.63 -4.48
C ARG C 272 15.53 28.58 -5.17
N ILE C 273 15.30 27.46 -4.47
CA ILE C 273 14.33 26.43 -4.88
C ILE C 273 12.91 26.99 -4.83
N CYS C 274 12.27 26.97 -5.99
CA CYS C 274 10.91 27.46 -6.09
C CYS C 274 9.94 26.34 -6.44
N ALA C 275 8.71 26.53 -6.00
CA ALA C 275 7.63 25.63 -6.34
C ALA C 275 6.73 26.23 -7.40
N ARG C 276 6.07 25.37 -8.15
CA ARG C 276 5.07 25.80 -9.10
C ARG C 276 3.88 26.43 -8.37
N ASP C 277 3.38 27.54 -8.89
CA ASP C 277 2.29 28.29 -8.24
C ASP C 277 1.09 27.43 -7.84
N LYS C 278 0.64 26.55 -8.77
CA LYS C 278 -0.47 25.60 -8.54
C LYS C 278 -0.31 24.74 -7.29
N GLU C 279 0.95 24.45 -6.96
CA GLU C 279 1.29 23.54 -5.89
C GLU C 279 1.18 24.14 -4.48
N VAL C 280 0.77 25.40 -4.39
CA VAL C 280 0.73 26.11 -3.12
C VAL C 280 -0.17 25.39 -2.13
N GLY C 281 -1.35 24.95 -2.58
CA GLY C 281 -2.28 24.12 -1.80
C GLY C 281 -1.61 22.90 -1.16
N ASN C 282 -0.82 22.16 -1.96
CA ASN C 282 -0.04 21.02 -1.43
C ASN C 282 0.99 21.37 -0.36
N LEU C 283 1.51 22.58 -0.40
CA LEU C 283 2.46 23.02 0.59
C LEU C 283 1.76 23.31 1.89
N TYR C 284 0.60 23.98 1.83
CA TYR C 284 -0.16 24.19 3.04
C TYR C 284 -0.55 22.85 3.64
N ASP C 285 -0.93 21.91 2.77
CA ASP C 285 -1.23 20.53 3.17
C ASP C 285 -0.05 19.80 3.77
N MET C 286 1.16 20.07 3.28
CA MET C 286 2.39 19.47 3.83
C MET C 286 2.56 19.86 5.31
N PHE C 287 2.27 21.11 5.65
CA PHE C 287 2.42 21.55 7.02
C PHE C 287 1.27 21.10 7.92
N HIS C 288 0.09 20.97 7.33
CA HIS C 288 -1.04 20.39 8.02
C HIS C 288 -0.73 18.93 8.39
N THR C 289 -0.12 18.21 7.44
CA THR C 289 0.36 16.85 7.65
C THR C 289 1.37 16.79 8.78
N ARG C 290 2.33 17.71 8.77
CA ARG C 290 3.33 17.77 9.83
C ARG C 290 2.61 17.92 11.17
N ASN C 291 1.63 18.81 11.22
CA ASN C 291 0.87 19.09 12.40
C ASN C 291 0.08 17.88 12.88
N SER C 292 -0.53 17.14 11.96
CA SER C 292 -1.25 15.90 12.27
C SER C 292 -0.37 14.87 12.90
N LEU C 293 0.86 14.73 12.40
CA LEU C 293 1.79 13.75 12.92
C LEU C 293 2.19 14.08 14.36
N HIS C 294 2.37 15.36 14.62
CA HIS C 294 2.67 15.87 15.93
C HIS C 294 1.48 15.61 16.88
N ARG C 295 0.27 15.95 16.43
CA ARG C 295 -0.91 15.88 17.31
C ARG C 295 -1.30 14.42 17.59
N ARG C 296 -1.22 13.57 16.57
CA ARG C 296 -1.58 12.17 16.76
C ARG C 296 -0.49 11.32 17.35
N ALA C 297 0.76 11.57 16.98
CA ALA C 297 1.83 10.64 17.32
C ALA C 297 2.92 11.22 18.20
N TYR C 298 3.62 12.25 17.73
CA TYR C 298 4.81 12.75 18.46
C TYR C 298 4.52 13.40 19.81
N GLN C 299 3.33 13.97 19.95
CA GLN C 299 2.88 14.57 21.20
C GLN C 299 1.68 13.82 21.77
N HIS C 300 1.57 12.52 21.48
CA HIS C 300 0.53 11.71 22.10
C HIS C 300 0.65 11.80 23.62
N LYS C 301 -0.48 11.96 24.31
CA LYS C 301 -0.48 12.25 25.75
C LYS C 301 0.20 11.15 26.58
N VAL C 302 0.04 9.90 26.15
CA VAL C 302 0.71 8.80 26.83
C VAL C 302 2.20 8.70 26.40
N GLY C 303 2.46 8.93 25.13
CA GLY C 303 3.81 8.94 24.60
C GLY C 303 4.67 9.94 25.31
N ASN C 304 4.09 11.11 25.54
CA ASN C 304 4.78 12.19 26.21
C ASN C 304 5.01 11.87 27.71
N ILE C 305 4.03 11.22 28.36
CA ILE C 305 4.23 10.86 29.76
C ILE C 305 5.30 9.80 29.89
N ILE C 306 5.38 8.89 28.91
CA ILE C 306 6.43 7.88 28.93
C ILE C 306 7.80 8.53 28.74
N ASP C 307 7.91 9.48 27.81
CA ASP C 307 9.10 10.29 27.63
C ASP C 307 9.47 11.02 28.93
N THR C 308 8.47 11.55 29.63
CA THR C 308 8.69 12.25 30.90
C THR C 308 9.25 11.30 31.97
N MET C 309 8.62 10.13 32.12
CA MET C 309 9.11 9.10 33.02
C MET C 309 10.52 8.61 32.65
N ILE C 310 10.81 8.42 31.37
CA ILE C 310 12.14 7.91 30.97
C ILE C 310 13.16 8.99 31.30
N THR C 311 12.84 10.24 30.97
CA THR C 311 13.67 11.38 31.33
C THR C 311 13.95 11.46 32.83
N ASP C 312 12.90 11.27 33.65
CA ASP C 312 13.05 11.27 35.10
C ASP C 312 13.99 10.15 35.58
N ALA C 313 13.85 8.95 35.01
CA ALA C 313 14.76 7.84 35.30
C ALA C 313 16.21 8.15 34.90
N PHE C 314 16.41 8.81 33.77
CA PHE C 314 17.74 9.17 33.33
C PHE C 314 18.37 10.17 34.29
N LEU C 315 17.56 11.12 34.76
CA LEU C 315 18.00 12.11 35.75
C LEU C 315 18.44 11.48 37.07
N LYS C 316 17.70 10.48 37.52
CA LYS C 316 18.05 9.79 38.75
C LYS C 316 19.18 8.81 38.52
N ALA C 317 19.43 8.41 37.28
CA ALA C 317 20.53 7.49 36.97
C ALA C 317 21.84 8.21 36.62
N ASP C 318 21.74 9.49 36.29
CA ASP C 318 22.82 10.25 35.63
C ASP C 318 24.14 10.25 36.42
N ASP C 319 24.03 10.29 37.75
CA ASP C 319 25.20 10.25 38.65
C ASP C 319 25.98 8.95 38.66
N TYR C 320 25.32 7.84 38.32
CA TYR C 320 25.89 6.51 38.56
C TYR C 320 26.23 5.73 37.30
N ILE C 321 25.77 6.21 36.15
CA ILE C 321 26.10 5.57 34.88
C ILE C 321 27.36 6.25 34.39
N GLU C 322 28.31 5.44 33.93
CA GLU C 322 29.57 5.94 33.40
C GLU C 322 29.80 5.41 32.01
N ILE C 323 30.25 6.31 31.13
CA ILE C 323 30.51 5.99 29.75
C ILE C 323 31.95 6.41 29.44
N THR C 324 32.73 5.45 28.98
CA THR C 324 34.13 5.66 28.64
C THR C 324 34.26 6.45 27.35
N GLY C 325 34.98 7.57 27.42
CA GLY C 325 35.33 8.37 26.27
C GLY C 325 36.79 8.34 25.87
N ALA C 326 37.29 9.47 25.36
CA ALA C 326 38.64 9.59 24.81
C ALA C 326 39.67 9.49 25.93
N GLY C 327 40.71 8.67 25.69
CA GLY C 327 41.79 8.39 26.63
C GLY C 327 41.37 7.74 27.94
N GLY C 328 40.33 6.91 27.90
CA GLY C 328 39.81 6.25 29.10
C GLY C 328 39.00 7.10 30.09
N LYS C 329 38.90 8.43 29.85
CA LYS C 329 38.09 9.34 30.70
C LYS C 329 36.60 8.96 30.75
N LYS C 330 35.97 9.21 31.90
CA LYS C 330 34.60 8.79 32.16
C LYS C 330 33.61 9.95 32.08
N TYR C 331 32.44 9.66 31.51
CA TYR C 331 31.41 10.68 31.32
C TYR C 331 30.10 10.18 31.86
N ARG C 332 29.25 11.12 32.23
CA ARG C 332 27.87 10.82 32.57
C ARG C 332 27.01 10.86 31.31
N ILE C 333 25.78 10.33 31.40
CA ILE C 333 24.78 10.48 30.33
C ILE C 333 24.68 11.96 29.92
N SER C 334 24.60 12.86 30.90
CA SER C 334 24.46 14.29 30.61
C SER C 334 25.72 15.01 30.09
N THR C 335 26.88 14.36 30.18
CA THR C 335 28.14 14.99 29.75
C THR C 335 28.79 14.34 28.54
N ALA C 336 28.27 13.18 28.13
CA ALA C 336 28.78 12.50 26.94
C ALA C 336 28.70 13.38 25.68
N ILE C 337 27.81 14.37 25.70
CA ILE C 337 27.70 15.37 24.62
C ILE C 337 28.96 16.23 24.46
N ASP C 338 29.85 16.21 25.46
CA ASP C 338 31.10 16.98 25.42
C ASP C 338 32.27 16.21 24.82
N ASP C 339 32.12 14.89 24.71
CA ASP C 339 33.13 14.04 24.08
C ASP C 339 32.50 13.03 23.13
N MET C 340 32.87 13.14 21.86
CA MET C 340 32.24 12.36 20.80
C MET C 340 32.51 10.86 20.90
N GLU C 341 33.67 10.50 21.42
CA GLU C 341 33.98 9.09 21.68
C GLU C 341 33.01 8.43 22.66
N ALA C 342 32.60 9.18 23.68
CA ALA C 342 31.60 8.70 24.65
C ALA C 342 30.23 8.71 24.02
N TYR C 343 29.89 9.82 23.38
CA TYR C 343 28.62 9.94 22.70
C TYR C 343 28.35 8.79 21.71
N THR C 344 29.37 8.33 20.99
CA THR C 344 29.27 7.14 20.14
C THR C 344 28.58 5.95 20.85
N LYS C 345 28.91 5.76 22.12
CA LYS C 345 28.43 4.62 22.90
C LYS C 345 27.19 4.96 23.73
N LEU C 346 26.56 6.08 23.38
CA LEU C 346 25.36 6.55 24.07
C LEU C 346 24.10 6.43 23.20
N THR C 347 23.35 5.37 23.44
CA THR C 347 22.19 5.00 22.61
C THR C 347 21.03 4.55 23.51
N ASP C 348 19.94 4.05 22.92
CA ASP C 348 18.79 3.51 23.69
C ASP C 348 19.17 2.39 24.66
N ASN C 349 20.36 1.82 24.49
CA ASN C 349 20.88 0.80 25.39
C ASN C 349 20.94 1.28 26.85
N ILE C 350 21.08 2.59 27.06
CA ILE C 350 21.02 3.21 28.36
C ILE C 350 19.76 2.84 29.16
N PHE C 351 18.62 2.80 28.48
CA PHE C 351 17.35 2.40 29.05
C PHE C 351 17.46 0.98 29.66
N LEU C 352 17.98 0.05 28.87
CA LEU C 352 18.08 -1.32 29.30
C LEU C 352 19.20 -1.53 30.31
N GLU C 353 20.26 -0.72 30.23
CA GLU C 353 21.35 -0.73 31.21
C GLU C 353 20.75 -0.44 32.58
N ILE C 354 19.95 0.62 32.67
CA ILE C 354 19.26 0.98 33.90
C ILE C 354 18.27 -0.09 34.32
N LEU C 355 17.47 -0.57 33.38
CA LEU C 355 16.43 -1.52 33.72
C LEU C 355 16.98 -2.83 34.28
N TYR C 356 18.12 -3.28 33.74
CA TYR C 356 18.70 -4.56 34.11
C TYR C 356 19.73 -4.48 35.22
N SER C 357 20.04 -3.28 35.67
CA SER C 357 21.07 -3.05 36.68
C SER C 357 20.73 -3.69 38.03
N THR C 358 21.78 -4.01 38.79
CA THR C 358 21.64 -4.50 40.16
C THR C 358 22.14 -3.51 41.20
N ASP C 359 23.01 -2.59 40.77
CA ASP C 359 23.54 -1.52 41.62
C ASP C 359 22.41 -0.82 42.40
N PRO C 360 22.45 -0.88 43.76
CA PRO C 360 21.42 -0.22 44.59
C PRO C 360 21.33 1.29 44.40
N LYS C 361 22.40 1.93 43.90
CA LYS C 361 22.36 3.37 43.63
C LYS C 361 21.43 3.71 42.48
N LEU C 362 21.21 2.72 41.61
CA LEU C 362 20.31 2.83 40.45
C LEU C 362 18.90 2.37 40.73
N LYS C 363 18.62 2.00 41.98
CA LYS C 363 17.29 1.54 42.37
C LYS C 363 16.18 2.54 42.04
N ASP C 364 16.42 3.82 42.25
CA ASP C 364 15.42 4.87 42.02
C ASP C 364 15.06 4.98 40.56
N ALA C 365 16.11 5.00 39.72
CA ALA C 365 15.98 5.05 38.28
C ALA C 365 15.32 3.78 37.74
N ARG C 366 15.81 2.61 38.19
CA ARG C 366 15.29 1.29 37.84
C ARG C 366 13.79 1.14 38.18
N GLU C 367 13.37 1.69 39.33
CA GLU C 367 11.98 1.58 39.76
C GLU C 367 11.02 2.31 38.84
N ILE C 368 11.41 3.49 38.39
CA ILE C 368 10.61 4.26 37.46
C ILE C 368 10.42 3.46 36.16
N LEU C 369 11.50 2.90 35.62
CA LEU C 369 11.41 2.09 34.40
C LEU C 369 10.60 0.82 34.53
N LYS C 370 10.62 0.22 35.74
CA LYS C 370 9.80 -0.95 36.00
C LYS C 370 8.32 -0.56 36.02
N GLN C 371 8.04 0.67 36.43
CA GLN C 371 6.67 1.18 36.48
C GLN C 371 6.15 1.38 35.05
N ILE C 372 7.05 1.75 34.13
CA ILE C 372 6.72 1.76 32.72
C ILE C 372 6.33 0.35 32.24
N GLU C 373 7.14 -0.67 32.50
CA GLU C 373 6.80 -2.03 32.11
C GLU C 373 5.44 -2.52 32.60
N TYR C 374 5.10 -2.19 33.85
CA TYR C 374 3.81 -2.58 34.47
C TYR C 374 2.67 -1.68 34.04
N ARG C 375 3.02 -0.58 33.38
CA ARG C 375 2.07 0.40 32.86
C ARG C 375 1.39 1.18 34.03
N ASN C 376 2.16 1.35 35.10
CA ASN C 376 1.77 2.24 36.15
C ASN C 376 2.31 3.58 35.75
N LEU C 377 1.54 4.25 34.90
CA LEU C 377 1.94 5.53 34.36
C LEU C 377 1.27 6.63 35.15
N PHE C 378 1.87 7.81 35.11
CA PHE C 378 1.20 9.00 35.66
C PHE C 378 -0.11 9.15 34.92
N LYS C 379 -1.18 9.46 35.63
CA LYS C 379 -2.50 9.47 35.05
C LYS C 379 -2.79 10.83 34.42
N TYR C 380 -3.35 10.78 33.21
CA TYR C 380 -3.78 11.95 32.50
C TYR C 380 -4.98 12.58 33.23
N VAL C 381 -4.85 13.86 33.55
CA VAL C 381 -5.89 14.61 34.25
C VAL C 381 -6.77 15.36 33.26
N GLY C 382 -6.12 16.04 32.32
CA GLY C 382 -6.82 16.77 31.26
C GLY C 382 -5.88 17.65 30.48
N GLU C 383 -6.47 18.40 29.56
CA GLU C 383 -5.75 19.23 28.61
C GLU C 383 -6.47 20.55 28.48
N THR C 384 -5.69 21.62 28.29
CA THR C 384 -6.25 22.95 28.07
C THR C 384 -5.33 23.75 27.15
N GLN C 385 -5.77 24.95 26.77
CA GLN C 385 -4.97 25.89 25.99
C GLN C 385 -5.08 27.31 26.53
N PRO C 386 -4.02 28.13 26.36
CA PRO C 386 -4.18 29.57 26.59
C PRO C 386 -5.15 30.24 25.61
N THR C 387 -5.80 31.32 26.04
CA THR C 387 -6.69 32.11 25.18
C THR C 387 -6.03 33.45 24.80
N GLY C 388 -6.41 33.98 23.63
CA GLY C 388 -5.91 35.27 23.15
C GLY C 388 -4.41 35.24 22.89
N GLN C 389 -3.71 36.22 23.46
CA GLN C 389 -2.25 36.34 23.34
C GLN C 389 -1.43 35.79 24.51
N ILE C 390 -2.10 35.17 25.49
CA ILE C 390 -1.43 34.53 26.65
C ILE C 390 -0.46 33.45 26.14
N LYS C 391 0.80 33.53 26.56
CA LYS C 391 1.87 32.62 26.14
C LYS C 391 2.70 32.25 27.34
N ILE C 392 2.85 30.94 27.58
CA ILE C 392 3.65 30.48 28.69
C ILE C 392 5.11 30.32 28.29
N LYS C 393 5.99 31.10 28.94
CA LYS C 393 7.42 31.13 28.64
C LYS C 393 8.11 29.92 29.25
N ARG C 394 9.19 29.48 28.61
CA ARG C 394 9.99 28.32 29.06
C ARG C 394 10.43 28.39 30.55
N GLU C 395 10.78 29.58 31.02
CA GLU C 395 11.19 29.78 32.43
C GLU C 395 10.08 29.55 33.46
N ASP C 396 8.82 29.59 33.05
CA ASP C 396 7.67 29.42 33.96
C ASP C 396 7.17 27.97 34.10
N TYR C 397 7.77 27.04 33.35
CA TYR C 397 7.32 25.62 33.33
C TYR C 397 7.35 25.00 34.71
N GLU C 398 8.46 25.23 35.43
CA GLU C 398 8.68 24.76 36.82
C GLU C 398 7.60 25.21 37.83
N SER C 399 7.12 26.43 37.67
CA SER C 399 6.14 27.02 38.59
C SER C 399 4.67 26.53 38.39
N LEU C 400 4.40 25.83 37.30
CA LEU C 400 3.02 25.40 36.96
C LEU C 400 2.39 24.29 37.86
N PRO C 401 3.16 23.23 38.22
CA PRO C 401 2.57 22.27 39.14
C PRO C 401 2.10 22.92 40.47
N LYS C 402 2.88 23.88 40.99
CA LYS C 402 2.52 24.69 42.19
C LYS C 402 1.22 25.43 42.02
N GLU C 403 1.04 26.07 40.86
CA GLU C 403 -0.18 26.82 40.54
C GLU C 403 -1.43 25.94 40.59
N VAL C 404 -1.34 24.72 40.05
CA VAL C 404 -2.47 23.79 40.00
C VAL C 404 -2.88 23.35 41.41
N ALA C 405 -1.87 23.02 42.22
CA ALA C 405 -2.05 22.60 43.61
C ALA C 405 -2.59 23.70 44.53
N SER C 406 -2.28 24.96 44.19
CA SER C 406 -2.73 26.16 44.91
C SER C 406 -4.15 26.60 44.59
N ALA C 407 -4.75 26.06 43.53
CA ALA C 407 -6.14 26.35 43.18
C ALA C 407 -7.08 25.87 44.29
N LYS C 408 -8.20 26.59 44.44
CA LYS C 408 -9.09 26.45 45.57
C LYS C 408 -10.49 26.05 45.09
N PRO C 409 -10.68 24.74 44.73
CA PRO C 409 -11.92 24.33 44.12
C PRO C 409 -13.19 24.50 44.83
N LYS C 410 -13.25 24.54 46.17
CA LYS C 410 -14.52 24.59 46.95
C LYS C 410 -15.45 23.35 46.78
N VAL C 411 -14.88 22.16 46.95
CA VAL C 411 -15.61 20.90 46.91
C VAL C 411 -15.06 20.01 48.03
N LEU C 412 -15.88 19.03 48.44
CA LEU C 412 -15.48 18.03 49.42
C LEU C 412 -14.42 17.09 48.81
N LEU C 413 -13.23 17.12 49.40
CA LEU C 413 -12.09 16.34 48.91
C LEU C 413 -11.55 15.42 49.98
N ASP C 414 -11.53 14.13 49.68
CA ASP C 414 -11.01 13.10 50.61
C ASP C 414 -9.50 13.26 50.78
N VAL C 415 -8.79 13.57 49.69
CA VAL C 415 -7.35 13.83 49.73
C VAL C 415 -7.01 15.27 49.35
N LYS C 416 -5.88 15.75 49.87
CA LYS C 416 -5.32 17.05 49.50
C LYS C 416 -4.00 16.80 48.76
N LEU C 417 -3.83 17.42 47.59
CA LEU C 417 -2.67 17.18 46.74
C LEU C 417 -1.70 18.35 46.70
N LYS C 418 -0.41 18.03 46.52
CA LYS C 418 0.69 19.00 46.55
C LYS C 418 1.33 19.15 45.17
N ALA C 419 2.15 20.20 45.00
CA ALA C 419 2.81 20.49 43.72
C ALA C 419 3.49 19.29 43.05
N GLU C 420 4.26 18.53 43.81
CA GLU C 420 5.01 17.37 43.33
C GLU C 420 4.14 16.21 42.82
N ASP C 421 2.85 16.21 43.17
CA ASP C 421 1.86 15.24 42.65
C ASP C 421 1.40 15.52 41.19
N PHE C 422 1.65 16.74 40.71
CA PHE C 422 1.24 17.16 39.38
C PHE C 422 2.43 17.29 38.43
N ILE C 423 2.22 16.83 37.18
CA ILE C 423 3.09 17.18 36.05
C ILE C 423 2.29 18.06 35.07
N VAL C 424 2.92 19.14 34.64
CA VAL C 424 2.37 20.03 33.64
C VAL C 424 3.32 20.04 32.43
N ASP C 425 2.80 19.58 31.30
CA ASP C 425 3.56 19.44 30.06
C ASP C 425 3.05 20.53 29.12
N VAL C 426 3.91 21.46 28.77
CA VAL C 426 3.57 22.49 27.82
C VAL C 426 4.14 22.13 26.46
N ILE C 427 3.26 22.14 25.45
CA ILE C 427 3.58 21.69 24.11
C ILE C 427 3.39 22.84 23.13
N ASN C 428 4.44 23.14 22.40
CA ASN C 428 4.38 24.17 21.35
C ASN C 428 4.05 23.53 20.01
N MET C 429 2.86 23.82 19.51
CA MET C 429 2.42 23.34 18.20
C MET C 429 2.48 24.48 17.21
N ASP C 430 3.34 24.34 16.21
CA ASP C 430 3.49 25.36 15.18
C ASP C 430 3.81 24.77 13.82
N TYR C 431 3.79 25.62 12.80
CA TYR C 431 4.14 25.23 11.44
C TYR C 431 5.66 25.35 11.13
N GLY C 432 6.49 25.34 12.17
CA GLY C 432 7.94 25.27 12.03
C GLY C 432 8.70 26.57 12.13
N MET C 433 7.98 27.69 12.22
CA MET C 433 8.63 28.99 12.19
C MET C 433 7.93 29.92 13.15
N GLN C 434 7.76 29.44 14.37
CA GLN C 434 7.16 30.20 15.47
C GLN C 434 5.77 30.65 15.03
N GLU C 435 5.43 31.92 15.19
CA GLU C 435 4.12 32.44 14.81
C GLU C 435 3.94 32.69 13.29
N LYS C 436 5.05 32.63 12.54
CA LYS C 436 5.04 32.98 11.11
C LYS C 436 4.44 31.89 10.22
N ASN C 437 3.89 32.31 9.08
CA ASN C 437 3.37 31.39 8.05
C ASN C 437 4.52 31.02 7.12
N PRO C 438 4.96 29.74 7.11
CA PRO C 438 6.14 29.37 6.29
C PRO C 438 5.93 29.57 4.79
N ILE C 439 4.68 29.61 4.35
CA ILE C 439 4.35 29.74 2.94
C ILE C 439 4.68 31.15 2.44
N ASP C 440 4.67 32.14 3.34
CA ASP C 440 5.15 33.49 3.01
C ASP C 440 6.64 33.56 2.71
N HIS C 441 7.37 32.48 2.99
CA HIS C 441 8.81 32.40 2.76
C HIS C 441 9.14 31.39 1.67
N VAL C 442 8.13 31.08 0.86
CA VAL C 442 8.29 30.21 -0.28
C VAL C 442 8.14 31.07 -1.52
N SER C 443 9.04 30.84 -2.46
CA SER C 443 8.94 31.45 -3.77
C SER C 443 8.35 30.47 -4.78
N PHE C 444 7.59 31.03 -5.73
CA PHE C 444 6.84 30.28 -6.73
C PHE C 444 7.14 30.72 -8.13
N TYR C 445 6.73 29.91 -9.11
CA TYR C 445 6.83 30.26 -10.52
C TYR C 445 5.60 29.79 -11.26
N CYS C 446 5.33 30.39 -12.42
CA CYS C 446 4.18 30.06 -13.28
C CYS C 446 4.61 29.30 -14.50
N LYS C 447 3.67 28.54 -15.06
CA LYS C 447 3.87 27.73 -16.26
C LYS C 447 4.39 28.60 -17.40
N THR C 448 3.84 29.81 -17.51
CA THR C 448 4.14 30.75 -18.58
C THR C 448 5.49 31.47 -18.48
N ALA C 449 6.05 31.55 -17.26
CA ALA C 449 7.38 32.15 -17.01
C ALA C 449 8.17 31.39 -15.92
N PRO C 450 8.80 30.26 -16.31
CA PRO C 450 9.40 29.31 -15.38
C PRO C 450 10.62 29.83 -14.63
N ASN C 451 11.24 30.89 -15.16
CA ASN C 451 12.43 31.46 -14.51
C ASN C 451 12.10 32.68 -13.67
N ARG C 452 10.82 33.08 -13.66
CA ARG C 452 10.40 34.25 -12.92
C ARG C 452 9.72 33.90 -11.60
N ALA C 453 10.42 34.17 -10.50
CA ALA C 453 9.91 33.91 -9.16
C ALA C 453 8.83 34.91 -8.78
N ILE C 454 7.83 34.45 -8.02
CA ILE C 454 6.74 35.29 -7.46
C ILE C 454 6.41 34.89 -6.02
N ARG C 455 5.58 35.66 -5.36
CA ARG C 455 5.12 35.35 -4.00
C ARG C 455 3.62 35.10 -4.02
N ILE C 456 3.13 34.34 -3.04
CA ILE C 456 1.69 34.10 -2.93
C ILE C 456 1.29 34.32 -1.48
N THR C 457 0.28 35.18 -1.29
CA THR C 457 -0.24 35.55 0.04
C THR C 457 -1.38 34.61 0.41
N LYS C 458 -1.75 34.55 1.69
CA LYS C 458 -2.70 33.51 2.17
C LYS C 458 -4.13 33.61 1.59
N ASN C 459 -4.62 34.84 1.49
CA ASN C 459 -5.90 35.16 0.86
C ASN C 459 -5.97 34.80 -0.64
N GLN C 460 -4.81 34.78 -1.31
CA GLN C 460 -4.70 34.30 -2.69
C GLN C 460 -4.89 32.78 -2.85
N VAL C 461 -4.89 32.03 -1.74
CA VAL C 461 -5.04 30.56 -1.82
C VAL C 461 -6.41 30.05 -1.38
N SER C 462 -6.82 30.35 -0.15
CA SER C 462 -8.05 29.78 0.40
C SER C 462 -8.45 30.47 1.70
N GLN C 463 -9.76 30.63 1.88
CA GLN C 463 -10.30 31.15 3.14
C GLN C 463 -10.38 30.05 4.22
N LEU C 464 -10.20 28.79 3.80
CA LEU C 464 -10.31 27.63 4.69
C LEU C 464 -9.00 27.26 5.39
N LEU C 465 -7.99 28.10 5.25
CA LEU C 465 -6.69 27.85 5.83
C LEU C 465 -6.62 28.38 7.27
N PRO C 466 -5.60 27.97 8.05
CA PRO C 466 -5.55 28.42 9.45
C PRO C 466 -5.27 29.90 9.60
N GLU C 467 -5.87 30.52 10.61
CA GLU C 467 -5.63 31.97 10.87
C GLU C 467 -4.34 32.17 11.66
N LYS C 468 -4.06 31.24 12.57
CA LYS C 468 -2.85 31.29 13.39
C LYS C 468 -1.96 30.10 13.06
N PHE C 469 -0.66 30.25 13.28
CA PHE C 469 0.31 29.22 12.90
C PHE C 469 1.16 28.72 14.04
N ALA C 470 0.77 29.09 15.26
CA ALA C 470 1.36 28.61 16.51
C ALA C 470 0.33 28.62 17.62
N GLU C 471 0.39 27.60 18.47
CA GLU C 471 -0.48 27.50 19.64
C GLU C 471 0.25 26.72 20.72
N GLN C 472 -0.33 26.70 21.91
CA GLN C 472 0.19 25.91 23.03
C GLN C 472 -0.86 24.96 23.61
N LEU C 473 -0.43 23.75 23.92
CA LEU C 473 -1.26 22.79 24.63
C LEU C 473 -0.65 22.58 25.99
N ILE C 474 -1.52 22.47 26.98
CA ILE C 474 -1.12 22.20 28.35
C ILE C 474 -1.79 20.93 28.76
N ARG C 475 -0.98 19.90 28.99
CA ARG C 475 -1.47 18.67 29.59
C ARG C 475 -1.12 18.66 31.08
N VAL C 476 -2.05 18.17 31.88
CA VAL C 476 -1.81 17.95 33.30
C VAL C 476 -1.94 16.44 33.57
N TYR C 477 -1.00 15.92 34.35
CA TYR C 477 -1.03 14.54 34.82
C TYR C 477 -0.87 14.50 36.34
N CYS C 478 -1.27 13.40 36.94
CA CYS C 478 -1.16 13.22 38.38
C CYS C 478 -0.30 11.99 38.62
N LYS C 479 0.73 12.16 39.47
CA LYS C 479 1.58 11.05 39.90
C LYS C 479 0.86 10.05 40.83
N LYS C 480 -0.19 10.49 41.51
CA LYS C 480 -1.02 9.62 42.33
C LYS C 480 -2.11 8.98 41.50
N VAL C 481 -2.15 7.66 41.53
CA VAL C 481 -2.90 6.86 40.53
C VAL C 481 -4.24 6.29 41.01
N ASP C 482 -4.52 6.35 42.32
CA ASP C 482 -5.78 5.85 42.90
C ASP C 482 -6.96 6.72 42.49
N ARG C 483 -8.17 6.15 42.61
CA ARG C 483 -9.40 6.78 42.14
C ARG C 483 -9.69 8.13 42.83
N LYS C 484 -9.41 8.20 44.14
CA LYS C 484 -9.69 9.39 44.96
C LYS C 484 -8.76 10.58 44.64
N SER C 485 -7.48 10.28 44.47
CA SER C 485 -6.49 11.27 44.06
C SER C 485 -6.78 11.82 42.66
N LEU C 486 -7.15 10.93 41.75
CA LEU C 486 -7.45 11.33 40.39
C LEU C 486 -8.66 12.24 40.32
N TYR C 487 -9.70 11.90 41.08
CA TYR C 487 -10.87 12.76 41.24
C TYR C 487 -10.48 14.16 41.74
N ALA C 488 -9.68 14.20 42.82
CA ALA C 488 -9.23 15.45 43.42
C ALA C 488 -8.43 16.28 42.41
N ALA C 489 -7.47 15.63 41.75
CA ALA C 489 -6.63 16.23 40.70
C ALA C 489 -7.42 16.92 39.61
N ARG C 490 -8.50 16.28 39.20
CA ARG C 490 -9.39 16.83 38.18
C ARG C 490 -10.07 18.12 38.65
N GLN C 491 -10.42 18.18 39.93
CA GLN C 491 -11.03 19.36 40.54
C GLN C 491 -10.07 20.54 40.57
N TYR C 492 -8.86 20.31 41.08
CA TYR C 492 -7.78 21.30 41.04
C TYR C 492 -7.54 21.79 39.62
N PHE C 493 -7.41 20.85 38.68
CA PHE C 493 -7.11 21.19 37.31
C PHE C 493 -8.15 22.11 36.64
N VAL C 494 -9.41 21.71 36.69
CA VAL C 494 -10.52 22.48 36.10
C VAL C 494 -10.65 23.87 36.75
N GLN C 495 -10.40 23.92 38.06
CA GLN C 495 -10.37 25.20 38.78
C GLN C 495 -9.23 26.10 38.29
N TRP C 496 -8.06 25.51 38.11
CA TRP C 496 -6.89 26.22 37.60
C TRP C 496 -7.14 26.80 36.21
N CYS C 497 -7.84 26.03 35.37
CA CYS C 497 -8.26 26.48 34.04
C CYS C 497 -9.14 27.71 34.13
N ALA C 498 -10.16 27.62 34.98
CA ALA C 498 -11.08 28.75 35.22
C ALA C 498 -10.30 29.99 35.69
N ASP C 499 -9.42 29.79 36.68
CA ASP C 499 -8.60 30.85 37.30
C ASP C 499 -7.63 31.54 36.35
N ARG C 500 -7.04 30.79 35.43
CA ARG C 500 -6.09 31.33 34.45
C ARG C 500 -6.76 31.82 33.16
N ASN C 501 -8.08 31.63 33.09
CA ASN C 501 -8.92 31.94 31.91
C ASN C 501 -8.51 31.14 30.65
N PHE C 502 -8.10 29.89 30.87
CA PHE C 502 -7.76 28.94 29.80
C PHE C 502 -9.04 28.32 29.25
N THR C 503 -8.91 27.53 28.19
CA THR C 503 -10.07 26.90 27.54
C THR C 503 -10.70 25.87 28.46
N LYS C 504 -12.02 25.70 28.34
CA LYS C 504 -12.71 24.64 29.04
C LYS C 504 -12.16 23.28 28.54
N PRO C 505 -11.62 22.46 29.46
CA PRO C 505 -11.29 21.08 29.08
C PRO C 505 -12.49 20.38 28.43
N GLN C 506 -12.25 19.62 27.36
CA GLN C 506 -13.35 18.98 26.60
C GLN C 506 -14.33 18.17 27.48
N ASP C 507 -13.77 17.45 28.43
CA ASP C 507 -14.51 16.57 29.35
C ASP C 507 -14.89 17.27 30.65
N GLY C 508 -14.75 18.59 30.69
CA GLY C 508 -14.93 19.43 31.86
C GLY C 508 -16.19 19.18 32.67
N ASP C 509 -17.32 19.11 31.96
CA ASP C 509 -18.64 18.88 32.59
C ASP C 509 -18.80 17.48 33.20
N VAL C 510 -18.02 16.53 32.69
CA VAL C 510 -18.05 15.16 33.17
C VAL C 510 -17.10 14.96 34.36
N ILE C 511 -15.86 15.45 34.22
CA ILE C 511 -14.82 15.26 35.25
C ILE C 511 -14.95 16.18 36.46
N ALA C 512 -15.54 17.36 36.26
CA ALA C 512 -15.73 18.34 37.34
C ALA C 512 -17.08 19.11 37.25
N PRO C 513 -18.22 18.38 37.38
CA PRO C 513 -19.55 19.01 37.19
C PRO C 513 -19.87 20.14 38.17
N LEU C 514 -19.19 20.15 39.32
CA LEU C 514 -19.39 21.16 40.37
C LEU C 514 -18.53 22.41 40.18
N ILE C 515 -17.54 22.33 39.28
CA ILE C 515 -16.58 23.41 39.05
C ILE C 515 -16.90 24.22 37.78
N THR C 516 -17.31 23.55 36.71
CA THR C 516 -17.54 24.22 35.42
C THR C 516 -18.66 25.28 35.39
N PRO C 517 -19.75 25.13 36.20
CA PRO C 517 -20.81 26.17 36.20
C PRO C 517 -20.40 27.57 36.72
N GLN C 518 -19.35 27.66 37.54
CA GLN C 518 -18.88 28.96 38.03
C GLN C 518 -18.37 29.89 36.90
N LYS C 519 -17.86 29.31 35.82
CA LYS C 519 -17.33 30.09 34.70
C LYS C 519 -18.42 30.31 33.65
N LYS C 520 -18.89 31.56 33.59
CA LYS C 520 -19.99 31.93 32.67
C LYS C 520 -19.63 31.81 31.18
N GLU C 521 -18.37 32.15 30.86
CA GLU C 521 -17.81 32.03 29.51
C GLU C 521 -17.92 30.61 28.94
N TRP C 522 -17.93 29.62 29.84
CA TRP C 522 -18.09 28.22 29.45
C TRP C 522 -19.55 27.73 29.35
N ASN C 523 -20.50 28.63 29.65
CA ASN C 523 -21.95 28.31 29.71
C ASN C 523 -22.85 29.27 28.94
N ASP D 37 3.08 21.40 -26.56
CA ASP D 37 4.25 22.32 -26.44
C ASP D 37 5.53 21.73 -25.78
N THR D 38 5.56 21.54 -24.46
CA THR D 38 6.64 20.86 -23.75
C THR D 38 6.09 19.64 -22.97
N MET D 39 6.85 19.15 -21.98
CA MET D 39 6.57 17.91 -21.26
C MET D 39 5.34 17.93 -20.35
N LYS D 40 4.59 16.84 -20.38
CA LYS D 40 3.42 16.71 -19.53
C LYS D 40 3.71 15.77 -18.42
N VAL D 41 3.24 16.10 -17.22
CA VAL D 41 3.28 15.15 -16.10
C VAL D 41 1.91 14.49 -15.93
N ILE D 42 1.90 13.16 -15.91
CA ILE D 42 0.69 12.36 -15.71
C ILE D 42 0.82 11.62 -14.38
N ASN D 43 -0.20 11.69 -13.53
CA ASN D 43 -0.25 10.90 -12.28
C ASN D 43 -0.94 9.59 -12.47
N ASP D 44 -0.16 8.53 -12.51
CA ASP D 44 -0.66 7.17 -12.60
C ASP D 44 -0.64 6.52 -11.20
N PRO D 45 -1.71 5.78 -10.82
CA PRO D 45 -1.72 5.14 -9.49
C PRO D 45 -0.62 4.10 -9.34
N ILE D 46 -0.18 3.47 -10.43
CA ILE D 46 0.84 2.44 -10.32
C ILE D 46 2.26 3.03 -10.26
N HIS D 47 2.55 3.95 -11.19
CA HIS D 47 3.89 4.48 -11.36
C HIS D 47 4.11 5.84 -10.77
N GLY D 48 3.05 6.50 -10.31
CA GLY D 48 3.20 7.83 -9.75
C GLY D 48 3.32 8.82 -10.86
N HIS D 49 4.12 9.87 -10.67
CA HIS D 49 4.22 10.91 -11.69
C HIS D 49 5.18 10.51 -12.82
N ILE D 50 4.62 10.51 -14.04
CA ILE D 50 5.25 10.05 -15.26
C ILE D 50 5.47 11.29 -16.11
N GLU D 51 6.66 11.45 -16.68
CA GLU D 51 6.86 12.50 -17.68
C GLU D 51 6.58 11.99 -19.09
N LEU D 52 5.84 12.78 -19.87
CA LEU D 52 5.57 12.46 -21.25
C LEU D 52 6.17 13.49 -22.16
N HIS D 53 7.06 13.05 -23.04
CA HIS D 53 7.68 13.89 -24.07
C HIS D 53 6.58 14.43 -24.99
N PRO D 54 6.69 15.71 -25.44
CA PRO D 54 5.62 16.29 -26.29
C PRO D 54 5.23 15.47 -27.54
N LEU D 55 6.18 14.69 -28.07
CA LEU D 55 5.91 13.78 -29.20
C LEU D 55 4.94 12.67 -28.77
N LEU D 56 5.15 12.10 -27.57
CA LEU D 56 4.24 11.09 -27.07
C LEU D 56 2.86 11.68 -26.81
N VAL D 57 2.83 12.92 -26.32
CA VAL D 57 1.56 13.61 -26.10
C VAL D 57 0.77 13.68 -27.41
N ARG D 58 1.47 14.00 -28.49
CA ARG D 58 0.82 14.10 -29.80
C ARG D 58 0.29 12.76 -30.28
N ILE D 59 1.04 11.70 -30.05
CA ILE D 59 0.58 10.34 -30.41
C ILE D 59 -0.64 9.92 -29.57
N ILE D 60 -0.62 10.24 -28.29
CA ILE D 60 -1.69 9.98 -27.32
C ILE D 60 -2.98 10.74 -27.65
N ASP D 61 -2.86 12.01 -28.04
CA ASP D 61 -4.06 12.82 -28.31
C ASP D 61 -4.66 12.66 -29.72
N THR D 62 -5.04 11.43 -30.03
CA THR D 62 -5.58 11.02 -31.30
C THR D 62 -6.69 10.00 -31.01
N PRO D 63 -7.74 9.94 -31.86
CA PRO D 63 -8.84 8.97 -31.64
C PRO D 63 -8.38 7.50 -31.67
N GLN D 64 -7.23 7.22 -32.29
CA GLN D 64 -6.72 5.86 -32.45
C GLN D 64 -6.18 5.36 -31.13
N PHE D 65 -5.60 6.29 -30.38
CA PHE D 65 -5.05 6.00 -29.09
C PHE D 65 -6.10 6.16 -28.02
N GLN D 66 -6.87 7.25 -28.05
CA GLN D 66 -7.90 7.51 -27.04
C GLN D 66 -8.94 6.41 -27.00
N ARG D 67 -9.11 5.74 -28.12
CA ARG D 67 -9.92 4.55 -28.25
C ARG D 67 -9.70 3.57 -27.11
N LEU D 68 -8.46 3.51 -26.62
CA LEU D 68 -8.08 2.51 -25.66
C LEU D 68 -8.71 2.73 -24.27
N ARG D 69 -9.26 3.93 -24.03
CA ARG D 69 -10.03 4.23 -22.83
C ARG D 69 -11.31 3.43 -22.78
N TYR D 70 -11.71 2.83 -23.89
CA TYR D 70 -13.00 2.17 -23.92
C TYR D 70 -12.85 0.68 -24.16
N ILE D 71 -11.68 0.16 -23.87
CA ILE D 71 -11.45 -1.26 -23.92
C ILE D 71 -10.90 -1.72 -22.57
N LYS D 72 -11.66 -2.54 -21.83
CA LYS D 72 -11.26 -3.03 -20.52
C LYS D 72 -10.08 -3.96 -20.71
N GLN D 73 -9.08 -3.79 -19.85
CA GLN D 73 -7.89 -4.59 -19.84
C GLN D 73 -8.22 -6.07 -19.74
N LEU D 74 -9.15 -6.45 -18.86
CA LEU D 74 -9.40 -7.87 -18.55
C LEU D 74 -10.75 -8.37 -19.02
N GLY D 75 -11.39 -7.61 -19.91
CA GLY D 75 -12.69 -7.95 -20.47
C GLY D 75 -13.66 -8.45 -19.42
N GLY D 76 -14.03 -9.73 -19.54
CA GLY D 76 -14.99 -10.40 -18.65
C GLY D 76 -14.60 -10.48 -17.19
N GLY D 77 -13.32 -10.28 -16.89
CA GLY D 77 -12.81 -10.35 -15.51
C GLY D 77 -13.51 -9.34 -14.59
N TYR D 78 -13.85 -8.18 -15.15
CA TYR D 78 -14.58 -7.15 -14.41
C TYR D 78 -15.90 -7.66 -13.84
N TYR D 79 -16.47 -8.67 -14.50
CA TYR D 79 -17.72 -9.27 -14.06
C TYR D 79 -17.50 -10.27 -12.93
N VAL D 80 -16.23 -10.47 -12.57
CA VAL D 80 -15.87 -11.32 -11.43
C VAL D 80 -15.12 -10.51 -10.39
N PHE D 81 -14.17 -9.71 -10.84
CA PHE D 81 -13.38 -8.87 -9.95
C PHE D 81 -13.85 -7.44 -10.12
N PRO D 82 -14.66 -6.93 -9.20
CA PRO D 82 -15.24 -5.64 -9.43
C PRO D 82 -14.25 -4.49 -9.48
N GLY D 83 -13.01 -4.68 -9.02
CA GLY D 83 -12.01 -3.64 -9.10
C GLY D 83 -11.44 -3.49 -10.50
N ALA D 84 -11.61 -4.52 -11.33
CA ALA D 84 -10.89 -4.64 -12.60
C ALA D 84 -11.61 -3.92 -13.71
N SER D 85 -11.83 -2.64 -13.47
CA SER D 85 -12.51 -1.72 -14.37
C SER D 85 -11.49 -0.97 -15.25
N HIS D 86 -10.21 -1.12 -14.95
CA HIS D 86 -9.16 -0.44 -15.72
C HIS D 86 -9.17 -0.83 -17.22
N ASN D 87 -8.77 0.15 -18.04
CA ASN D 87 -8.75 0.04 -19.48
C ASN D 87 -7.34 -0.03 -20.08
N ARG D 88 -7.26 -0.37 -21.36
CA ARG D 88 -5.96 -0.47 -22.06
C ARG D 88 -5.21 0.86 -22.13
N PHE D 89 -5.95 1.97 -22.13
CA PHE D 89 -5.36 3.29 -22.15
C PHE D 89 -4.27 3.45 -21.10
N GLU D 90 -4.65 3.28 -19.83
CA GLU D 90 -3.73 3.49 -18.72
C GLU D 90 -2.61 2.46 -18.72
N HIS D 91 -2.94 1.24 -19.13
CA HIS D 91 -1.91 0.21 -19.28
C HIS D 91 -0.83 0.64 -20.28
N SER D 92 -1.27 1.13 -21.45
CA SER D 92 -0.40 1.69 -22.49
C SER D 92 0.54 2.80 -21.98
N LEU D 93 0.03 3.78 -21.23
CA LEU D 93 0.92 4.79 -20.65
C LEU D 93 1.98 4.14 -19.78
N GLY D 94 1.61 3.12 -19.02
CA GLY D 94 2.53 2.47 -18.13
C GLY D 94 3.57 1.70 -18.91
N VAL D 95 3.17 1.04 -19.99
CA VAL D 95 4.13 0.29 -20.81
C VAL D 95 5.14 1.23 -21.45
N GLY D 96 4.66 2.38 -21.91
CA GLY D 96 5.49 3.42 -22.49
C GLY D 96 6.48 3.94 -21.46
N TYR D 97 5.99 4.24 -20.28
CA TYR D 97 6.83 4.78 -19.24
C TYR D 97 7.94 3.81 -18.87
N LEU D 98 7.57 2.55 -18.65
CA LEU D 98 8.51 1.51 -18.28
C LEU D 98 9.54 1.21 -19.35
N ALA D 99 9.10 1.23 -20.60
CA ALA D 99 9.99 1.05 -21.73
C ALA D 99 11.08 2.11 -21.65
N GLY D 100 10.67 3.34 -21.40
CA GLY D 100 11.58 4.47 -21.25
C GLY D 100 12.52 4.33 -20.07
N CYS D 101 12.01 3.87 -18.93
CA CYS D 101 12.82 3.59 -17.76
C CYS D 101 13.93 2.60 -18.05
N LEU D 102 13.60 1.49 -18.71
CA LEU D 102 14.60 0.43 -18.92
C LEU D 102 15.71 0.93 -19.84
N VAL D 103 15.34 1.49 -20.99
CA VAL D 103 16.28 1.96 -21.98
C VAL D 103 17.14 3.08 -21.42
N HIS D 104 16.54 3.94 -20.61
CA HIS D 104 17.24 5.07 -20.01
C HIS D 104 18.28 4.62 -18.96
N ALA D 105 17.89 3.66 -18.12
CA ALA D 105 18.78 3.07 -17.15
C ALA D 105 19.94 2.33 -17.78
N LEU D 106 19.68 1.58 -18.86
CA LEU D 106 20.72 0.87 -19.60
C LEU D 106 21.72 1.90 -20.15
N GLY D 107 21.21 2.99 -20.73
CA GLY D 107 21.99 4.07 -21.27
C GLY D 107 22.88 4.73 -20.23
N GLU D 108 22.36 4.96 -19.04
CA GLU D 108 23.15 5.62 -18.00
C GLU D 108 24.25 4.75 -17.43
N LYS D 109 24.00 3.45 -17.26
CA LYS D 109 25.03 2.48 -16.77
C LYS D 109 26.08 2.16 -17.84
N GLN D 110 25.68 2.19 -19.10
CA GLN D 110 26.54 1.78 -20.19
C GLN D 110 26.49 2.77 -21.36
N PRO D 111 27.20 3.93 -21.23
CA PRO D 111 27.22 4.89 -22.36
C PRO D 111 27.87 4.34 -23.62
N GLU D 112 28.69 3.29 -23.48
CA GLU D 112 29.32 2.62 -24.62
C GLU D 112 28.31 1.95 -25.57
N LEU D 113 27.05 1.84 -25.15
CA LEU D 113 25.97 1.31 -25.99
C LEU D 113 25.51 2.30 -27.05
N GLN D 114 25.81 3.57 -26.82
CA GLN D 114 25.47 4.70 -27.71
C GLN D 114 23.96 4.80 -27.94
N ILE D 115 23.21 4.64 -26.86
CA ILE D 115 21.77 4.87 -26.86
C ILE D 115 21.53 6.38 -26.94
N SER D 116 20.86 6.82 -28.02
CA SER D 116 20.52 8.23 -28.23
C SER D 116 19.13 8.59 -27.68
N GLU D 117 18.86 9.88 -27.50
CA GLU D 117 17.52 10.36 -27.16
C GLU D 117 16.46 9.92 -28.19
N ARG D 118 16.92 9.78 -29.43
CA ARG D 118 16.15 9.23 -30.52
C ARG D 118 15.74 7.79 -30.22
N ASP D 119 16.70 6.97 -29.80
CA ASP D 119 16.43 5.56 -29.45
C ASP D 119 15.41 5.44 -28.30
N VAL D 120 15.54 6.29 -27.29
CA VAL D 120 14.65 6.31 -26.14
C VAL D 120 13.20 6.63 -26.59
N LEU D 121 13.06 7.66 -27.41
CA LEU D 121 11.75 8.02 -27.92
C LEU D 121 11.06 6.90 -28.70
N CYS D 122 11.81 6.20 -29.56
CA CYS D 122 11.26 5.12 -30.34
C CYS D 122 10.82 3.94 -29.50
N VAL D 123 11.57 3.67 -28.43
CA VAL D 123 11.21 2.60 -27.51
C VAL D 123 9.95 3.00 -26.68
N GLN D 124 9.91 4.23 -26.21
CA GLN D 124 8.71 4.76 -25.57
C GLN D 124 7.51 4.66 -26.50
N ILE D 125 7.65 5.08 -27.76
CA ILE D 125 6.55 5.04 -28.71
C ILE D 125 6.07 3.59 -28.93
N ALA D 126 7.01 2.67 -29.14
CA ALA D 126 6.64 1.28 -29.30
C ALA D 126 5.88 0.78 -28.05
N GLY D 127 6.35 1.14 -26.86
CA GLY D 127 5.67 0.80 -25.61
C GLY D 127 4.24 1.30 -25.50
N LEU D 128 4.03 2.58 -25.83
CA LEU D 128 2.70 3.20 -25.84
C LEU D 128 1.78 2.47 -26.79
N CYS D 129 2.34 2.11 -27.95
CA CYS D 129 1.54 1.73 -29.07
C CYS D 129 1.37 0.25 -29.26
N ARG D 130 2.04 -0.56 -28.47
CA ARG D 130 1.81 -2.01 -28.66
C ARG D 130 0.46 -2.55 -28.24
N ASN D 131 -0.41 -1.71 -27.68
CA ASN D 131 -1.77 -2.14 -27.33
C ASN D 131 -2.85 -1.58 -28.23
N LEU D 132 -2.44 -0.84 -29.27
CA LEU D 132 -3.37 -0.15 -30.17
C LEU D 132 -4.32 -1.10 -30.86
N GLY D 133 -3.86 -2.32 -31.15
CA GLY D 133 -4.64 -3.29 -31.86
C GLY D 133 -5.67 -4.11 -31.12
N HIS D 134 -5.77 -3.91 -29.82
CA HIS D 134 -6.74 -4.65 -29.05
C HIS D 134 -8.16 -4.33 -29.45
N GLY D 135 -8.98 -5.39 -29.54
CA GLY D 135 -10.39 -5.19 -29.83
C GLY D 135 -11.19 -5.10 -28.57
N PRO D 136 -12.54 -5.10 -28.68
CA PRO D 136 -13.39 -5.03 -27.49
C PRO D 136 -13.11 -6.21 -26.59
N PHE D 137 -13.01 -5.94 -25.29
CA PHE D 137 -12.75 -6.95 -24.27
C PHE D 137 -11.36 -7.61 -24.41
N SER D 138 -10.42 -6.88 -24.98
CA SER D 138 -9.01 -7.29 -25.09
C SER D 138 -8.83 -8.70 -25.61
N HIS D 139 -8.37 -9.61 -24.78
CA HIS D 139 -8.02 -10.95 -25.24
C HIS D 139 -9.19 -11.83 -25.67
N MET D 140 -10.40 -11.50 -25.27
CA MET D 140 -11.53 -12.26 -25.77
C MET D 140 -11.67 -12.08 -27.30
N PHE D 141 -11.48 -10.86 -27.77
CA PHE D 141 -11.59 -10.56 -29.18
C PHE D 141 -10.63 -11.36 -30.05
N ASP D 142 -9.33 -11.36 -29.73
CA ASP D 142 -8.44 -12.09 -30.61
C ASP D 142 -8.33 -13.57 -30.21
N GLY D 143 -8.63 -13.89 -28.95
CA GLY D 143 -8.56 -15.25 -28.47
C GLY D 143 -9.81 -16.12 -28.64
N ARG D 144 -11.00 -15.52 -28.60
CA ARG D 144 -12.23 -16.29 -28.72
C ARG D 144 -13.03 -15.91 -29.95
N PHE D 145 -13.30 -14.63 -30.11
CA PHE D 145 -14.25 -14.16 -31.10
C PHE D 145 -13.80 -14.33 -32.56
N ILE D 146 -12.71 -13.69 -32.94
CA ILE D 146 -12.21 -13.80 -34.32
C ILE D 146 -11.92 -15.26 -34.79
N PRO D 147 -11.29 -16.11 -33.94
CA PRO D 147 -11.16 -17.52 -34.36
C PRO D 147 -12.49 -18.22 -34.69
N LEU D 148 -13.55 -17.97 -33.93
CA LEU D 148 -14.88 -18.50 -34.24
C LEU D 148 -15.54 -17.82 -35.42
N ALA D 149 -15.46 -16.49 -35.48
CA ALA D 149 -16.12 -15.69 -36.51
C ALA D 149 -15.47 -15.75 -37.89
N ARG D 150 -14.14 -15.78 -37.92
CA ARG D 150 -13.37 -15.77 -39.16
C ARG D 150 -12.26 -16.84 -39.08
N PRO D 151 -12.64 -18.14 -39.13
CA PRO D 151 -11.67 -19.23 -38.95
C PRO D 151 -10.50 -19.24 -39.94
N GLU D 152 -10.77 -18.82 -41.16
CA GLU D 152 -9.80 -18.82 -42.25
C GLU D 152 -8.65 -17.82 -42.07
N VAL D 153 -8.90 -16.70 -41.38
CA VAL D 153 -7.86 -15.68 -41.14
C VAL D 153 -7.05 -15.98 -39.86
N LYS D 154 -5.81 -15.51 -39.84
CA LYS D 154 -4.99 -15.60 -38.65
C LYS D 154 -4.69 -14.19 -38.18
N TRP D 155 -5.35 -13.83 -37.09
CA TRP D 155 -5.26 -12.47 -36.57
C TRP D 155 -4.75 -12.45 -35.15
N THR D 156 -3.93 -11.46 -34.85
CA THR D 156 -3.42 -11.22 -33.51
C THR D 156 -3.54 -9.74 -33.26
N HIS D 157 -3.71 -9.36 -32.01
CA HIS D 157 -3.77 -7.95 -31.63
C HIS D 157 -2.46 -7.22 -32.03
N GLU D 158 -1.34 -7.94 -32.09
CA GLU D 158 -0.05 -7.36 -32.47
C GLU D 158 -0.08 -6.85 -33.90
N GLN D 159 -0.64 -7.67 -34.81
CA GLN D 159 -0.80 -7.23 -36.19
C GLN D 159 -1.67 -5.99 -36.23
N GLY D 160 -2.72 -6.01 -35.39
CA GLY D 160 -3.67 -4.90 -35.29
C GLY D 160 -2.99 -3.64 -34.88
N SER D 161 -2.05 -3.76 -33.94
CA SER D 161 -1.31 -2.62 -33.42
C SER D 161 -0.49 -1.95 -34.51
N VAL D 162 0.20 -2.76 -35.32
CA VAL D 162 0.99 -2.26 -36.46
C VAL D 162 0.12 -1.47 -37.42
N MET D 163 -1.00 -2.06 -37.83
CA MET D 163 -1.94 -1.45 -38.76
C MET D 163 -2.50 -0.15 -38.18
N MET D 164 -2.89 -0.21 -36.90
CA MET D 164 -3.49 0.91 -36.20
C MET D 164 -2.48 2.03 -36.01
N PHE D 165 -1.23 1.64 -35.75
CA PHE D 165 -0.15 2.60 -35.61
C PHE D 165 0.05 3.37 -36.91
N GLU D 166 0.12 2.63 -38.02
CA GLU D 166 0.20 3.20 -39.37
C GLU D 166 -0.92 4.21 -39.61
N HIS D 167 -2.14 3.82 -39.31
CA HIS D 167 -3.32 4.68 -39.44
C HIS D 167 -3.23 5.92 -38.55
N LEU D 168 -2.77 5.73 -37.30
CA LEU D 168 -2.55 6.83 -36.34
C LEU D 168 -1.56 7.86 -36.90
N ILE D 169 -0.43 7.35 -37.41
CA ILE D 169 0.64 8.20 -37.97
C ILE D 169 0.09 9.02 -39.14
N ASN D 170 -0.52 8.34 -40.13
CA ASN D 170 -0.97 8.98 -41.36
C ASN D 170 -2.14 9.93 -41.17
N SER D 171 -3.06 9.58 -40.28
CA SER D 171 -4.26 10.39 -40.03
C SER D 171 -4.02 11.62 -39.17
N ASN D 172 -2.84 11.75 -38.57
CA ASN D 172 -2.62 12.83 -37.59
C ASN D 172 -1.38 13.67 -37.86
N GLY D 173 -0.71 13.42 -38.99
CA GLY D 173 0.44 14.22 -39.41
C GLY D 173 1.56 14.14 -38.41
N ILE D 174 1.84 12.90 -38.00
CA ILE D 174 2.80 12.63 -36.95
C ILE D 174 4.23 12.74 -37.48
N LYS D 175 4.44 12.30 -38.72
CA LYS D 175 5.78 12.29 -39.37
C LYS D 175 6.52 13.63 -39.28
N PRO D 176 5.88 14.77 -39.66
CA PRO D 176 6.54 16.08 -39.43
C PRO D 176 6.96 16.30 -37.98
N VAL D 177 6.11 15.89 -37.03
CA VAL D 177 6.37 16.03 -35.59
C VAL D 177 7.50 15.09 -35.12
N MET D 178 7.63 13.91 -35.72
CA MET D 178 8.77 13.04 -35.46
C MET D 178 10.09 13.69 -35.88
N GLU D 179 10.07 14.36 -37.03
CA GLU D 179 11.26 15.02 -37.60
C GLU D 179 11.69 16.17 -36.72
N GLN D 180 10.72 16.97 -36.27
CA GLN D 180 10.91 18.06 -35.32
C GLN D 180 11.71 17.66 -34.07
N TYR D 181 11.48 16.44 -33.57
CA TYR D 181 12.19 15.95 -32.38
C TYR D 181 13.32 14.97 -32.70
N GLY D 182 13.83 15.05 -33.93
CA GLY D 182 15.05 14.34 -34.32
C GLY D 182 14.91 12.89 -34.76
N LEU D 183 13.68 12.43 -34.93
CA LEU D 183 13.46 11.11 -35.49
C LEU D 183 13.54 11.14 -37.02
N ILE D 184 13.91 10.03 -37.62
CA ILE D 184 13.94 9.84 -39.07
C ILE D 184 12.82 8.85 -39.43
N PRO D 185 11.63 9.38 -39.78
CA PRO D 185 10.38 8.61 -39.88
C PRO D 185 10.46 7.26 -40.61
N GLU D 186 11.17 7.22 -41.74
CA GLU D 186 11.24 5.97 -42.51
C GLU D 186 11.86 4.83 -41.69
N GLU D 187 13.10 5.03 -41.22
CA GLU D 187 13.80 4.06 -40.36
C GLU D 187 13.06 3.79 -39.05
N ASP D 188 12.56 4.87 -38.44
CA ASP D 188 12.06 4.83 -37.07
C ASP D 188 10.66 4.23 -36.97
N ILE D 189 9.77 4.56 -37.92
CA ILE D 189 8.44 3.95 -37.96
C ILE D 189 8.60 2.44 -38.10
N CYS D 190 9.56 2.05 -38.93
CA CYS D 190 9.91 0.64 -39.11
C CYS D 190 10.37 0.02 -37.77
N PHE D 191 11.25 0.73 -37.08
CA PHE D 191 11.81 0.29 -35.81
C PHE D 191 10.70 0.05 -34.79
N ILE D 192 9.82 1.03 -34.63
CA ILE D 192 8.65 0.93 -33.77
C ILE D 192 7.79 -0.31 -34.10
N LYS D 193 7.45 -0.50 -35.38
CA LYS D 193 6.61 -1.64 -35.80
C LYS D 193 7.30 -2.97 -35.54
N GLU D 194 8.61 -3.00 -35.70
CA GLU D 194 9.37 -4.22 -35.51
C GLU D 194 9.43 -4.60 -34.04
N GLN D 195 9.41 -3.59 -33.18
CA GLN D 195 9.39 -3.81 -31.74
C GLN D 195 8.07 -4.44 -31.30
N ILE D 196 6.98 -4.06 -31.98
CA ILE D 196 5.64 -4.53 -31.62
C ILE D 196 5.36 -5.94 -32.14
N VAL D 197 5.77 -6.22 -33.38
CA VAL D 197 5.40 -7.50 -34.03
C VAL D 197 6.58 -8.45 -34.38
N GLY D 198 7.80 -7.93 -34.33
CA GLY D 198 8.98 -8.72 -34.71
C GLY D 198 9.37 -8.47 -36.16
N PRO D 199 10.30 -9.29 -36.69
CA PRO D 199 10.81 -9.12 -38.05
C PRO D 199 9.70 -9.11 -39.09
N LEU D 200 9.74 -8.10 -39.96
CA LEU D 200 8.74 -7.93 -41.01
C LEU D 200 8.94 -8.91 -42.19
N GLU D 201 9.97 -9.75 -42.09
CA GLU D 201 10.06 -11.02 -42.81
C GLU D 201 9.53 -12.11 -41.87
N LEU D 208 21.79 -14.54 -40.01
CA LEU D 208 21.59 -13.27 -40.69
C LEU D 208 20.59 -12.35 -39.93
N TRP D 209 20.99 -11.09 -39.71
CA TRP D 209 20.20 -10.07 -38.99
C TRP D 209 18.87 -9.67 -39.66
N PRO D 210 17.73 -10.07 -39.05
CA PRO D 210 16.44 -9.88 -39.74
C PRO D 210 15.76 -8.51 -39.57
N TYR D 211 16.35 -7.59 -38.82
CA TYR D 211 15.70 -6.29 -38.55
C TYR D 211 16.30 -5.16 -39.37
N LYS D 212 15.44 -4.21 -39.75
CA LYS D 212 15.82 -3.12 -40.62
C LYS D 212 15.67 -1.72 -39.98
N GLY D 213 15.04 -1.65 -38.81
CA GLY D 213 14.91 -0.40 -38.07
C GLY D 213 16.19 0.01 -37.35
N ARG D 214 16.93 -0.99 -36.87
CA ARG D 214 18.20 -0.80 -36.21
C ARG D 214 19.15 -1.96 -36.57
N PRO D 215 20.48 -1.69 -36.56
CA PRO D 215 21.48 -2.75 -36.77
C PRO D 215 21.80 -3.59 -35.53
N GLU D 216 22.56 -4.68 -35.73
CA GLU D 216 22.95 -5.66 -34.69
C GLU D 216 23.49 -5.08 -33.40
N ASN D 217 24.18 -3.95 -33.52
CA ASN D 217 24.78 -3.29 -32.37
C ASN D 217 23.73 -2.67 -31.45
N LYS D 218 22.48 -2.59 -31.90
CA LYS D 218 21.36 -2.14 -31.08
C LYS D 218 20.32 -3.25 -30.82
N SER D 219 20.75 -4.52 -30.93
CA SER D 219 19.84 -5.66 -30.84
C SER D 219 18.96 -5.67 -29.59
N PHE D 220 19.57 -5.31 -28.46
CA PHE D 220 18.92 -5.23 -27.14
C PHE D 220 17.70 -4.30 -27.12
N LEU D 221 17.65 -3.30 -28.00
CA LEU D 221 16.47 -2.46 -28.07
C LEU D 221 15.20 -3.21 -28.48
N TYR D 222 15.35 -4.39 -29.10
CA TYR D 222 14.21 -5.24 -29.49
C TYR D 222 13.73 -6.18 -28.38
N GLU D 223 14.44 -6.13 -27.24
CA GLU D 223 14.12 -6.95 -26.10
C GLU D 223 13.39 -6.20 -24.98
N ILE D 224 12.92 -4.99 -25.27
CA ILE D 224 12.28 -4.14 -24.25
C ILE D 224 10.74 -4.25 -24.22
N VAL D 225 10.08 -3.90 -25.31
CA VAL D 225 8.62 -3.79 -25.39
C VAL D 225 7.98 -5.16 -25.58
N SER D 226 8.54 -5.97 -26.45
CA SER D 226 8.04 -7.31 -26.68
C SER D 226 9.22 -8.21 -26.98
N ASN D 227 9.50 -9.09 -26.02
CA ASN D 227 10.67 -9.97 -26.04
C ASN D 227 10.25 -11.34 -26.51
N LYS D 228 10.59 -11.63 -27.76
CA LYS D 228 10.21 -12.90 -28.39
C LYS D 228 11.11 -14.03 -27.88
N ARG D 229 12.33 -13.67 -27.45
CA ARG D 229 13.30 -14.63 -26.97
C ARG D 229 12.87 -15.33 -25.67
N ASN D 230 12.53 -14.58 -24.62
CA ASN D 230 12.25 -15.19 -23.30
C ASN D 230 10.97 -14.70 -22.61
N GLY D 231 10.35 -13.66 -23.15
CA GLY D 231 9.12 -13.16 -22.59
C GLY D 231 9.30 -12.13 -21.49
N ILE D 232 10.54 -11.84 -21.12
CA ILE D 232 10.78 -10.76 -20.17
C ILE D 232 10.76 -9.43 -20.90
N ASP D 233 9.63 -8.73 -20.77
CA ASP D 233 9.47 -7.39 -21.31
C ASP D 233 8.65 -6.51 -20.38
N VAL D 234 8.63 -5.22 -20.69
CA VAL D 234 7.98 -4.21 -19.86
C VAL D 234 6.46 -4.23 -19.91
N ASP D 235 5.89 -4.84 -20.95
CA ASP D 235 4.45 -5.00 -21.07
C ASP D 235 3.93 -5.80 -19.90
N LYS D 236 4.58 -6.93 -19.64
CA LYS D 236 4.24 -7.80 -18.53
C LYS D 236 4.35 -7.04 -17.22
N TRP D 237 5.42 -6.27 -17.05
CA TRP D 237 5.70 -5.60 -15.81
C TRP D 237 4.60 -4.64 -15.47
N ASP D 238 4.14 -3.83 -16.40
CA ASP D 238 3.04 -2.97 -16.08
C ASP D 238 1.76 -3.73 -15.73
N TYR D 239 1.43 -4.81 -16.43
CA TYR D 239 0.14 -5.47 -16.15
C TYR D 239 0.13 -6.26 -14.84
N PHE D 240 1.28 -6.82 -14.44
CA PHE D 240 1.39 -7.46 -13.14
C PHE D 240 1.02 -6.45 -12.10
N ALA D 241 1.67 -5.28 -12.13
CA ALA D 241 1.44 -4.25 -11.15
C ALA D 241 0.01 -3.69 -11.24
N ARG D 242 -0.45 -3.42 -12.45
CA ARG D 242 -1.74 -2.76 -12.64
C ARG D 242 -2.87 -3.69 -12.35
N ASP D 243 -2.84 -4.91 -12.89
CA ASP D 243 -3.93 -5.85 -12.64
C ASP D 243 -4.03 -6.20 -11.19
N CYS D 244 -2.92 -6.42 -10.52
CA CYS D 244 -2.93 -6.68 -9.07
C CYS D 244 -3.56 -5.59 -8.23
N HIS D 245 -3.21 -4.34 -8.53
CA HIS D 245 -3.71 -3.17 -7.86
C HIS D 245 -5.23 -3.05 -8.00
N HIS D 246 -5.75 -3.37 -9.17
CA HIS D 246 -7.19 -3.36 -9.42
C HIS D 246 -7.95 -4.61 -8.96
N LEU D 247 -7.39 -5.78 -9.20
CA LEU D 247 -7.99 -7.06 -8.83
C LEU D 247 -8.07 -7.24 -7.31
N GLY D 248 -7.11 -6.68 -6.56
CA GLY D 248 -7.01 -6.94 -5.12
C GLY D 248 -6.25 -8.20 -4.82
N ILE D 249 -5.27 -8.51 -5.67
CA ILE D 249 -4.30 -9.53 -5.40
C ILE D 249 -2.96 -8.80 -5.23
N GLN D 250 -2.01 -9.46 -4.62
CA GLN D 250 -0.80 -8.75 -4.34
C GLN D 250 0.26 -9.32 -5.26
N ASN D 251 1.07 -8.42 -5.80
CA ASN D 251 2.07 -8.77 -6.81
C ASN D 251 3.41 -8.99 -6.14
N ASN D 252 4.03 -10.14 -6.34
CA ASN D 252 5.35 -10.41 -5.70
C ASN D 252 6.54 -9.99 -6.53
N PHE D 253 6.37 -9.58 -7.79
CA PHE D 253 7.52 -9.21 -8.61
C PHE D 253 7.88 -7.74 -8.51
N ASP D 254 9.18 -7.45 -8.38
CA ASP D 254 9.70 -6.08 -8.27
C ASP D 254 10.48 -5.75 -9.56
N TYR D 255 9.86 -4.97 -10.43
CA TYR D 255 10.50 -4.66 -11.72
C TYR D 255 11.67 -3.68 -11.53
N LYS D 256 11.54 -2.78 -10.57
CA LYS D 256 12.57 -1.78 -10.31
C LYS D 256 13.88 -2.41 -9.94
N ARG D 257 13.80 -3.52 -9.22
CA ARG D 257 14.97 -4.29 -8.84
C ARG D 257 15.57 -4.96 -10.07
N PHE D 258 14.74 -5.49 -10.96
CA PHE D 258 15.26 -6.07 -12.19
C PHE D 258 16.07 -5.04 -13.02
N ILE D 259 15.51 -3.83 -13.16
CA ILE D 259 16.16 -2.78 -13.92
C ILE D 259 17.51 -2.45 -13.31
N LYS D 260 17.59 -2.32 -11.98
CA LYS D 260 18.86 -1.99 -11.32
C LYS D 260 19.94 -3.05 -11.54
N PHE D 261 19.53 -4.28 -11.74
CA PHE D 261 20.45 -5.38 -11.99
C PHE D 261 20.58 -5.76 -13.47
N ALA D 262 20.04 -4.94 -14.36
CA ALA D 262 20.06 -5.29 -15.78
C ALA D 262 21.27 -4.67 -16.45
N ARG D 263 21.94 -5.46 -17.27
CA ARG D 263 23.05 -4.99 -18.11
C ARG D 263 22.93 -5.53 -19.53
N VAL D 264 23.49 -4.82 -20.50
CA VAL D 264 23.68 -5.38 -21.84
C VAL D 264 25.06 -6.04 -21.97
N CYS D 265 25.05 -7.31 -22.41
CA CYS D 265 26.26 -8.10 -22.69
C CYS D 265 26.20 -8.77 -24.05
N GLU D 266 27.37 -9.06 -24.63
CA GLU D 266 27.45 -9.86 -25.86
C GLU D 266 27.17 -11.35 -25.56
N VAL D 267 26.20 -11.90 -26.28
CA VAL D 267 25.91 -13.34 -26.30
C VAL D 267 25.80 -13.71 -27.77
N ASP D 268 26.62 -14.68 -28.20
CA ASP D 268 26.66 -15.16 -29.60
C ASP D 268 26.62 -14.01 -30.62
N ASN D 269 27.52 -13.04 -30.46
CA ASN D 269 27.68 -11.88 -31.38
C ASN D 269 26.45 -10.93 -31.47
N GLU D 270 25.54 -11.08 -30.50
CA GLU D 270 24.43 -10.18 -30.30
C GLU D 270 24.53 -9.50 -28.94
N LEU D 271 24.17 -8.23 -28.90
CA LEU D 271 24.05 -7.51 -27.64
C LEU D 271 22.66 -7.74 -27.04
N ARG D 272 22.61 -8.44 -25.90
CA ARG D 272 21.36 -8.75 -25.17
C ARG D 272 21.31 -8.21 -23.74
N ILE D 273 20.10 -7.88 -23.29
CA ILE D 273 19.81 -7.54 -21.88
C ILE D 273 20.02 -8.76 -21.00
N CYS D 274 20.94 -8.63 -20.05
CA CYS D 274 21.23 -9.71 -19.13
C CYS D 274 20.88 -9.33 -17.72
N ALA D 275 20.57 -10.36 -16.94
CA ALA D 275 20.30 -10.21 -15.52
C ALA D 275 21.49 -10.67 -14.70
N ARG D 276 21.60 -10.12 -13.51
CA ARG D 276 22.59 -10.57 -12.56
C ARG D 276 22.29 -12.00 -12.12
N ASP D 277 23.33 -12.82 -12.02
CA ASP D 277 23.18 -14.25 -11.71
C ASP D 277 22.32 -14.51 -10.46
N LYS D 278 22.56 -13.77 -9.39
CA LYS D 278 21.79 -13.80 -8.11
C LYS D 278 20.29 -13.70 -8.30
N GLU D 279 19.88 -12.95 -9.31
CA GLU D 279 18.50 -12.61 -9.57
C GLU D 279 17.69 -13.74 -10.24
N VAL D 280 18.32 -14.88 -10.47
CA VAL D 280 17.69 -15.96 -11.22
C VAL D 280 16.41 -16.44 -10.53
N GLY D 281 16.47 -16.60 -9.21
CA GLY D 281 15.30 -16.92 -8.38
C GLY D 281 14.13 -15.96 -8.60
N ASN D 282 14.39 -14.66 -8.64
CA ASN D 282 13.36 -13.65 -8.94
C ASN D 282 12.72 -13.78 -10.31
N LEU D 283 13.46 -14.30 -11.28
CA LEU D 283 12.93 -14.50 -12.60
C LEU D 283 12.00 -15.70 -12.60
N TYR D 284 12.38 -16.77 -11.92
CA TYR D 284 11.47 -17.91 -11.80
C TYR D 284 10.22 -17.47 -11.10
N ASP D 285 10.37 -16.65 -10.08
CA ASP D 285 9.24 -16.05 -9.37
C ASP D 285 8.36 -15.17 -10.22
N MET D 286 8.97 -14.44 -11.16
CA MET D 286 8.24 -13.58 -12.10
C MET D 286 7.27 -14.43 -12.95
N PHE D 287 7.69 -15.61 -13.38
CA PHE D 287 6.84 -16.46 -14.19
C PHE D 287 5.81 -17.21 -13.39
N HIS D 288 6.15 -17.52 -12.14
CA HIS D 288 5.21 -18.08 -11.21
C HIS D 288 4.07 -17.08 -10.97
N THR D 289 4.44 -15.80 -10.82
CA THR D 289 3.51 -14.71 -10.67
C THR D 289 2.61 -14.60 -11.90
N ARG D 290 3.20 -14.67 -13.09
CA ARG D 290 2.42 -14.62 -14.31
C ARG D 290 1.39 -15.74 -14.31
N ASN D 291 1.82 -16.93 -13.91
CA ASN D 291 0.97 -18.10 -13.86
C ASN D 291 -0.16 -17.94 -12.85
N SER D 292 0.14 -17.38 -11.68
CA SER D 292 -0.87 -17.07 -10.66
C SER D 292 -1.94 -16.15 -11.16
N LEU D 293 -1.55 -15.13 -11.93
CA LEU D 293 -2.50 -14.15 -12.43
C LEU D 293 -3.45 -14.79 -13.44
N HIS D 294 -2.90 -15.68 -14.26
CA HIS D 294 -3.66 -16.44 -15.22
C HIS D 294 -4.64 -17.38 -14.49
N ARG D 295 -4.15 -18.11 -13.48
CA ARG D 295 -4.96 -19.14 -12.83
C ARG D 295 -6.04 -18.51 -11.96
N ARG D 296 -5.71 -17.44 -11.26
CA ARG D 296 -6.69 -16.77 -10.41
C ARG D 296 -7.60 -15.82 -11.12
N ALA D 297 -7.11 -15.11 -12.11
CA ALA D 297 -7.87 -14.00 -12.68
C ALA D 297 -8.20 -14.17 -14.17
N TYR D 298 -7.20 -14.27 -15.02
CA TYR D 298 -7.43 -14.26 -16.49
C TYR D 298 -8.17 -15.49 -17.04
N GLN D 299 -8.02 -16.61 -16.36
CA GLN D 299 -8.73 -17.84 -16.68
C GLN D 299 -9.68 -18.25 -15.57
N HIS D 300 -10.20 -17.28 -14.82
CA HIS D 300 -11.21 -17.57 -13.83
C HIS D 300 -12.40 -18.26 -14.50
N LYS D 301 -12.90 -19.34 -13.89
CA LYS D 301 -13.90 -20.19 -14.56
C LYS D 301 -15.20 -19.42 -14.89
N VAL D 302 -15.57 -18.46 -14.04
CA VAL D 302 -16.74 -17.64 -14.33
C VAL D 302 -16.39 -16.52 -15.32
N GLY D 303 -15.20 -15.95 -15.19
CA GLY D 303 -14.73 -14.92 -16.11
C GLY D 303 -14.69 -15.44 -17.52
N ASN D 304 -14.22 -16.67 -17.66
CA ASN D 304 -14.13 -17.30 -18.96
C ASN D 304 -15.52 -17.62 -19.52
N ILE D 305 -16.47 -18.03 -18.67
CA ILE D 305 -17.82 -18.28 -19.14
C ILE D 305 -18.50 -17.00 -19.58
N ILE D 306 -18.22 -15.91 -18.88
CA ILE D 306 -18.77 -14.61 -19.27
C ILE D 306 -18.19 -14.18 -20.64
N ASP D 307 -16.89 -14.35 -20.82
CA ASP D 307 -16.22 -14.16 -22.11
C ASP D 307 -16.86 -15.02 -23.20
N THR D 308 -17.16 -16.28 -22.88
CA THR D 308 -17.82 -17.19 -23.82
C THR D 308 -19.21 -16.70 -24.20
N MET D 309 -20.02 -16.32 -23.22
CA MET D 309 -21.33 -15.73 -23.48
C MET D 309 -21.26 -14.44 -24.26
N ILE D 310 -20.29 -13.56 -23.97
CA ILE D 310 -20.20 -12.28 -24.68
C ILE D 310 -19.82 -12.59 -26.13
N THR D 311 -18.86 -13.49 -26.32
CA THR D 311 -18.47 -13.96 -27.65
C THR D 311 -19.65 -14.53 -28.43
N ASP D 312 -20.47 -15.35 -27.77
CA ASP D 312 -21.66 -15.93 -28.39
C ASP D 312 -22.65 -14.85 -28.83
N ALA D 313 -22.87 -13.85 -27.98
CA ALA D 313 -23.70 -12.70 -28.33
C ALA D 313 -23.14 -11.91 -29.52
N PHE D 314 -21.83 -11.74 -29.57
CA PHE D 314 -21.20 -11.03 -30.68
C PHE D 314 -21.40 -11.81 -31.97
N LEU D 315 -21.29 -13.13 -31.91
CA LEU D 315 -21.52 -14.01 -33.06
C LEU D 315 -22.95 -13.91 -33.60
N LYS D 316 -23.91 -13.85 -32.71
CA LYS D 316 -25.30 -13.72 -33.11
C LYS D 316 -25.63 -12.30 -33.51
N ALA D 317 -24.82 -11.32 -33.10
CA ALA D 317 -25.04 -9.92 -33.47
C ALA D 317 -24.30 -9.51 -34.74
N ASP D 318 -23.31 -10.30 -35.14
CA ASP D 318 -22.30 -9.91 -36.12
C ASP D 318 -22.87 -9.48 -37.48
N ASP D 319 -23.94 -10.16 -37.88
CA ASP D 319 -24.64 -9.93 -39.14
C ASP D 319 -25.39 -8.59 -39.20
N TYR D 320 -25.77 -8.05 -38.05
CA TYR D 320 -26.71 -6.92 -38.00
C TYR D 320 -26.11 -5.61 -37.49
N ILE D 321 -24.91 -5.67 -36.92
CA ILE D 321 -24.23 -4.48 -36.47
C ILE D 321 -23.41 -4.01 -37.64
N GLU D 322 -23.46 -2.70 -37.91
CA GLU D 322 -22.64 -2.11 -38.94
C GLU D 322 -21.78 -0.99 -38.40
N ILE D 323 -20.54 -0.99 -38.85
CA ILE D 323 -19.56 0.01 -38.44
C ILE D 323 -19.02 0.68 -39.70
N THR D 324 -19.19 2.00 -39.78
CA THR D 324 -18.72 2.79 -40.89
C THR D 324 -17.19 2.93 -40.86
N GLY D 325 -16.57 2.53 -41.97
CA GLY D 325 -15.13 2.70 -42.17
C GLY D 325 -14.76 3.75 -43.22
N ALA D 326 -13.66 3.48 -43.93
CA ALA D 326 -13.07 4.40 -44.89
C ALA D 326 -13.98 4.54 -46.12
N GLY D 327 -14.20 5.79 -46.53
CA GLY D 327 -15.05 6.16 -47.66
C GLY D 327 -16.52 5.78 -47.51
N GLY D 328 -17.02 5.79 -46.28
CA GLY D 328 -18.41 5.39 -46.00
C GLY D 328 -18.76 3.90 -46.08
N LYS D 329 -17.81 3.04 -46.49
CA LYS D 329 -18.01 1.57 -46.53
C LYS D 329 -18.37 0.98 -45.13
N LYS D 330 -19.20 -0.05 -45.13
CA LYS D 330 -19.72 -0.65 -43.90
C LYS D 330 -19.04 -1.98 -43.56
N TYR D 331 -18.80 -2.20 -42.27
CA TYR D 331 -18.12 -3.40 -41.80
C TYR D 331 -18.92 -4.05 -40.71
N ARG D 332 -18.71 -5.35 -40.55
CA ARG D 332 -19.24 -6.09 -39.43
C ARG D 332 -18.21 -6.04 -38.28
N ILE D 333 -18.65 -6.43 -37.07
CA ILE D 333 -17.74 -6.60 -35.92
C ILE D 333 -16.55 -7.50 -36.36
N SER D 334 -16.84 -8.61 -37.06
CA SER D 334 -15.80 -9.55 -37.47
C SER D 334 -14.90 -9.09 -38.63
N THR D 335 -15.29 -8.01 -39.32
CA THR D 335 -14.48 -7.54 -40.49
C THR D 335 -13.86 -6.17 -40.27
N ALA D 336 -14.22 -5.49 -39.19
CA ALA D 336 -13.62 -4.18 -38.87
C ALA D 336 -12.09 -4.26 -38.73
N ILE D 337 -11.57 -5.46 -38.46
CA ILE D 337 -10.12 -5.72 -38.44
C ILE D 337 -9.44 -5.53 -39.80
N ASP D 338 -10.23 -5.44 -40.87
CA ASP D 338 -9.67 -5.21 -42.22
C ASP D 338 -9.55 -3.73 -42.59
N ASP D 339 -10.25 -2.88 -41.85
CA ASP D 339 -10.19 -1.44 -42.05
C ASP D 339 -10.05 -0.68 -40.73
N MET D 340 -8.94 0.05 -40.61
CA MET D 340 -8.57 0.70 -39.37
C MET D 340 -9.50 1.82 -38.95
N GLU D 341 -10.09 2.50 -39.94
CA GLU D 341 -11.09 3.53 -39.65
C GLU D 341 -12.33 2.97 -38.93
N ALA D 342 -12.73 1.75 -39.30
CA ALA D 342 -13.84 1.08 -38.64
C ALA D 342 -13.40 0.57 -37.28
N TYR D 343 -12.25 -0.10 -37.26
CA TYR D 343 -11.68 -0.60 -36.04
C TYR D 343 -11.55 0.46 -34.94
N THR D 344 -11.20 1.69 -35.31
CA THR D 344 -11.19 2.84 -34.37
C THR D 344 -12.48 2.93 -33.53
N LYS D 345 -13.59 2.68 -34.18
CA LYS D 345 -14.92 2.82 -33.54
C LYS D 345 -15.45 1.50 -32.97
N LEU D 346 -14.55 0.53 -32.85
CA LEU D 346 -14.89 -0.78 -32.33
C LEU D 346 -14.28 -1.03 -30.93
N THR D 347 -15.11 -0.85 -29.92
CA THR D 347 -14.70 -0.88 -28.52
C THR D 347 -15.74 -1.64 -27.69
N ASP D 348 -15.59 -1.65 -26.35
CA ASP D 348 -16.59 -2.27 -25.44
C ASP D 348 -18.01 -1.70 -25.60
N ASN D 349 -18.14 -0.56 -26.26
CA ASN D 349 -19.43 0.03 -26.54
C ASN D 349 -20.35 -0.89 -27.36
N ILE D 350 -19.75 -1.79 -28.13
CA ILE D 350 -20.47 -2.85 -28.85
C ILE D 350 -21.40 -3.67 -27.95
N PHE D 351 -20.91 -4.00 -26.75
CA PHE D 351 -21.68 -4.72 -25.73
C PHE D 351 -22.96 -3.95 -25.40
N LEU D 352 -22.84 -2.65 -25.13
CA LEU D 352 -23.97 -1.85 -24.74
C LEU D 352 -24.87 -1.51 -25.93
N GLU D 353 -24.29 -1.42 -27.14
CA GLU D 353 -25.05 -1.22 -28.36
C GLU D 353 -26.05 -2.38 -28.50
N ILE D 354 -25.54 -3.61 -28.36
CA ILE D 354 -26.37 -4.81 -28.40
C ILE D 354 -27.37 -4.84 -27.25
N LEU D 355 -26.90 -4.54 -26.05
CA LEU D 355 -27.76 -4.65 -24.89
C LEU D 355 -28.94 -3.69 -24.92
N TYR D 356 -28.72 -2.49 -25.46
CA TYR D 356 -29.73 -1.44 -25.48
C TYR D 356 -30.58 -1.41 -26.75
N SER D 357 -30.25 -2.26 -27.71
CA SER D 357 -30.92 -2.29 -29.00
C SER D 357 -32.40 -2.67 -28.91
N THR D 358 -33.18 -2.19 -29.87
CA THR D 358 -34.58 -2.59 -30.03
C THR D 358 -34.82 -3.44 -31.26
N ASP D 359 -33.92 -3.34 -32.24
CA ASP D 359 -33.94 -4.15 -33.47
C ASP D 359 -34.22 -5.64 -33.16
N PRO D 360 -35.35 -6.18 -33.65
CA PRO D 360 -35.70 -7.60 -33.41
C PRO D 360 -34.67 -8.60 -33.97
N LYS D 361 -33.86 -8.18 -34.94
CA LYS D 361 -32.81 -9.06 -35.47
C LYS D 361 -31.70 -9.29 -34.46
N LEU D 362 -31.58 -8.36 -33.52
CA LEU D 362 -30.59 -8.42 -32.42
C LEU D 362 -31.15 -9.07 -31.16
N LYS D 363 -32.39 -9.55 -31.21
CA LYS D 363 -33.02 -10.17 -30.06
C LYS D 363 -32.22 -11.34 -29.49
N ASP D 364 -31.64 -12.19 -30.35
CA ASP D 364 -30.89 -13.35 -29.88
C ASP D 364 -29.64 -12.96 -29.14
N ALA D 365 -28.92 -12.01 -29.72
CA ALA D 365 -27.70 -11.44 -29.12
C ALA D 365 -28.03 -10.72 -27.81
N ARG D 366 -29.05 -9.85 -27.85
CA ARG D 366 -29.54 -9.11 -26.69
C ARG D 366 -29.98 -10.00 -25.54
N GLU D 367 -30.60 -11.14 -25.84
CA GLU D 367 -31.08 -12.08 -24.80
C GLU D 367 -29.94 -12.71 -24.02
N ILE D 368 -28.88 -13.07 -24.72
CA ILE D 368 -27.69 -13.62 -24.08
C ILE D 368 -27.11 -12.59 -23.10
N LEU D 369 -26.96 -11.35 -23.53
CA LEU D 369 -26.43 -10.29 -22.66
C LEU D 369 -27.32 -9.95 -21.47
N LYS D 370 -28.63 -10.09 -21.65
CA LYS D 370 -29.56 -9.89 -20.55
C LYS D 370 -29.41 -11.02 -19.53
N GLN D 371 -29.04 -12.20 -20.00
CA GLN D 371 -28.82 -13.34 -19.11
C GLN D 371 -27.57 -13.12 -18.26
N ILE D 372 -26.58 -12.44 -18.84
CA ILE D 372 -25.43 -11.97 -18.07
C ILE D 372 -25.89 -11.01 -16.94
N GLU D 373 -26.67 -9.99 -17.24
CA GLU D 373 -27.16 -9.06 -16.20
C GLU D 373 -27.92 -9.74 -15.07
N TYR D 374 -28.74 -10.74 -15.39
CA TYR D 374 -29.52 -11.50 -14.38
C TYR D 374 -28.68 -12.56 -13.68
N ARG D 375 -27.48 -12.79 -14.22
CA ARG D 375 -26.52 -13.77 -13.69
C ARG D 375 -27.01 -15.19 -13.90
N ASN D 376 -27.77 -15.37 -14.97
CA ASN D 376 -28.18 -16.67 -15.40
C ASN D 376 -27.06 -17.10 -16.32
N LEU D 377 -25.99 -17.58 -15.73
CA LEU D 377 -24.82 -17.96 -16.51
C LEU D 377 -24.82 -19.44 -16.78
N PHE D 378 -24.10 -19.87 -17.82
CA PHE D 378 -23.87 -21.26 -18.04
C PHE D 378 -23.18 -21.81 -16.80
N LYS D 379 -23.61 -23.00 -16.38
CA LYS D 379 -23.19 -23.53 -15.11
C LYS D 379 -21.90 -24.29 -15.23
N TYR D 380 -20.97 -24.02 -14.31
CA TYR D 380 -19.72 -24.77 -14.21
C TYR D 380 -20.04 -26.19 -13.76
N VAL D 381 -19.57 -27.15 -14.55
CA VAL D 381 -19.81 -28.58 -14.27
C VAL D 381 -18.65 -29.18 -13.51
N GLY D 382 -17.44 -28.90 -14.00
CA GLY D 382 -16.21 -29.35 -13.36
C GLY D 382 -15.00 -29.11 -14.23
N GLU D 383 -13.87 -29.57 -13.72
CA GLU D 383 -12.58 -29.32 -14.33
C GLU D 383 -11.76 -30.59 -14.25
N THR D 384 -10.95 -30.81 -15.28
CA THR D 384 -10.06 -31.98 -15.32
C THR D 384 -8.78 -31.63 -16.09
N GLN D 385 -7.83 -32.57 -16.09
CA GLN D 385 -6.59 -32.44 -16.86
C GLN D 385 -6.26 -33.76 -17.56
N PRO D 386 -5.54 -33.68 -18.71
CA PRO D 386 -4.98 -34.94 -19.27
C PRO D 386 -3.86 -35.52 -18.33
N THR D 387 -3.64 -36.83 -18.39
CA THR D 387 -2.62 -37.49 -17.56
C THR D 387 -1.38 -37.89 -18.39
N GLY D 388 -0.22 -37.88 -17.73
CA GLY D 388 1.07 -38.14 -18.38
C GLY D 388 1.41 -37.13 -19.46
N GLN D 389 1.72 -37.64 -20.65
CA GLN D 389 2.05 -36.84 -21.83
C GLN D 389 0.89 -36.60 -22.83
N ILE D 390 -0.32 -37.05 -22.48
CA ILE D 390 -1.51 -36.84 -23.32
C ILE D 390 -1.74 -35.32 -23.55
N LYS D 391 -1.88 -34.92 -24.82
CA LYS D 391 -2.07 -33.53 -25.18
C LYS D 391 -3.20 -33.37 -26.18
N ILE D 392 -4.15 -32.50 -25.84
CA ILE D 392 -5.31 -32.28 -26.70
C ILE D 392 -5.02 -31.21 -27.76
N LYS D 393 -5.10 -31.62 -29.03
CA LYS D 393 -4.76 -30.76 -30.16
C LYS D 393 -5.89 -29.79 -30.44
N ARG D 394 -5.54 -28.61 -30.97
CA ARG D 394 -6.50 -27.56 -31.31
C ARG D 394 -7.64 -28.04 -32.25
N GLU D 395 -7.31 -28.94 -33.19
CA GLU D 395 -8.30 -29.50 -34.12
C GLU D 395 -9.42 -30.35 -33.47
N ASP D 396 -9.17 -30.85 -32.26
CA ASP D 396 -10.12 -31.72 -31.55
C ASP D 396 -11.12 -30.99 -30.63
N TYR D 397 -10.96 -29.67 -30.48
CA TYR D 397 -11.77 -28.88 -29.55
C TYR D 397 -13.25 -28.98 -29.83
N GLU D 398 -13.62 -28.86 -31.11
CA GLU D 398 -15.02 -28.95 -31.58
C GLU D 398 -15.70 -30.29 -31.27
N SER D 399 -14.93 -31.38 -31.31
CA SER D 399 -15.48 -32.72 -31.07
C SER D 399 -15.72 -33.09 -29.58
N LEU D 400 -15.23 -32.27 -28.65
CA LEU D 400 -15.33 -32.56 -27.21
C LEU D 400 -16.74 -32.47 -26.56
N PRO D 401 -17.55 -31.44 -26.91
CA PRO D 401 -18.91 -31.49 -26.34
C PRO D 401 -19.69 -32.76 -26.72
N LYS D 402 -19.52 -33.24 -27.97
CA LYS D 402 -20.10 -34.52 -28.45
C LYS D 402 -19.65 -35.71 -27.62
N GLU D 403 -18.36 -35.77 -27.30
CA GLU D 403 -17.79 -36.84 -26.48
C GLU D 403 -18.42 -36.92 -25.10
N VAL D 404 -18.65 -35.77 -24.47
CA VAL D 404 -19.22 -35.70 -23.12
C VAL D 404 -20.65 -36.21 -23.11
N ALA D 405 -21.43 -35.77 -24.11
CA ALA D 405 -22.82 -36.16 -24.30
C ALA D 405 -23.01 -37.65 -24.66
N SER D 406 -22.00 -38.23 -25.31
CA SER D 406 -21.96 -39.64 -25.71
C SER D 406 -21.57 -40.60 -24.59
N ALA D 407 -21.03 -40.08 -23.49
CA ALA D 407 -20.70 -40.90 -22.32
C ALA D 407 -21.97 -41.53 -21.74
N LYS D 408 -21.81 -42.71 -21.14
CA LYS D 408 -22.98 -43.50 -20.68
C LYS D 408 -22.88 -43.75 -19.18
N PRO D 409 -23.23 -42.70 -18.36
CA PRO D 409 -23.10 -42.88 -16.92
C PRO D 409 -24.20 -43.85 -16.38
N LYS D 410 -23.83 -44.73 -15.50
CA LYS D 410 -24.81 -45.60 -14.82
C LYS D 410 -25.55 -44.86 -13.67
N VAL D 411 -26.31 -43.82 -14.00
CA VAL D 411 -27.24 -43.22 -13.02
C VAL D 411 -28.61 -43.01 -13.68
N LEU D 412 -29.65 -43.07 -12.85
CA LEU D 412 -31.02 -42.78 -13.31
C LEU D 412 -31.16 -41.29 -13.58
N LEU D 413 -31.42 -40.94 -14.85
CA LEU D 413 -31.45 -39.54 -15.26
C LEU D 413 -32.80 -39.16 -15.85
N ASP D 414 -33.47 -38.20 -15.20
CA ASP D 414 -34.76 -37.69 -15.69
C ASP D 414 -34.59 -36.94 -17.01
N VAL D 415 -33.48 -36.19 -17.14
CA VAL D 415 -33.17 -35.50 -18.40
C VAL D 415 -31.96 -36.07 -19.15
N LYS D 416 -32.06 -35.98 -20.47
CA LYS D 416 -31.05 -36.46 -21.39
C LYS D 416 -30.47 -35.25 -22.12
N LEU D 417 -29.14 -35.14 -22.10
CA LEU D 417 -28.45 -33.96 -22.62
C LEU D 417 -27.71 -34.25 -23.93
N LYS D 418 -27.64 -33.23 -24.78
CA LYS D 418 -27.03 -33.34 -26.13
C LYS D 418 -25.75 -32.50 -26.22
N ALA D 419 -24.96 -32.72 -27.28
CA ALA D 419 -23.69 -32.03 -27.48
C ALA D 419 -23.73 -30.50 -27.28
N GLU D 420 -24.73 -29.85 -27.88
CA GLU D 420 -24.90 -28.40 -27.83
C GLU D 420 -25.19 -27.84 -26.42
N ASP D 421 -25.61 -28.71 -25.49
CA ASP D 421 -25.80 -28.34 -24.08
C ASP D 421 -24.49 -28.17 -23.27
N PHE D 422 -23.39 -28.71 -23.80
CA PHE D 422 -22.10 -28.66 -23.15
C PHE D 422 -21.14 -27.70 -23.83
N ILE D 423 -20.39 -26.95 -23.00
CA ILE D 423 -19.19 -26.23 -23.46
C ILE D 423 -17.97 -26.87 -22.80
N VAL D 424 -16.97 -27.12 -23.64
CA VAL D 424 -15.69 -27.62 -23.22
C VAL D 424 -14.63 -26.58 -23.59
N ASP D 425 -13.99 -26.04 -22.56
CA ASP D 425 -13.04 -24.93 -22.68
C ASP D 425 -11.69 -25.54 -22.36
N VAL D 426 -10.81 -25.56 -23.36
CA VAL D 426 -9.46 -26.11 -23.15
C VAL D 426 -8.52 -24.92 -22.99
N ILE D 427 -7.77 -24.93 -21.88
CA ILE D 427 -6.93 -23.83 -21.49
C ILE D 427 -5.49 -24.30 -21.44
N ASN D 428 -4.64 -23.61 -22.22
CA ASN D 428 -3.21 -23.89 -22.18
C ASN D 428 -2.54 -22.99 -21.16
N MET D 429 -2.04 -23.60 -20.08
CA MET D 429 -1.33 -22.91 -19.03
C MET D 429 0.16 -23.20 -19.18
N ASP D 430 0.93 -22.15 -19.46
CA ASP D 430 2.35 -22.28 -19.66
C ASP D 430 3.12 -21.07 -19.16
N TYR D 431 4.45 -21.17 -19.16
CA TYR D 431 5.34 -20.09 -18.80
C TYR D 431 5.69 -19.11 -19.95
N GLY D 432 4.89 -19.15 -21.02
CA GLY D 432 5.01 -18.16 -22.10
C GLY D 432 5.73 -18.64 -23.35
N MET D 433 6.28 -19.84 -23.30
CA MET D 433 7.10 -20.36 -24.38
C MET D 433 6.82 -21.84 -24.61
N GLN D 434 5.54 -22.15 -24.69
CA GLN D 434 5.06 -23.52 -24.94
C GLN D 434 5.63 -24.41 -23.82
N GLU D 435 6.22 -25.55 -24.18
CA GLU D 435 6.80 -26.49 -23.21
C GLU D 435 8.17 -26.07 -22.65
N LYS D 436 8.78 -25.05 -23.26
CA LYS D 436 10.15 -24.63 -22.90
C LYS D 436 10.20 -23.83 -21.60
N ASN D 437 11.34 -23.90 -20.91
CA ASN D 437 11.64 -23.11 -19.71
C ASN D 437 12.23 -21.77 -20.16
N PRO D 438 11.52 -20.64 -19.94
CA PRO D 438 12.02 -19.34 -20.44
C PRO D 438 13.35 -18.91 -19.83
N ILE D 439 13.68 -19.46 -18.67
CA ILE D 439 14.91 -19.10 -17.97
C ILE D 439 16.14 -19.66 -18.69
N ASP D 440 15.96 -20.74 -19.45
CA ASP D 440 17.02 -21.26 -20.33
C ASP D 440 17.36 -20.31 -21.48
N HIS D 441 16.55 -19.28 -21.67
CA HIS D 441 16.74 -18.30 -22.76
C HIS D 441 17.06 -16.93 -22.19
N VAL D 442 17.51 -16.93 -20.95
CA VAL D 442 17.96 -15.72 -20.29
C VAL D 442 19.46 -15.84 -20.10
N SER D 443 20.14 -14.74 -20.41
CA SER D 443 21.56 -14.65 -20.14
C SER D 443 21.80 -13.85 -18.86
N PHE D 444 22.86 -14.25 -18.15
CA PHE D 444 23.23 -13.72 -16.85
C PHE D 444 24.66 -13.21 -16.81
N TYR D 445 24.99 -12.46 -15.76
CA TYR D 445 26.35 -12.01 -15.53
C TYR D 445 26.64 -12.05 -14.04
N CYS D 446 27.94 -12.10 -13.71
CA CYS D 446 28.41 -12.14 -12.30
C CYS D 446 29.01 -10.82 -11.91
N LYS D 447 29.00 -10.59 -10.59
CA LYS D 447 29.57 -9.40 -9.96
C LYS D 447 31.01 -9.17 -10.41
N THR D 448 31.76 -10.27 -10.47
CA THR D 448 33.20 -10.27 -10.76
C THR D 448 33.56 -10.05 -12.23
N ALA D 449 32.62 -10.34 -13.15
CA ALA D 449 32.81 -10.11 -14.61
C ALA D 449 31.50 -9.64 -15.29
N PRO D 450 31.20 -8.33 -15.17
CA PRO D 450 29.92 -7.75 -15.55
C PRO D 450 29.67 -7.76 -17.07
N ASN D 451 30.74 -7.89 -17.86
CA ASN D 451 30.58 -7.92 -19.31
C ASN D 451 30.57 -9.33 -19.89
N ARG D 452 30.73 -10.32 -19.03
CA ARG D 452 30.75 -11.72 -19.46
C ARG D 452 29.41 -12.42 -19.19
N ALA D 453 28.68 -12.70 -20.27
CA ALA D 453 27.39 -13.38 -20.18
C ALA D 453 27.59 -14.86 -19.90
N ILE D 454 26.67 -15.46 -19.14
CA ILE D 454 26.67 -16.90 -18.80
C ILE D 454 25.26 -17.45 -18.81
N ARG D 455 25.14 -18.77 -18.71
CA ARG D 455 23.85 -19.46 -18.69
C ARG D 455 23.66 -20.14 -17.35
N ILE D 456 22.41 -20.33 -16.95
CA ILE D 456 22.09 -21.00 -15.70
C ILE D 456 21.00 -22.03 -15.98
N THR D 457 21.27 -23.28 -15.64
CA THR D 457 20.37 -24.42 -15.86
C THR D 457 19.48 -24.59 -14.62
N LYS D 458 18.38 -25.33 -14.73
CA LYS D 458 17.37 -25.38 -13.66
C LYS D 458 17.85 -26.03 -12.34
N ASN D 459 18.62 -27.12 -12.49
CA ASN D 459 19.27 -27.80 -11.37
C ASN D 459 20.29 -26.93 -10.62
N GLN D 460 20.87 -25.94 -11.31
CA GLN D 460 21.74 -24.94 -10.70
C GLN D 460 21.00 -23.94 -9.79
N VAL D 461 19.66 -23.92 -9.83
CA VAL D 461 18.90 -22.95 -9.03
C VAL D 461 18.19 -23.56 -7.81
N SER D 462 17.34 -24.55 -8.04
CA SER D 462 16.50 -25.08 -6.97
C SER D 462 15.80 -26.38 -7.38
N GLN D 463 15.69 -27.31 -6.45
CA GLN D 463 14.93 -28.53 -6.66
C GLN D 463 13.43 -28.30 -6.46
N LEU D 464 13.06 -27.13 -5.90
CA LEU D 464 11.67 -26.78 -5.60
C LEU D 464 10.93 -26.11 -6.75
N LEU D 465 11.57 -26.06 -7.92
CA LEU D 465 10.99 -25.43 -9.08
C LEU D 465 10.10 -26.40 -9.85
N PRO D 466 9.25 -25.91 -10.79
CA PRO D 466 8.38 -26.85 -11.52
C PRO D 466 9.17 -27.76 -12.47
N GLU D 467 8.72 -29.01 -12.62
CA GLU D 467 9.31 -29.95 -13.56
C GLU D 467 8.87 -29.70 -14.99
N LYS D 468 7.60 -29.32 -15.15
CA LYS D 468 7.02 -29.06 -16.47
C LYS D 468 6.62 -27.58 -16.54
N PHE D 469 6.59 -27.05 -17.75
CA PHE D 469 6.33 -25.63 -17.97
C PHE D 469 5.15 -25.36 -18.87
N ALA D 470 4.37 -26.42 -19.16
CA ALA D 470 3.09 -26.31 -19.86
C ALA D 470 2.15 -27.43 -19.40
N GLU D 471 0.87 -27.10 -19.30
CA GLU D 471 -0.17 -28.05 -18.95
C GLU D 471 -1.48 -27.63 -19.59
N GLN D 472 -2.49 -28.49 -19.52
CA GLN D 472 -3.83 -28.17 -20.01
C GLN D 472 -4.90 -28.35 -18.95
N LEU D 473 -5.82 -27.39 -18.90
CA LEU D 473 -7.02 -27.53 -18.08
C LEU D 473 -8.19 -27.64 -19.00
N ILE D 474 -9.11 -28.52 -18.61
CA ILE D 474 -10.36 -28.72 -19.33
C ILE D 474 -11.48 -28.37 -18.37
N ARG D 475 -12.19 -27.30 -18.69
CA ARG D 475 -13.41 -26.96 -17.98
C ARG D 475 -14.61 -27.43 -18.81
N VAL D 476 -15.62 -27.94 -18.11
CA VAL D 476 -16.89 -28.25 -18.72
C VAL D 476 -17.96 -27.39 -18.08
N TYR D 477 -18.84 -26.84 -18.92
CA TYR D 477 -20.00 -26.08 -18.47
C TYR D 477 -21.26 -26.61 -19.14
N CYS D 478 -22.41 -26.33 -18.56
CA CYS D 478 -23.67 -26.73 -19.11
C CYS D 478 -24.52 -25.51 -19.40
N LYS D 479 -25.02 -25.42 -20.64
CA LYS D 479 -25.96 -24.37 -21.04
C LYS D 479 -27.34 -24.51 -20.39
N LYS D 480 -27.72 -25.71 -19.96
CA LYS D 480 -28.96 -25.91 -19.21
C LYS D 480 -28.73 -25.66 -17.71
N VAL D 481 -29.50 -24.74 -17.15
CA VAL D 481 -29.19 -24.12 -15.86
C VAL D 481 -30.01 -24.60 -14.66
N ASP D 482 -31.07 -25.36 -14.90
CA ASP D 482 -31.90 -25.94 -13.81
C ASP D 482 -31.13 -27.01 -13.05
N ARG D 483 -31.61 -27.30 -11.83
CA ARG D 483 -30.93 -28.18 -10.90
C ARG D 483 -30.77 -29.63 -11.45
N LYS D 484 -31.78 -30.11 -12.14
CA LYS D 484 -31.82 -31.47 -12.70
C LYS D 484 -30.87 -31.70 -13.87
N SER D 485 -30.81 -30.73 -14.78
CA SER D 485 -29.87 -30.73 -15.89
C SER D 485 -28.42 -30.66 -15.40
N LEU D 486 -28.17 -29.82 -14.39
CA LEU D 486 -26.83 -29.66 -13.84
C LEU D 486 -26.35 -30.97 -13.18
N TYR D 487 -27.24 -31.60 -12.43
CA TYR D 487 -26.97 -32.92 -11.86
C TYR D 487 -26.61 -33.95 -12.96
N ALA D 488 -27.42 -34.02 -14.00
CA ALA D 488 -27.18 -34.90 -15.14
C ALA D 488 -25.83 -34.64 -15.82
N ALA D 489 -25.59 -33.35 -16.11
CA ALA D 489 -24.33 -32.87 -16.70
C ALA D 489 -23.08 -33.32 -15.93
N ARG D 490 -23.16 -33.28 -14.60
CA ARG D 490 -22.08 -33.72 -13.75
C ARG D 490 -21.79 -35.19 -13.90
N GLN D 491 -22.85 -36.00 -14.08
CA GLN D 491 -22.72 -37.45 -14.29
C GLN D 491 -22.04 -37.76 -15.60
N TYR D 492 -22.51 -37.15 -16.69
CA TYR D 492 -21.86 -37.26 -18.00
C TYR D 492 -20.38 -36.86 -17.93
N PHE D 493 -20.11 -35.71 -17.29
CA PHE D 493 -18.76 -35.19 -17.19
C PHE D 493 -17.78 -36.13 -16.49
N VAL D 494 -18.13 -36.57 -15.28
CA VAL D 494 -17.27 -37.46 -14.48
C VAL D 494 -17.07 -38.82 -15.20
N GLN D 495 -18.11 -39.29 -15.90
CA GLN D 495 -18.01 -40.48 -16.73
C GLN D 495 -17.01 -40.29 -17.85
N TRP D 496 -17.10 -39.15 -18.53
CA TRP D 496 -16.21 -38.81 -19.63
C TRP D 496 -14.74 -38.76 -19.16
N CYS D 497 -14.52 -38.24 -17.96
CA CYS D 497 -13.20 -38.22 -17.33
C CYS D 497 -12.66 -39.62 -17.16
N ALA D 498 -13.48 -40.49 -16.56
CA ALA D 498 -13.12 -41.91 -16.38
C ALA D 498 -12.76 -42.55 -17.72
N ASP D 499 -13.63 -42.36 -18.72
CA ASP D 499 -13.51 -42.92 -20.07
C ASP D 499 -12.25 -42.47 -20.84
N ARG D 500 -11.87 -41.20 -20.67
CA ARG D 500 -10.69 -40.64 -21.34
C ARG D 500 -9.40 -40.80 -20.53
N ASN D 501 -9.53 -41.36 -19.32
CA ASN D 501 -8.44 -41.54 -18.35
C ASN D 501 -7.80 -40.20 -17.89
N PHE D 502 -8.65 -39.18 -17.77
CA PHE D 502 -8.26 -37.86 -17.25
C PHE D 502 -8.24 -37.87 -15.74
N THR D 503 -7.79 -36.78 -15.12
CA THR D 503 -7.68 -36.71 -13.67
C THR D 503 -9.07 -36.74 -13.03
N LYS D 504 -9.15 -37.30 -11.83
CA LYS D 504 -10.37 -37.22 -11.06
C LYS D 504 -10.66 -35.76 -10.75
N PRO D 505 -11.84 -35.26 -11.16
CA PRO D 505 -12.26 -33.92 -10.73
C PRO D 505 -12.18 -33.80 -9.20
N GLN D 506 -11.71 -32.67 -8.70
CA GLN D 506 -11.49 -32.52 -7.23
C GLN D 506 -12.74 -32.82 -6.39
N ASP D 507 -13.91 -32.40 -6.89
CA ASP D 507 -15.20 -32.58 -6.23
C ASP D 507 -15.93 -33.85 -6.67
N GLY D 508 -15.21 -34.73 -7.37
CA GLY D 508 -15.75 -35.93 -8.01
C GLY D 508 -16.62 -36.81 -7.16
N ASP D 509 -16.16 -37.09 -5.94
CA ASP D 509 -16.89 -37.92 -4.97
C ASP D 509 -18.17 -37.28 -4.44
N VAL D 510 -18.23 -35.95 -4.49
CA VAL D 510 -19.38 -35.19 -4.03
C VAL D 510 -20.42 -35.03 -5.17
N ILE D 511 -19.95 -34.63 -6.35
CA ILE D 511 -20.85 -34.34 -7.48
C ILE D 511 -21.36 -35.59 -8.21
N ALA D 512 -20.57 -36.67 -8.17
CA ALA D 512 -20.94 -37.94 -8.82
C ALA D 512 -20.53 -39.19 -8.02
N PRO D 513 -21.11 -39.36 -6.79
CA PRO D 513 -20.69 -40.47 -5.91
C PRO D 513 -20.91 -41.87 -6.49
N LEU D 514 -21.83 -41.99 -7.45
CA LEU D 514 -22.15 -43.27 -8.10
C LEU D 514 -21.24 -43.60 -9.29
N ILE D 515 -20.48 -42.60 -9.74
CA ILE D 515 -19.62 -42.75 -10.93
C ILE D 515 -18.15 -42.96 -10.56
N THR D 516 -17.65 -42.26 -9.56
CA THR D 516 -16.23 -42.32 -9.19
C THR D 516 -15.68 -43.69 -8.71
N PRO D 517 -16.52 -44.53 -8.05
CA PRO D 517 -16.02 -45.87 -7.64
C PRO D 517 -15.66 -46.85 -8.78
N GLN D 518 -16.22 -46.67 -9.99
CA GLN D 518 -15.87 -47.53 -11.12
C GLN D 518 -14.37 -47.45 -11.52
N LYS D 519 -13.75 -46.29 -11.28
CA LYS D 519 -12.36 -46.06 -11.64
C LYS D 519 -11.43 -46.40 -10.49
N LYS D 520 -10.72 -47.53 -10.63
CA LYS D 520 -9.78 -48.01 -9.60
C LYS D 520 -8.61 -47.07 -9.31
N GLU D 521 -8.08 -46.41 -10.36
CA GLU D 521 -6.97 -45.46 -10.25
C GLU D 521 -7.31 -44.30 -9.30
N TRP D 522 -8.61 -44.01 -9.19
CA TRP D 522 -9.07 -42.94 -8.30
C TRP D 522 -9.37 -43.40 -6.85
N ASN D 523 -9.18 -44.71 -6.59
CA ASN D 523 -9.52 -45.34 -5.29
C ASN D 523 -8.42 -46.22 -4.71
#